data_1G7N
# 
_entry.id   1G7N 
# 
_audit_conform.dict_name       mmcif_pdbx.dic 
_audit_conform.dict_version    5.376 
_audit_conform.dict_location   http://mmcif.pdb.org/dictionaries/ascii/mmcif_pdbx.dic 
# 
loop_
_database_2.database_id 
_database_2.database_code 
_database_2.pdbx_database_accession 
_database_2.pdbx_DOI 
PDB   1G7N         pdb_00001g7n 10.2210/pdb1g7n/pdb 
RCSB  RCSB012335   ?            ?                   
WWPDB D_1000012335 ?            ?                   
# 
_pdbx_database_related.db_name        PDB 
_pdbx_database_related.db_id          1G74 
_pdbx_database_related.details        
'related entry is the oleic acid bound form of this mutant, whereas this entry is the apo bound form' 
_pdbx_database_related.content_type   unspecified 
# 
_pdbx_database_status.status_code                     REL 
_pdbx_database_status.entry_id                        1G7N 
_pdbx_database_status.recvd_initial_deposition_date   2000-11-10 
_pdbx_database_status.deposit_site                    RCSB 
_pdbx_database_status.process_site                    RCSB 
_pdbx_database_status.status_code_sf                  REL 
_pdbx_database_status.status_code_mr                  ? 
_pdbx_database_status.SG_entry                        ? 
_pdbx_database_status.pdb_format_compatible           Y 
_pdbx_database_status.status_code_cs                  ? 
_pdbx_database_status.methods_development_category    ? 
_pdbx_database_status.status_code_nmr_data            ? 
# 
loop_
_audit_author.name 
_audit_author.pdbx_ordinal 
'Reese, A.J.'    1 
'Banaszak, L.J.' 2 
# 
_citation.id                        primary 
_citation.title                     'Specificity determinants for lipids bound to beta-barrel proteins.' 
_citation.journal_abbrev            'J.Lipid Res.' 
_citation.journal_volume            45 
_citation.page_first                232 
_citation.page_last                 243 
_citation.year                      2004 
_citation.journal_id_ASTM           JLPRAW 
_citation.country                   US 
_citation.journal_id_ISSN           0022-2275 
_citation.journal_id_CSD            0484 
_citation.book_publisher            ? 
_citation.pdbx_database_id_PubMed   14594993 
_citation.pdbx_database_id_DOI      10.1194/jlr.M300113-JLR200 
# 
loop_
_citation_author.citation_id 
_citation_author.name 
_citation_author.ordinal 
_citation_author.identifier_ORCID 
primary 'Reese, A.J.'    1 ? 
primary 'Banaszak, L.J.' 2 ? 
# 
_cell.entry_id           1G7N 
_cell.length_a           120.080 
_cell.length_b           37.970 
_cell.length_c           28.820 
_cell.angle_alpha        90.00 
_cell.angle_beta         92.32 
_cell.angle_gamma        90.00 
_cell.Z_PDB              4 
_cell.pdbx_unique_axis   ? 
# 
_symmetry.entry_id                         1G7N 
_symmetry.space_group_name_H-M             'C 1 2 1' 
_symmetry.pdbx_full_space_group_name_H-M   ? 
_symmetry.cell_setting                     ? 
_symmetry.Int_Tables_number                5 
_symmetry.space_group_name_Hall            ? 
# 
loop_
_entity.id 
_entity.type 
_entity.src_method 
_entity.pdbx_description 
_entity.formula_weight 
_entity.pdbx_number_of_molecules 
_entity.pdbx_ec 
_entity.pdbx_mutation 
_entity.pdbx_fragment 
_entity.details 
1 polymer     man 'ADIPOCYTE LIPID-BINDING PROTEIN' 14525.663 1  ? I73E,A75V,D77G ? ? 
2 non-polymer syn 'PHOSPHATE ION'                   94.971    1  ? ?              ? ? 
3 water       nat water                             18.015    84 ? ?              ? ? 
# 
_entity_poly.entity_id                      1 
_entity_poly.type                           'polypeptide(L)' 
_entity_poly.nstd_linkage                   no 
_entity_poly.nstd_monomer                   no 
_entity_poly.pdbx_seq_one_letter_code       
;CDAFVGTWKLVSSENFDDYMKEVGVGFATRKVAGMAKPNMIISVNGDLVTIRSESTFKNTEISFKLGVEFDEETVDGRKV
KSIITLDGGALVQVQKWDGKSTTIKRKRDGDKLVVECVMKGVTSTRVYERA
;
_entity_poly.pdbx_seq_one_letter_code_can   
;CDAFVGTWKLVSSENFDDYMKEVGVGFATRKVAGMAKPNMIISVNGDLVTIRSESTFKNTEISFKLGVEFDEETVDGRKV
KSIITLDGGALVQVQKWDGKSTTIKRKRDGDKLVVECVMKGVTSTRVYERA
;
_entity_poly.pdbx_strand_id                 A 
_entity_poly.pdbx_target_identifier         ? 
# 
loop_
_entity_poly_seq.entity_id 
_entity_poly_seq.num 
_entity_poly_seq.mon_id 
_entity_poly_seq.hetero 
1 1   CYS n 
1 2   ASP n 
1 3   ALA n 
1 4   PHE n 
1 5   VAL n 
1 6   GLY n 
1 7   THR n 
1 8   TRP n 
1 9   LYS n 
1 10  LEU n 
1 11  VAL n 
1 12  SER n 
1 13  SER n 
1 14  GLU n 
1 15  ASN n 
1 16  PHE n 
1 17  ASP n 
1 18  ASP n 
1 19  TYR n 
1 20  MET n 
1 21  LYS n 
1 22  GLU n 
1 23  VAL n 
1 24  GLY n 
1 25  VAL n 
1 26  GLY n 
1 27  PHE n 
1 28  ALA n 
1 29  THR n 
1 30  ARG n 
1 31  LYS n 
1 32  VAL n 
1 33  ALA n 
1 34  GLY n 
1 35  MET n 
1 36  ALA n 
1 37  LYS n 
1 38  PRO n 
1 39  ASN n 
1 40  MET n 
1 41  ILE n 
1 42  ILE n 
1 43  SER n 
1 44  VAL n 
1 45  ASN n 
1 46  GLY n 
1 47  ASP n 
1 48  LEU n 
1 49  VAL n 
1 50  THR n 
1 51  ILE n 
1 52  ARG n 
1 53  SER n 
1 54  GLU n 
1 55  SER n 
1 56  THR n 
1 57  PHE n 
1 58  LYS n 
1 59  ASN n 
1 60  THR n 
1 61  GLU n 
1 62  ILE n 
1 63  SER n 
1 64  PHE n 
1 65  LYS n 
1 66  LEU n 
1 67  GLY n 
1 68  VAL n 
1 69  GLU n 
1 70  PHE n 
1 71  ASP n 
1 72  GLU n 
1 73  GLU n 
1 74  THR n 
1 75  VAL n 
1 76  ASP n 
1 77  GLY n 
1 78  ARG n 
1 79  LYS n 
1 80  VAL n 
1 81  LYS n 
1 82  SER n 
1 83  ILE n 
1 84  ILE n 
1 85  THR n 
1 86  LEU n 
1 87  ASP n 
1 88  GLY n 
1 89  GLY n 
1 90  ALA n 
1 91  LEU n 
1 92  VAL n 
1 93  GLN n 
1 94  VAL n 
1 95  GLN n 
1 96  LYS n 
1 97  TRP n 
1 98  ASP n 
1 99  GLY n 
1 100 LYS n 
1 101 SER n 
1 102 THR n 
1 103 THR n 
1 104 ILE n 
1 105 LYS n 
1 106 ARG n 
1 107 LYS n 
1 108 ARG n 
1 109 ASP n 
1 110 GLY n 
1 111 ASP n 
1 112 LYS n 
1 113 LEU n 
1 114 VAL n 
1 115 VAL n 
1 116 GLU n 
1 117 CYS n 
1 118 VAL n 
1 119 MET n 
1 120 LYS n 
1 121 GLY n 
1 122 VAL n 
1 123 THR n 
1 124 SER n 
1 125 THR n 
1 126 ARG n 
1 127 VAL n 
1 128 TYR n 
1 129 GLU n 
1 130 ARG n 
1 131 ALA n 
# 
_entity_src_gen.entity_id                          1 
_entity_src_gen.pdbx_src_id                        1 
_entity_src_gen.pdbx_alt_source_flag               sample 
_entity_src_gen.pdbx_seq_type                      ? 
_entity_src_gen.pdbx_beg_seq_num                   ? 
_entity_src_gen.pdbx_end_seq_num                   ? 
_entity_src_gen.gene_src_common_name               'house mouse' 
_entity_src_gen.gene_src_genus                     Mus 
_entity_src_gen.pdbx_gene_src_gene                 ALBP 
_entity_src_gen.gene_src_species                   ? 
_entity_src_gen.gene_src_strain                    ? 
_entity_src_gen.gene_src_tissue                    ? 
_entity_src_gen.gene_src_tissue_fraction           ? 
_entity_src_gen.gene_src_details                   ? 
_entity_src_gen.pdbx_gene_src_fragment             ? 
_entity_src_gen.pdbx_gene_src_scientific_name      'Mus musculus' 
_entity_src_gen.pdbx_gene_src_ncbi_taxonomy_id     10090 
_entity_src_gen.pdbx_gene_src_variant              ? 
_entity_src_gen.pdbx_gene_src_cell_line            ? 
_entity_src_gen.pdbx_gene_src_atcc                 ? 
_entity_src_gen.pdbx_gene_src_organ                ? 
_entity_src_gen.pdbx_gene_src_organelle            ? 
_entity_src_gen.pdbx_gene_src_cell                 ? 
_entity_src_gen.pdbx_gene_src_cellular_location    ? 
_entity_src_gen.host_org_common_name               ? 
_entity_src_gen.pdbx_host_org_scientific_name      'Escherichia coli BL21(DE3)' 
_entity_src_gen.pdbx_host_org_ncbi_taxonomy_id     469008 
_entity_src_gen.host_org_genus                     Escherichia 
_entity_src_gen.pdbx_host_org_gene                 ? 
_entity_src_gen.pdbx_host_org_organ                ? 
_entity_src_gen.host_org_species                   'Escherichia coli' 
_entity_src_gen.pdbx_host_org_tissue               ? 
_entity_src_gen.pdbx_host_org_tissue_fraction      ? 
_entity_src_gen.pdbx_host_org_strain               'BL21(DE3)' 
_entity_src_gen.pdbx_host_org_variant              ? 
_entity_src_gen.pdbx_host_org_cell_line            ? 
_entity_src_gen.pdbx_host_org_atcc                 ? 
_entity_src_gen.pdbx_host_org_culture_collection   ? 
_entity_src_gen.pdbx_host_org_cell                 ? 
_entity_src_gen.pdbx_host_org_organelle            ? 
_entity_src_gen.pdbx_host_org_cellular_location    ? 
_entity_src_gen.pdbx_host_org_vector_type          PLASMID 
_entity_src_gen.pdbx_host_org_vector               ? 
_entity_src_gen.host_org_details                   ? 
_entity_src_gen.expression_system_id               ? 
_entity_src_gen.plasmid_name                       PRSET 
_entity_src_gen.plasmid_details                    ? 
_entity_src_gen.pdbx_description                   ? 
# 
_struct_ref.id                         1 
_struct_ref.db_name                    UNP 
_struct_ref.db_code                    FABPA_MOUSE 
_struct_ref.entity_id                  1 
_struct_ref.pdbx_seq_one_letter_code   
;CDAFVGTWKLVSSENFDDYMKEVGVGFATRKVAGMAKPNMIISVNGDLVTIRSESTFKNTEISFKLGVEFDEITADDRKV
KSIITLDGGALVQVQKWDGKSTTIKRKRDGDKLVVECVMKGVTSTRVYERA
;
_struct_ref.pdbx_align_begin           1 
_struct_ref.pdbx_db_accession          P04117 
_struct_ref.pdbx_db_isoform            ? 
# 
_struct_ref_seq.align_id                      1 
_struct_ref_seq.ref_id                        1 
_struct_ref_seq.pdbx_PDB_id_code              1G7N 
_struct_ref_seq.pdbx_strand_id                A 
_struct_ref_seq.seq_align_beg                 1 
_struct_ref_seq.pdbx_seq_align_beg_ins_code   ? 
_struct_ref_seq.seq_align_end                 131 
_struct_ref_seq.pdbx_seq_align_end_ins_code   ? 
_struct_ref_seq.pdbx_db_accession             P04117 
_struct_ref_seq.db_align_beg                  1 
_struct_ref_seq.pdbx_db_align_beg_ins_code    ? 
_struct_ref_seq.db_align_end                  131 
_struct_ref_seq.pdbx_db_align_end_ins_code    ? 
_struct_ref_seq.pdbx_auth_seq_align_beg       1 
_struct_ref_seq.pdbx_auth_seq_align_end       131 
# 
loop_
_struct_ref_seq_dif.align_id 
_struct_ref_seq_dif.pdbx_pdb_id_code 
_struct_ref_seq_dif.mon_id 
_struct_ref_seq_dif.pdbx_pdb_strand_id 
_struct_ref_seq_dif.seq_num 
_struct_ref_seq_dif.pdbx_pdb_ins_code 
_struct_ref_seq_dif.pdbx_seq_db_name 
_struct_ref_seq_dif.pdbx_seq_db_accession_code 
_struct_ref_seq_dif.db_mon_id 
_struct_ref_seq_dif.pdbx_seq_db_seq_num 
_struct_ref_seq_dif.details 
_struct_ref_seq_dif.pdbx_auth_seq_num 
_struct_ref_seq_dif.pdbx_ordinal 
1 1G7N GLU A 73 ? UNP P04117 ILE 73 'engineered mutation' 73 1 
1 1G7N VAL A 75 ? UNP P04117 ALA 75 'engineered mutation' 75 2 
1 1G7N GLY A 77 ? UNP P04117 ASP 77 'engineered mutation' 77 3 
# 
loop_
_chem_comp.id 
_chem_comp.type 
_chem_comp.mon_nstd_flag 
_chem_comp.name 
_chem_comp.pdbx_synonyms 
_chem_comp.formula 
_chem_comp.formula_weight 
ALA 'L-peptide linking' y ALANINE         ? 'C3 H7 N O2'     89.093  
ARG 'L-peptide linking' y ARGININE        ? 'C6 H15 N4 O2 1' 175.209 
ASN 'L-peptide linking' y ASPARAGINE      ? 'C4 H8 N2 O3'    132.118 
ASP 'L-peptide linking' y 'ASPARTIC ACID' ? 'C4 H7 N O4'     133.103 
CYS 'L-peptide linking' y CYSTEINE        ? 'C3 H7 N O2 S'   121.158 
GLN 'L-peptide linking' y GLUTAMINE       ? 'C5 H10 N2 O3'   146.144 
GLU 'L-peptide linking' y 'GLUTAMIC ACID' ? 'C5 H9 N O4'     147.129 
GLY 'peptide linking'   y GLYCINE         ? 'C2 H5 N O2'     75.067  
HOH non-polymer         . WATER           ? 'H2 O'           18.015  
ILE 'L-peptide linking' y ISOLEUCINE      ? 'C6 H13 N O2'    131.173 
LEU 'L-peptide linking' y LEUCINE         ? 'C6 H13 N O2'    131.173 
LYS 'L-peptide linking' y LYSINE          ? 'C6 H15 N2 O2 1' 147.195 
MET 'L-peptide linking' y METHIONINE      ? 'C5 H11 N O2 S'  149.211 
PHE 'L-peptide linking' y PHENYLALANINE   ? 'C9 H11 N O2'    165.189 
PO4 non-polymer         . 'PHOSPHATE ION' ? 'O4 P -3'        94.971  
PRO 'L-peptide linking' y PROLINE         ? 'C5 H9 N O2'     115.130 
SER 'L-peptide linking' y SERINE          ? 'C3 H7 N O3'     105.093 
THR 'L-peptide linking' y THREONINE       ? 'C4 H9 N O3'     119.119 
TRP 'L-peptide linking' y TRYPTOPHAN      ? 'C11 H12 N2 O2'  204.225 
TYR 'L-peptide linking' y TYROSINE        ? 'C9 H11 N O3'    181.189 
VAL 'L-peptide linking' y VALINE          ? 'C5 H11 N O2'    117.146 
# 
_exptl.entry_id          1G7N 
_exptl.method            'X-RAY DIFFRACTION' 
_exptl.crystals_number   1 
# 
_exptl_crystal.id                    1 
_exptl_crystal.density_meas          ? 
_exptl_crystal.density_Matthews      2.26 
_exptl_crystal.density_percent_sol   45.57 
_exptl_crystal.description           ? 
_exptl_crystal.F_000                 ? 
_exptl_crystal.preparation           ? 
# 
_exptl_crystal_grow.crystal_id      1 
_exptl_crystal_grow.method          'VAPOR DIFFUSION, HANGING DROP' 
_exptl_crystal_grow.temp            291 
_exptl_crystal_grow.temp_details    ? 
_exptl_crystal_grow.pH              7.0 
_exptl_crystal_grow.pdbx_details    'sodium/potassium phosphate, pH 7.0, VAPOR DIFFUSION, HANGING DROP, temperature 291K' 
_exptl_crystal_grow.pdbx_pH_range   . 
# 
_diffrn.id                     1 
_diffrn.ambient_temp           298 
_diffrn.ambient_temp_details   ? 
_diffrn.crystal_id             1 
# 
_diffrn_detector.diffrn_id              1 
_diffrn_detector.detector               'AREA DETECTOR' 
_diffrn_detector.type                   SIEMENS 
_diffrn_detector.pdbx_collection_date   1998-03-02 
_diffrn_detector.details                ? 
# 
_diffrn_radiation.diffrn_id                        1 
_diffrn_radiation.wavelength_id                    1 
_diffrn_radiation.pdbx_monochromatic_or_laue_m_l   M 
_diffrn_radiation.monochromator                    graphite 
_diffrn_radiation.pdbx_diffrn_protocol             'SINGLE WAVELENGTH' 
_diffrn_radiation.pdbx_scattering_type             x-ray 
# 
_diffrn_radiation_wavelength.id           1 
_diffrn_radiation_wavelength.wavelength   1.5418 
_diffrn_radiation_wavelength.wt           1.0 
# 
_diffrn_source.diffrn_id                   1 
_diffrn_source.source                      'ROTATING ANODE' 
_diffrn_source.type                        'RIGAKU RU200' 
_diffrn_source.pdbx_synchrotron_site       ? 
_diffrn_source.pdbx_synchrotron_beamline   ? 
_diffrn_source.pdbx_wavelength             ? 
_diffrn_source.pdbx_wavelength_list        1.5418 
# 
_reflns.entry_id                     1G7N 
_reflns.observed_criterion_sigma_I   0 
_reflns.observed_criterion_sigma_F   0 
_reflns.d_resolution_low             36 
_reflns.d_resolution_high            1.5 
_reflns.number_obs                   17873 
_reflns.number_all                   20871 
_reflns.percent_possible_obs         85.6 
_reflns.pdbx_Rmerge_I_obs            0.046 
_reflns.pdbx_Rsym_value              ? 
_reflns.pdbx_netI_over_sigmaI        34.5 
_reflns.B_iso_Wilson_estimate        16.2 
_reflns.pdbx_redundancy              3.87 
_reflns.R_free_details               ? 
_reflns.limit_h_max                  ? 
_reflns.limit_h_min                  ? 
_reflns.limit_k_max                  ? 
_reflns.limit_k_min                  ? 
_reflns.limit_l_max                  ? 
_reflns.limit_l_min                  ? 
_reflns.observed_criterion_F_max     ? 
_reflns.observed_criterion_F_min     ? 
_reflns.pdbx_chi_squared             ? 
_reflns.pdbx_scaling_rejects         ? 
_reflns.pdbx_diffrn_id               1 
_reflns.pdbx_ordinal                 1 
# 
_reflns_shell.d_res_high             1.5 
_reflns_shell.d_res_low              1.59 
_reflns_shell.percent_possible_all   37.6 
_reflns_shell.Rmerge_I_obs           0.2292 
_reflns_shell.pdbx_Rsym_value        ? 
_reflns_shell.meanI_over_sigI_obs    ? 
_reflns_shell.pdbx_redundancy        0.54 
_reflns_shell.percent_possible_obs   ? 
_reflns_shell.number_unique_all      1857 
_reflns_shell.number_measured_all    ? 
_reflns_shell.number_measured_obs    ? 
_reflns_shell.number_unique_obs      ? 
_reflns_shell.pdbx_chi_squared       ? 
_reflns_shell.pdbx_diffrn_id         ? 
_reflns_shell.pdbx_ordinal           1 
# 
_refine.entry_id                                 1G7N 
_refine.ls_number_reflns_obs                     17717 
_refine.ls_number_reflns_all                     20798 
_refine.pdbx_ls_sigma_I                          0 
_refine.pdbx_ls_sigma_F                          0 
_refine.pdbx_data_cutoff_high_absF               ? 
_refine.pdbx_data_cutoff_low_absF                ? 
_refine.ls_d_res_low                             8.0 
_refine.ls_d_res_high                            1.5 
_refine.ls_percent_reflns_obs                    ? 
_refine.ls_R_factor_obs                          ? 
_refine.ls_R_factor_all                          ? 
_refine.ls_R_factor_R_work                       0.1964 
_refine.ls_R_factor_R_free                       0.2253 
_refine.ls_R_factor_R_free_error                 ? 
_refine.ls_R_factor_R_free_error_details         ? 
_refine.ls_percent_reflns_R_free                 ? 
_refine.ls_number_reflns_R_free                  1718 
_refine.ls_number_parameters                     ? 
_refine.ls_number_restraints                     ? 
_refine.occupancy_min                            ? 
_refine.occupancy_max                            ? 
_refine.B_iso_mean                               ? 
_refine.aniso_B[1][1]                            ? 
_refine.aniso_B[2][2]                            ? 
_refine.aniso_B[3][3]                            ? 
_refine.aniso_B[1][2]                            ? 
_refine.aniso_B[1][3]                            ? 
_refine.aniso_B[2][3]                            ? 
_refine.solvent_model_details                    ? 
_refine.solvent_model_param_ksol                 ? 
_refine.solvent_model_param_bsol                 ? 
_refine.pdbx_ls_cross_valid_method               ? 
_refine.details                                  
;X-PLOR was also used for refinement.  The following amino acids have alternative conformations: 
Cys1, Asp2, Val11, Glu14, Met20, Glu22, Val32, Ser53, Glu73, Ile83,
Thr103, Leu113, Glu129, and Ala131.
;
_refine.pdbx_starting_model                      'PDB 1LIB without waters, ligand, alternative conformations, or ions' 
_refine.pdbx_method_to_determine_struct          ? 
_refine.pdbx_isotropic_thermal_model             ? 
_refine.pdbx_stereochemistry_target_values       'Engh & Huber' 
_refine.pdbx_stereochem_target_val_spec_case     ? 
_refine.pdbx_R_Free_selection_details            random 
_refine.pdbx_overall_ESU_R_Free                  ? 
_refine.overall_SU_B                             ? 
_refine.ls_redundancy_reflns_obs                 ? 
_refine.B_iso_min                                ? 
_refine.B_iso_max                                ? 
_refine.overall_SU_ML                            ? 
_refine.pdbx_overall_ESU_R                       ? 
_refine.pdbx_data_cutoff_high_rms_absF           ? 
_refine.correlation_coeff_Fo_to_Fc               ? 
_refine.correlation_coeff_Fo_to_Fc_free          ? 
_refine.pdbx_solvent_vdw_probe_radii             ? 
_refine.pdbx_solvent_ion_probe_radii             ? 
_refine.pdbx_solvent_shrinkage_radii             ? 
_refine.overall_SU_R_Cruickshank_DPI             ? 
_refine.overall_SU_R_free                        ? 
_refine.ls_wR_factor_R_free                      ? 
_refine.ls_wR_factor_R_work                      ? 
_refine.overall_FOM_free_R_set                   ? 
_refine.overall_FOM_work_R_set                   ? 
_refine.pdbx_refine_id                           'X-RAY DIFFRACTION' 
_refine.pdbx_diffrn_id                           1 
_refine.pdbx_TLS_residual_ADP_flag               ? 
_refine.pdbx_overall_phase_error                 ? 
_refine.pdbx_overall_SU_R_free_Cruickshank_DPI   ? 
_refine.pdbx_overall_SU_R_Blow_DPI               ? 
_refine.pdbx_overall_SU_R_free_Blow_DPI          ? 
# 
_refine_analyze.entry_id                        1G7N 
_refine_analyze.Luzzati_coordinate_error_obs    0.18 
_refine_analyze.Luzzati_sigma_a_obs             0.18 
_refine_analyze.Luzzati_d_res_low_obs           5 
_refine_analyze.Luzzati_coordinate_error_free   ? 
_refine_analyze.Luzzati_sigma_a_free            ? 
_refine_analyze.Luzzati_d_res_low_free          ? 
_refine_analyze.number_disordered_residues      ? 
_refine_analyze.occupancy_sum_hydrogen          ? 
_refine_analyze.occupancy_sum_non_hydrogen      ? 
_refine_analyze.pdbx_Luzzati_d_res_high_obs     ? 
_refine_analyze.pdbx_refine_id                  'X-RAY DIFFRACTION' 
# 
_refine_hist.pdbx_refine_id                   'X-RAY DIFFRACTION' 
_refine_hist.cycle_id                         LAST 
_refine_hist.pdbx_number_atoms_protein        1123 
_refine_hist.pdbx_number_atoms_nucleic_acid   0 
_refine_hist.pdbx_number_atoms_ligand         5 
_refine_hist.number_atoms_solvent             84 
_refine_hist.number_atoms_total               1212 
_refine_hist.d_res_high                       1.5 
_refine_hist.d_res_low                        8.0 
# 
loop_
_refine_ls_restr.type 
_refine_ls_restr.dev_ideal 
_refine_ls_restr.dev_ideal_target 
_refine_ls_restr.weight 
_refine_ls_restr.number 
_refine_ls_restr.pdbx_refine_id 
_refine_ls_restr.pdbx_restraint_function 
c_angle_deg        1.3   ? ? ? 'X-RAY DIFFRACTION' ? 
c_bond_d           0.006 ? ? ? 'X-RAY DIFFRACTION' ? 
c_dihedral_angle_d 26.8  ? ? ? 'X-RAY DIFFRACTION' ? 
c_improper_angle_d 0.63  ? ? ? 'X-RAY DIFFRACTION' ? 
# 
_refine_ls_shell.pdbx_total_number_of_bins_used   ? 
_refine_ls_shell.d_res_high                       1.5022 
_refine_ls_shell.d_res_low                        1.559 
_refine_ls_shell.number_reflns_R_work             ? 
_refine_ls_shell.R_factor_R_work                  ? 
_refine_ls_shell.percent_reflns_obs               37.6 
_refine_ls_shell.R_factor_R_free                  ? 
_refine_ls_shell.R_factor_R_free_error            ? 
_refine_ls_shell.percent_reflns_R_free            ? 
_refine_ls_shell.number_reflns_R_free             ? 
_refine_ls_shell.number_reflns_obs                1299 
_refine_ls_shell.redundancy_reflns_obs            ? 
_refine_ls_shell.number_reflns_all                ? 
_refine_ls_shell.pdbx_refine_id                   'X-RAY DIFFRACTION' 
_refine_ls_shell.R_factor_all                     ? 
# 
_struct.entry_id                  1G7N 
_struct.title                     'Toward changing specificity: adipocyte lipid binding protein mutant, apo form' 
_struct.pdbx_model_details        ? 
_struct.pdbx_CASP_flag            ? 
_struct.pdbx_model_type_details   ? 
# 
_struct_keywords.entry_id        1G7N 
_struct_keywords.pdbx_keywords   'LIPID BINDING PROTEIN' 
_struct_keywords.text            'fatty acid binding protein, beta barrel, protein engineering, LIPID BINDING PROTEIN' 
# 
loop_
_struct_asym.id 
_struct_asym.pdbx_blank_PDB_chainid_flag 
_struct_asym.pdbx_modified 
_struct_asym.entity_id 
_struct_asym.details 
A N N 1 ? 
B N N 2 ? 
C N N 3 ? 
# 
_struct_biol.id                    1 
_struct_biol.pdbx_parent_biol_id   ? 
_struct_biol.details               ? 
# 
loop_
_struct_conf.conf_type_id 
_struct_conf.id 
_struct_conf.pdbx_PDB_helix_id 
_struct_conf.beg_label_comp_id 
_struct_conf.beg_label_asym_id 
_struct_conf.beg_label_seq_id 
_struct_conf.pdbx_beg_PDB_ins_code 
_struct_conf.end_label_comp_id 
_struct_conf.end_label_asym_id 
_struct_conf.end_label_seq_id 
_struct_conf.pdbx_end_PDB_ins_code 
_struct_conf.beg_auth_comp_id 
_struct_conf.beg_auth_asym_id 
_struct_conf.beg_auth_seq_id 
_struct_conf.end_auth_comp_id 
_struct_conf.end_auth_asym_id 
_struct_conf.end_auth_seq_id 
_struct_conf.pdbx_PDB_helix_class 
_struct_conf.details 
_struct_conf.pdbx_PDB_helix_length 
HELX_P HELX_P1 1 CYS A 1  ? VAL A 5  ? CYS A 1  VAL A 5  5 ? 5  
HELX_P HELX_P2 2 ASN A 15 ? GLY A 24 ? ASN A 15 GLY A 24 1 ? 10 
HELX_P HELX_P3 3 GLY A 26 ? LYS A 37 ? GLY A 26 LYS A 37 1 ? 12 
# 
_struct_conf_type.id          HELX_P 
_struct_conf_type.criteria    ? 
_struct_conf_type.reference   ? 
# 
_struct_sheet.id               A 
_struct_sheet.type             ? 
_struct_sheet.number_strands   10 
_struct_sheet.details          ? 
# 
loop_
_struct_sheet_order.sheet_id 
_struct_sheet_order.range_id_1 
_struct_sheet_order.range_id_2 
_struct_sheet_order.offset 
_struct_sheet_order.sense 
A 1 2  ? anti-parallel 
A 2 3  ? anti-parallel 
A 3 4  ? anti-parallel 
A 4 5  ? anti-parallel 
A 5 6  ? anti-parallel 
A 6 7  ? anti-parallel 
A 7 8  ? anti-parallel 
A 8 9  ? anti-parallel 
A 9 10 ? anti-parallel 
# 
loop_
_struct_sheet_range.sheet_id 
_struct_sheet_range.id 
_struct_sheet_range.beg_label_comp_id 
_struct_sheet_range.beg_label_asym_id 
_struct_sheet_range.beg_label_seq_id 
_struct_sheet_range.pdbx_beg_PDB_ins_code 
_struct_sheet_range.end_label_comp_id 
_struct_sheet_range.end_label_asym_id 
_struct_sheet_range.end_label_seq_id 
_struct_sheet_range.pdbx_end_PDB_ins_code 
_struct_sheet_range.beg_auth_comp_id 
_struct_sheet_range.beg_auth_asym_id 
_struct_sheet_range.beg_auth_seq_id 
_struct_sheet_range.end_auth_comp_id 
_struct_sheet_range.end_auth_asym_id 
_struct_sheet_range.end_auth_seq_id 
A 1  THR A 60  ? PHE A 64  ? THR A 60  PHE A 64  
A 2  LEU A 48  ? SER A 53  ? LEU A 48  SER A 53  
A 3  MET A 40  ? ASN A 45  ? MET A 40  ASN A 45  
A 4  GLY A 6   ? GLU A 14  ? GLY A 6   GLU A 14  
A 5  VAL A 122 ? ARG A 130 ? VAL A 122 ARG A 130 
A 6  LYS A 112 ? MET A 119 ? LYS A 112 MET A 119 
A 7  LYS A 100 ? ASP A 109 ? LYS A 100 ASP A 109 
A 8  ALA A 90  ? TRP A 97  ? ALA A 90  TRP A 97  
A 9  LYS A 79  ? ASP A 87  ? LYS A 79  ASP A 87  
A 10 PHE A 70  ? GLU A 73  ? PHE A 70  GLU A 73  
# 
loop_
_pdbx_struct_sheet_hbond.sheet_id 
_pdbx_struct_sheet_hbond.range_id_1 
_pdbx_struct_sheet_hbond.range_id_2 
_pdbx_struct_sheet_hbond.range_1_label_atom_id 
_pdbx_struct_sheet_hbond.range_1_label_comp_id 
_pdbx_struct_sheet_hbond.range_1_label_asym_id 
_pdbx_struct_sheet_hbond.range_1_label_seq_id 
_pdbx_struct_sheet_hbond.range_1_PDB_ins_code 
_pdbx_struct_sheet_hbond.range_1_auth_atom_id 
_pdbx_struct_sheet_hbond.range_1_auth_comp_id 
_pdbx_struct_sheet_hbond.range_1_auth_asym_id 
_pdbx_struct_sheet_hbond.range_1_auth_seq_id 
_pdbx_struct_sheet_hbond.range_2_label_atom_id 
_pdbx_struct_sheet_hbond.range_2_label_comp_id 
_pdbx_struct_sheet_hbond.range_2_label_asym_id 
_pdbx_struct_sheet_hbond.range_2_label_seq_id 
_pdbx_struct_sheet_hbond.range_2_PDB_ins_code 
_pdbx_struct_sheet_hbond.range_2_auth_atom_id 
_pdbx_struct_sheet_hbond.range_2_auth_comp_id 
_pdbx_struct_sheet_hbond.range_2_auth_asym_id 
_pdbx_struct_sheet_hbond.range_2_auth_seq_id 
A 1 2  O PHE A 64  ? O PHE A 64  N VAL A 49  ? N VAL A 49  
A 2 3  O ARG A 52  ? O ARG A 52  N ILE A 41  ? N ILE A 41  
A 3 4  N ILE A 42  ? N ILE A 42  O GLY A 6   ? O GLY A 6   
A 4 5  N GLU A 14  ? N GLU A 14  O THR A 125 ? O THR A 125 
A 5 6  N TYR A 128 ? N TYR A 128 O LEU A 113 ? O LEU A 113 
A 6 7  N VAL A 118 ? N VAL A 118 O THR A 103 ? O THR A 103 
A 7 8  O ARG A 106 ? O ARG A 106 N LEU A 91  ? N LEU A 91  
A 8 9  O LYS A 96  ? O LYS A 96  N LYS A 81  ? N LYS A 81  
A 9 10 N SER A 82  ? N SER A 82  O PHE A 70  ? O PHE A 70  
# 
_struct_site.id                   AC1 
_struct_site.pdbx_evidence_code   Software 
_struct_site.pdbx_auth_asym_id    A 
_struct_site.pdbx_auth_comp_id    PO4 
_struct_site.pdbx_auth_seq_id     133 
_struct_site.pdbx_auth_ins_code   ? 
_struct_site.pdbx_num_residues    6 
_struct_site.details              'BINDING SITE FOR RESIDUE PO4 A 133' 
# 
loop_
_struct_site_gen.id 
_struct_site_gen.site_id 
_struct_site_gen.pdbx_num_res 
_struct_site_gen.label_comp_id 
_struct_site_gen.label_asym_id 
_struct_site_gen.label_seq_id 
_struct_site_gen.pdbx_auth_ins_code 
_struct_site_gen.auth_comp_id 
_struct_site_gen.auth_asym_id 
_struct_site_gen.auth_seq_id 
_struct_site_gen.label_atom_id 
_struct_site_gen.label_alt_id 
_struct_site_gen.symmetry 
_struct_site_gen.details 
1 AC1 6 SER A 13 ? SER A 13  . ? 1_555 ? 
2 AC1 6 GLU A 14 ? GLU A 14  . ? 1_555 ? 
3 AC1 6 ASN A 15 ? ASN A 15  . ? 1_555 ? 
4 AC1 6 PHE A 16 ? PHE A 16  . ? 1_555 ? 
5 AC1 6 ASP A 17 ? ASP A 17  . ? 1_555 ? 
6 AC1 6 HOH C .  ? HOH A 250 . ? 1_555 ? 
# 
_atom_sites.entry_id                    1G7N 
_atom_sites.fract_transf_matrix[1][1]   -0.00522650 
_atom_sites.fract_transf_matrix[1][2]   0.00529688 
_atom_sites.fract_transf_matrix[1][3]   0.00375445 
_atom_sites.fract_transf_matrix[2][1]   -0.01469632 
_atom_sites.fract_transf_matrix[2][2]   -0.02027849 
_atom_sites.fract_transf_matrix[2][3]   0.00815098 
_atom_sites.fract_transf_matrix[3][1]   0.01797877 
_atom_sites.fract_transf_matrix[3][2]   -0.00109548 
_atom_sites.fract_transf_matrix[3][3]   0.02969054 
_atom_sites.fract_transf_vector[1]      -0.353612 
_atom_sites.fract_transf_vector[2]      1.828556 
_atom_sites.fract_transf_vector[3]      -0.208868 
# 
loop_
_atom_type.symbol 
C 
N 
O 
P 
S 
# 
loop_
_atom_site.group_PDB 
_atom_site.id 
_atom_site.type_symbol 
_atom_site.label_atom_id 
_atom_site.label_alt_id 
_atom_site.label_comp_id 
_atom_site.label_asym_id 
_atom_site.label_entity_id 
_atom_site.label_seq_id 
_atom_site.pdbx_PDB_ins_code 
_atom_site.Cartn_x 
_atom_site.Cartn_y 
_atom_site.Cartn_z 
_atom_site.occupancy 
_atom_site.B_iso_or_equiv 
_atom_site.pdbx_formal_charge 
_atom_site.auth_seq_id 
_atom_site.auth_comp_id 
_atom_site.auth_asym_id 
_atom_site.auth_atom_id 
_atom_site.pdbx_PDB_model_num 
ATOM   1    N N   A CYS A 1 1   ? -5.986  12.173  6.261   0.50 22.00 ? 1   CYS A N   1 
ATOM   2    N N   B CYS A 1 1   ? -7.288  13.308  6.166   0.50 19.02 ? 1   CYS A N   1 
ATOM   3    C CA  A CYS A 1 1   ? -6.873  12.519  5.112   0.50 21.64 ? 1   CYS A CA  1 
ATOM   4    C CA  B CYS A 1 1   ? -6.458  12.642  5.119   0.50 18.64 ? 1   CYS A CA  1 
ATOM   5    C C   A CYS A 1 1   ? -6.224  13.467  4.106   0.50 20.35 ? 1   CYS A C   1 
ATOM   6    C C   B CYS A 1 1   ? -5.878  13.681  4.174   0.50 18.19 ? 1   CYS A C   1 
ATOM   7    O O   A CYS A 1 1   ? -5.591  13.032  3.151   0.50 18.33 ? 1   CYS A O   1 
ATOM   8    O O   B CYS A 1 1   ? -5.078  13.352  3.303   0.50 18.05 ? 1   CYS A O   1 
ATOM   9    C CB  A CYS A 1 1   ? -8.180  13.148  5.615   0.50 23.26 ? 1   CYS A CB  1 
ATOM   10   C CB  B CYS A 1 1   ? -7.312  11.670  4.309   0.50 19.26 ? 1   CYS A CB  1 
ATOM   11   S SG  A CYS A 1 1   ? -9.425  11.988  6.223   0.50 28.92 ? 1   CYS A SG  1 
ATOM   12   S SG  B CYS A 1 1   ? -8.354  10.594  5.294   0.50 20.29 ? 1   CYS A SG  1 
ATOM   13   N N   A ASP A 1 2   ? -6.389  14.766  4.340   0.50 19.49 ? 2   ASP A N   1 
ATOM   14   N N   B ASP A 1 2   ? -6.291  14.933  4.352   0.50 18.16 ? 2   ASP A N   1 
ATOM   15   C CA  A ASP A 1 2   ? -5.875  15.805  3.454   0.50 18.74 ? 2   ASP A CA  1 
ATOM   16   C CA  B ASP A 1 2   ? -5.842  16.032  3.506   0.50 18.12 ? 2   ASP A CA  1 
ATOM   17   C C   A ASP A 1 2   ? -4.372  15.798  3.147   0.50 18.11 ? 2   ASP A C   1 
ATOM   18   C C   B ASP A 1 2   ? -4.343  16.084  3.238   0.50 17.90 ? 2   ASP A C   1 
ATOM   19   O O   A ASP A 1 2   ? -3.972  16.012  2.000   0.50 17.13 ? 2   ASP A O   1 
ATOM   20   O O   B ASP A 1 2   ? -3.917  16.600  2.205   0.50 17.88 ? 2   ASP A O   1 
ATOM   21   C CB  A ASP A 1 2   ? -6.276  17.176  4.005   0.50 20.75 ? 2   ASP A CB  1 
ATOM   22   C CB  B ASP A 1 2   ? -6.310  17.360  4.100   0.50 20.10 ? 2   ASP A CB  1 
ATOM   23   C CG  A ASP A 1 2   ? -7.764  17.266  4.321   0.50 23.07 ? 2   ASP A CG  1 
ATOM   24   C CG  B ASP A 1 2   ? -7.800  17.570  3.927   0.50 22.33 ? 2   ASP A CG  1 
ATOM   25   O OD1 A ASP A 1 2   ? -8.226  16.559  5.245   0.50 23.38 ? 2   ASP A OD1 1 
ATOM   26   O OD1 B ASP A 1 2   ? -8.238  17.732  2.767   0.50 23.68 ? 2   ASP A OD1 1 
ATOM   27   O OD2 A ASP A 1 2   ? -8.473  18.039  3.644   0.50 24.56 ? 2   ASP A OD2 1 
ATOM   28   O OD2 B ASP A 1 2   ? -8.534  17.561  4.941   0.50 22.51 ? 2   ASP A OD2 1 
ATOM   29   N N   . ALA A 1 3   ? -3.544  15.555  4.159   1.00 16.76 ? 3   ALA A N   1 
ATOM   30   C CA  . ALA A 1 3   ? -2.094  15.552  3.978   1.00 15.18 ? 3   ALA A CA  1 
ATOM   31   C C   . ALA A 1 3   ? -1.619  14.442  3.037   1.00 12.97 ? 3   ALA A C   1 
ATOM   32   O O   . ALA A 1 3   ? -0.489  14.459  2.561   1.00 12.34 ? 3   ALA A O   1 
ATOM   33   C CB  . ALA A 1 3   ? -1.401  15.430  5.336   1.00 15.93 ? 3   ALA A CB  1 
ATOM   34   N N   . PHE A 1 4   ? -2.500  13.488  2.754   1.00 9.40  ? 4   PHE A N   1 
ATOM   35   C CA  . PHE A 1 4   ? -2.166  12.365  1.883   1.00 8.99  ? 4   PHE A CA  1 
ATOM   36   C C   . PHE A 1 4   ? -2.580  12.570  0.425   1.00 9.76  ? 4   PHE A C   1 
ATOM   37   O O   . PHE A 1 4   ? -2.078  11.892  -0.472  1.00 9.94  ? 4   PHE A O   1 
ATOM   38   C CB  . PHE A 1 4   ? -2.828  11.097  2.430   1.00 8.82  ? 4   PHE A CB  1 
ATOM   39   C CG  . PHE A 1 4   ? -2.232  10.612  3.718   1.00 8.94  ? 4   PHE A CG  1 
ATOM   40   C CD1 . PHE A 1 4   ? -1.068  9.851   3.713   1.00 12.42 ? 4   PHE A CD1 1 
ATOM   41   C CD2 . PHE A 1 4   ? -2.822  10.932  4.938   1.00 11.59 ? 4   PHE A CD2 1 
ATOM   42   C CE1 . PHE A 1 4   ? -0.498  9.410   4.905   1.00 12.76 ? 4   PHE A CE1 1 
ATOM   43   C CE2 . PHE A 1 4   ? -2.257  10.497  6.140   1.00 12.26 ? 4   PHE A CE2 1 
ATOM   44   C CZ  . PHE A 1 4   ? -1.094  9.734   6.122   1.00 12.34 ? 4   PHE A CZ  1 
ATOM   45   N N   . VAL A 1 5   ? -3.483  13.512  0.191   1.00 9.58  ? 5   VAL A N   1 
ATOM   46   C CA  . VAL A 1 5   ? -3.988  13.774  -1.155  1.00 11.20 ? 5   VAL A CA  1 
ATOM   47   C C   . VAL A 1 5   ? -2.920  14.231  -2.148  1.00 11.57 ? 5   VAL A C   1 
ATOM   48   O O   . VAL A 1 5   ? -2.075  15.080  -1.836  1.00 12.67 ? 5   VAL A O   1 
ATOM   49   C CB  . VAL A 1 5   ? -5.149  14.811  -1.099  1.00 12.76 ? 5   VAL A CB  1 
ATOM   50   C CG1 . VAL A 1 5   ? -5.607  15.199  -2.512  1.00 13.90 ? 5   VAL A CG1 1 
ATOM   51   C CG2 . VAL A 1 5   ? -6.311  14.227  -0.315  1.00 13.70 ? 5   VAL A CG2 1 
ATOM   52   N N   . GLY A 1 6   ? -2.968  13.646  -3.346  1.00 9.69  ? 6   GLY A N   1 
ATOM   53   C CA  . GLY A 1 6   ? -2.029  13.993  -4.399  1.00 10.90 ? 6   GLY A CA  1 
ATOM   54   C C   . GLY A 1 6   ? -1.520  12.777  -5.147  1.00 11.31 ? 6   GLY A C   1 
ATOM   55   O O   . GLY A 1 6   ? -2.016  11.665  -4.952  1.00 10.84 ? 6   GLY A O   1 
ATOM   56   N N   . THR A 1 7   ? -0.532  12.994  -6.010  1.00 10.39 ? 7   THR A N   1 
ATOM   57   C CA  . THR A 1 7   ? 0.084   11.917  -6.780  1.00 11.13 ? 7   THR A CA  1 
ATOM   58   C C   . THR A 1 7   ? 1.516   11.756  -6.274  1.00 10.63 ? 7   THR A C   1 
ATOM   59   O O   . THR A 1 7   ? 2.263   12.732  -6.189  1.00 12.42 ? 7   THR A O   1 
ATOM   60   C CB  . THR A 1 7   ? 0.076   12.252  -8.285  1.00 12.33 ? 7   THR A CB  1 
ATOM   61   O OG1 . THR A 1 7   ? -1.279  12.446  -8.712  1.00 12.95 ? 7   THR A OG1 1 
ATOM   62   C CG2 . THR A 1 7   ? 0.689   11.128  -9.093  1.00 12.97 ? 7   THR A CG2 1 
ATOM   63   N N   . TRP A 1 8   ? 1.885   10.522  -5.933  1.00 10.21 ? 8   TRP A N   1 
ATOM   64   C CA  . TRP A 1 8   ? 3.204   10.222  -5.392  1.00 9.67  ? 8   TRP A CA  1 
ATOM   65   C C   . TRP A 1 8   ? 4.015   9.240   -6.238  1.00 11.54 ? 8   TRP A C   1 
ATOM   66   O O   . TRP A 1 8   ? 3.484   8.248   -6.726  1.00 12.69 ? 8   TRP A O   1 
ATOM   67   C CB  . TRP A 1 8   ? 3.050   9.654   -3.978  1.00 9.91  ? 8   TRP A CB  1 
ATOM   68   C CG  . TRP A 1 8   ? 2.244   10.522  -3.057  1.00 10.15 ? 8   TRP A CG  1 
ATOM   69   C CD1 . TRP A 1 8   ? 0.879   10.598  -2.972  1.00 9.65  ? 8   TRP A CD1 1 
ATOM   70   C CD2 . TRP A 1 8   ? 2.758   11.460  -2.105  1.00 10.40 ? 8   TRP A CD2 1 
ATOM   71   N NE1 . TRP A 1 8   ? 0.515   11.531  -2.024  1.00 11.43 ? 8   TRP A NE1 1 
ATOM   72   C CE2 . TRP A 1 8   ? 1.650   12.072  -1.476  1.00 11.10 ? 8   TRP A CE2 1 
ATOM   73   C CE3 . TRP A 1 8   ? 4.051   11.846  -1.722  1.00 11.40 ? 8   TRP A CE3 1 
ATOM   74   C CZ2 . TRP A 1 8   ? 1.796   13.049  -0.480  1.00 11.68 ? 8   TRP A CZ2 1 
ATOM   75   C CZ3 . TRP A 1 8   ? 4.194   12.816  -0.735  1.00 9.90  ? 8   TRP A CZ3 1 
ATOM   76   C CH2 . TRP A 1 8   ? 3.073   13.405  -0.126  1.00 10.32 ? 8   TRP A CH2 1 
ATOM   77   N N   . LYS A 1 9   ? 5.308   9.518   -6.398  1.00 10.12 ? 9   LYS A N   1 
ATOM   78   C CA  . LYS A 1 9   ? 6.188   8.647   -7.170  1.00 11.83 ? 9   LYS A CA  1 
ATOM   79   C C   . LYS A 1 9   ? 7.211   7.981   -6.248  1.00 11.04 ? 9   LYS A C   1 
ATOM   80   O O   . LYS A 1 9   ? 7.748   8.610   -5.336  1.00 11.23 ? 9   LYS A O   1 
ATOM   81   C CB  . LYS A 1 9   ? 6.905   9.446   -8.263  1.00 14.92 ? 9   LYS A CB  1 
ATOM   82   C CG  . LYS A 1 9   ? 7.717   10.621  -7.755  1.00 21.12 ? 9   LYS A CG  1 
ATOM   83   C CD  . LYS A 1 9   ? 8.499   11.309  -8.889  1.00 25.01 ? 9   LYS A CD  1 
ATOM   84   C CE  . LYS A 1 9   ? 9.662   10.459  -9.399  1.00 27.41 ? 9   LYS A CE  1 
ATOM   85   N NZ  . LYS A 1 9   ? 10.764  10.297  -8.395  1.00 30.69 ? 9   LYS A NZ  1 
ATOM   86   N N   . LEU A 1 10  ? 7.473   6.703   -6.494  1.00 12.04 ? 10  LEU A N   1 
ATOM   87   C CA  . LEU A 1 10  ? 8.421   5.934   -5.688  1.00 11.86 ? 10  LEU A CA  1 
ATOM   88   C C   . LEU A 1 10  ? 9.870   6.405   -5.881  1.00 13.85 ? 10  LEU A C   1 
ATOM   89   O O   . LEU A 1 10  ? 10.339  6.532   -7.013  1.00 13.12 ? 10  LEU A O   1 
ATOM   90   C CB  . LEU A 1 10  ? 8.298   4.445   -6.053  1.00 14.41 ? 10  LEU A CB  1 
ATOM   91   C CG  . LEU A 1 10  ? 9.204   3.445   -5.327  1.00 15.81 ? 10  LEU A CG  1 
ATOM   92   C CD1 . LEU A 1 10  ? 8.800   3.334   -3.862  1.00 16.51 ? 10  LEU A CD1 1 
ATOM   93   C CD2 . LEU A 1 10  ? 9.096   2.082   -6.001  1.00 18.56 ? 10  LEU A CD2 1 
ATOM   94   N N   A VAL A 1 11  ? 10.566  6.662   -4.775  0.50 13.35 ? 11  VAL A N   1 
ATOM   95   N N   B VAL A 1 11  ? 10.573  6.647   -4.779  0.50 13.37 ? 11  VAL A N   1 
ATOM   96   C CA  A VAL A 1 11  ? 11.955  7.115   -4.824  0.50 14.86 ? 11  VAL A CA  1 
ATOM   97   C CA  B VAL A 1 11  ? 11.964  7.088   -4.846  0.50 14.86 ? 11  VAL A CA  1 
ATOM   98   C C   A VAL A 1 11  ? 12.932  6.065   -4.292  0.50 15.28 ? 11  VAL A C   1 
ATOM   99   C C   B VAL A 1 11  ? 12.927  6.031   -4.319  0.50 15.29 ? 11  VAL A C   1 
ATOM   100  O O   A VAL A 1 11  ? 14.070  5.981   -4.757  0.50 16.49 ? 11  VAL A O   1 
ATOM   101  O O   B VAL A 1 11  ? 14.051  5.915   -4.810  0.50 16.51 ? 11  VAL A O   1 
ATOM   102  C CB  A VAL A 1 11  ? 12.143  8.439   -4.031  0.50 17.03 ? 11  VAL A CB  1 
ATOM   103  C CB  B VAL A 1 11  ? 12.187  8.390   -4.053  0.50 17.00 ? 11  VAL A CB  1 
ATOM   104  C CG1 A VAL A 1 11  ? 11.523  8.318   -2.655  0.50 17.81 ? 11  VAL A CG1 1 
ATOM   105  C CG1 B VAL A 1 11  ? 11.345  9.497   -4.643  0.50 16.39 ? 11  VAL A CG1 1 
ATOM   106  C CG2 A VAL A 1 11  ? 13.623  8.774   -3.913  0.50 17.10 ? 11  VAL A CG2 1 
ATOM   107  C CG2 B VAL A 1 11  ? 11.843  8.181   -2.590  0.50 18.24 ? 11  VAL A CG2 1 
ATOM   108  N N   . SER A 1 12  ? 12.494  5.266   -3.321  1.00 14.50 ? 12  SER A N   1 
ATOM   109  C CA  . SER A 1 12  ? 13.344  4.222   -2.743  1.00 13.65 ? 12  SER A CA  1 
ATOM   110  C C   . SER A 1 12  ? 12.527  3.088   -2.127  1.00 13.80 ? 12  SER A C   1 
ATOM   111  O O   . SER A 1 12  ? 11.405  3.290   -1.658  1.00 11.74 ? 12  SER A O   1 
ATOM   112  C CB  . SER A 1 12  ? 14.279  4.806   -1.684  1.00 15.25 ? 12  SER A CB  1 
ATOM   113  O OG  . SER A 1 12  ? 13.615  4.932   -0.444  1.00 18.36 ? 12  SER A OG  1 
ATOM   114  N N   . SER A 1 13  ? 13.118  1.900   -2.120  1.00 13.44 ? 13  SER A N   1 
ATOM   115  C CA  . SER A 1 13  ? 12.472  0.703   -1.599  1.00 13.25 ? 13  SER A CA  1 
ATOM   116  C C   . SER A 1 13  ? 13.474  -0.144  -0.807  1.00 13.52 ? 13  SER A C   1 
ATOM   117  O O   . SER A 1 13  ? 14.641  -0.267  -1.192  1.00 15.09 ? 13  SER A O   1 
ATOM   118  C CB  . SER A 1 13  ? 11.904  -0.097  -2.781  1.00 13.59 ? 13  SER A CB  1 
ATOM   119  O OG  . SER A 1 13  ? 11.254  -1.283  -2.376  1.00 15.93 ? 13  SER A OG  1 
ATOM   120  N N   A GLU A 1 14  ? 13.008  -0.726  0.295   0.50 13.05 ? 14  GLU A N   1 
ATOM   121  N N   B GLU A 1 14  ? 13.020  -0.719  0.304   0.50 12.72 ? 14  GLU A N   1 
ATOM   122  C CA  A GLU A 1 14  ? 13.850  -1.549  1.156   0.50 13.01 ? 14  GLU A CA  1 
ATOM   123  C CA  B GLU A 1 14  ? 13.879  -1.567  1.125   0.50 12.51 ? 14  GLU A CA  1 
ATOM   124  C C   A GLU A 1 14  ? 13.123  -2.820  1.603   0.50 11.94 ? 14  GLU A C   1 
ATOM   125  C C   B GLU A 1 14  ? 13.126  -2.817  1.576   0.50 11.56 ? 14  GLU A C   1 
ATOM   126  O O   A GLU A 1 14  ? 12.040  -2.750  2.180   0.50 10.88 ? 14  GLU A O   1 
ATOM   127  O O   B GLU A 1 14  ? 12.031  -2.728  2.129   0.50 10.42 ? 14  GLU A O   1 
ATOM   128  C CB  A GLU A 1 14  ? 14.274  -0.713  2.370   0.50 15.33 ? 14  GLU A CB  1 
ATOM   129  C CB  B GLU A 1 14  ? 14.389  -0.800  2.351   0.50 14.37 ? 14  GLU A CB  1 
ATOM   130  C CG  A GLU A 1 14  ? 14.878  -1.482  3.525   0.50 19.24 ? 14  GLU A CG  1 
ATOM   131  C CG  B GLU A 1 14  ? 15.396  -1.580  3.188   0.50 17.72 ? 14  GLU A CG  1 
ATOM   132  C CD  A GLU A 1 14  ? 15.354  -0.559  4.639   0.50 21.02 ? 14  GLU A CD  1 
ATOM   133  C CD  B GLU A 1 14  ? 15.908  -0.798  4.389   0.50 19.37 ? 14  GLU A CD  1 
ATOM   134  O OE1 A GLU A 1 14  ? 15.482  -1.033  5.788   0.50 21.54 ? 14  GLU A OE1 1 
ATOM   135  O OE1 B GLU A 1 14  ? 15.080  -0.359  5.221   0.50 19.85 ? 14  GLU A OE1 1 
ATOM   136  O OE2 A GLU A 1 14  ? 15.610  0.636   4.365   0.50 22.17 ? 14  GLU A OE2 1 
ATOM   137  O OE2 B GLU A 1 14  ? 17.143  -0.628  4.505   0.50 21.13 ? 14  GLU A OE2 1 
ATOM   138  N N   . ASN A 1 15  ? 13.723  -3.978  1.322   1.00 11.39 ? 15  ASN A N   1 
ATOM   139  C CA  . ASN A 1 15  ? 13.152  -5.280  1.698   1.00 11.10 ? 15  ASN A CA  1 
ATOM   140  C C   . ASN A 1 15  ? 11.771  -5.632  1.152   1.00 10.51 ? 15  ASN A C   1 
ATOM   141  O O   . ASN A 1 15  ? 11.086  -6.480  1.719   1.00 11.13 ? 15  ASN A O   1 
ATOM   142  C CB  . ASN A 1 15  ? 13.116  -5.419  3.225   1.00 12.92 ? 15  ASN A CB  1 
ATOM   143  C CG  . ASN A 1 15  ? 14.471  -5.204  3.852   1.00 15.16 ? 15  ASN A CG  1 
ATOM   144  O OD1 . ASN A 1 15  ? 15.476  -5.670  3.329   1.00 15.95 ? 15  ASN A OD1 1 
ATOM   145  N ND2 . ASN A 1 15  ? 14.507  -4.501  4.985   1.00 18.45 ? 15  ASN A ND2 1 
ATOM   146  N N   . PHE A 1 16  ? 11.359  -4.998  0.061   1.00 11.84 ? 16  PHE A N   1 
ATOM   147  C CA  . PHE A 1 16  ? 10.046  -5.274  -0.501  1.00 12.07 ? 16  PHE A CA  1 
ATOM   148  C C   . PHE A 1 16  ? 9.948   -6.686  -1.058  1.00 12.02 ? 16  PHE A C   1 
ATOM   149  O O   . PHE A 1 16  ? 8.909   -7.335  -0.937  1.00 11.32 ? 16  PHE A O   1 
ATOM   150  C CB  . PHE A 1 16  ? 9.708   -4.251  -1.590  1.00 14.84 ? 16  PHE A CB  1 
ATOM   151  C CG  . PHE A 1 16  ? 8.272   -4.299  -2.038  1.00 16.40 ? 16  PHE A CG  1 
ATOM   152  C CD1 . PHE A 1 16  ? 7.238   -4.237  -1.106  1.00 18.42 ? 16  PHE A CD1 1 
ATOM   153  C CD2 . PHE A 1 16  ? 7.951   -4.426  -3.387  1.00 17.46 ? 16  PHE A CD2 1 
ATOM   154  C CE1 . PHE A 1 16  ? 5.903   -4.307  -1.506  1.00 20.42 ? 16  PHE A CE1 1 
ATOM   155  C CE2 . PHE A 1 16  ? 6.623   -4.496  -3.798  1.00 19.37 ? 16  PHE A CE2 1 
ATOM   156  C CZ  . PHE A 1 16  ? 5.600   -4.437  -2.858  1.00 20.50 ? 16  PHE A CZ  1 
ATOM   157  N N   . ASP A 1 17  ? 11.021  -7.181  -1.662  1.00 12.91 ? 17  ASP A N   1 
ATOM   158  C CA  . ASP A 1 17  ? 10.950  -8.531  -2.187  1.00 12.91 ? 17  ASP A CA  1 
ATOM   159  C C   . ASP A 1 17  ? 10.854  -9.538  -1.043  1.00 12.35 ? 17  ASP A C   1 
ATOM   160  O O   . ASP A 1 17  ? 10.159  -10.549 -1.156  1.00 13.26 ? 17  ASP A O   1 
ATOM   161  C CB  . ASP A 1 17  ? 12.151  -8.847  -3.079  1.00 16.17 ? 17  ASP A CB  1 
ATOM   162  C CG  . ASP A 1 17  ? 11.931  -10.095 -3.908  1.00 20.49 ? 17  ASP A CG  1 
ATOM   163  O OD1 . ASP A 1 17  ? 12.147  -11.209 -3.398  1.00 24.00 ? 17  ASP A OD1 1 
ATOM   164  O OD2 . ASP A 1 17  ? 11.506  -9.974  -5.072  1.00 23.76 ? 17  ASP A OD2 1 
ATOM   165  N N   . ASP A 1 18  ? 11.536  -9.262  0.067   1.00 12.01 ? 18  ASP A N   1 
ATOM   166  C CA  . ASP A 1 18  ? 11.478  -10.165 1.215   1.00 12.33 ? 18  ASP A CA  1 
ATOM   167  C C   . ASP A 1 18  ? 10.082  -10.172 1.818   1.00 11.77 ? 18  ASP A C   1 
ATOM   168  O O   . ASP A 1 18  ? 9.601   -11.211 2.288   1.00 12.29 ? 18  ASP A O   1 
ATOM   169  C CB  . ASP A 1 18  ? 12.499  -9.761  2.275   1.00 12.57 ? 18  ASP A CB  1 
ATOM   170  C CG  . ASP A 1 18  ? 13.915  -10.101 1.864   1.00 16.17 ? 18  ASP A CG  1 
ATOM   171  O OD1 . ASP A 1 18  ? 14.156  -11.273 1.496   1.00 17.80 ? 18  ASP A OD1 1 
ATOM   172  O OD2 . ASP A 1 18  ? 14.779  -9.205  1.910   1.00 20.16 ? 18  ASP A OD2 1 
ATOM   173  N N   . TYR A 1 19  ? 9.438   -9.007  1.804   1.00 10.06 ? 19  TYR A N   1 
ATOM   174  C CA  . TYR A 1 19  ? 8.083   -8.892  2.321   1.00 11.61 ? 19  TYR A CA  1 
ATOM   175  C C   . TYR A 1 19  ? 7.138   -9.734  1.466   1.00 11.05 ? 19  TYR A C   1 
ATOM   176  O O   . TYR A 1 19  ? 6.324   -10.481 1.996   1.00 11.26 ? 19  TYR A O   1 
ATOM   177  C CB  . TYR A 1 19  ? 7.622   -7.425  2.309   1.00 10.44 ? 19  TYR A CB  1 
ATOM   178  C CG  . TYR A 1 19  ? 6.143   -7.236  2.580   1.00 10.14 ? 19  TYR A CG  1 
ATOM   179  C CD1 . TYR A 1 19  ? 5.608   -7.448  3.850   1.00 8.56  ? 19  TYR A CD1 1 
ATOM   180  C CD2 . TYR A 1 19  ? 5.272   -6.876  1.549   1.00 10.26 ? 19  TYR A CD2 1 
ATOM   181  C CE1 . TYR A 1 19  ? 4.236   -7.307  4.087   1.00 8.60  ? 19  TYR A CE1 1 
ATOM   182  C CE2 . TYR A 1 19  ? 3.910   -6.734  1.774   1.00 10.10 ? 19  TYR A CE2 1 
ATOM   183  C CZ  . TYR A 1 19  ? 3.398   -6.952  3.042   1.00 9.66  ? 19  TYR A CZ  1 
ATOM   184  O OH  . TYR A 1 19  ? 2.045   -6.822  3.257   1.00 10.39 ? 19  TYR A OH  1 
ATOM   185  N N   A MET A 1 20  ? 7.244   -9.611  0.145   0.50 12.18 ? 20  MET A N   1 
ATOM   186  N N   B MET A 1 20  ? 7.252   -9.610  0.144   0.50 10.82 ? 20  MET A N   1 
ATOM   187  C CA  A MET A 1 20  ? 6.378   -10.376 -0.748  0.50 13.63 ? 20  MET A CA  1 
ATOM   188  C CA  B MET A 1 20  ? 6.396   -10.370 -0.766  0.50 11.28 ? 20  MET A CA  1 
ATOM   189  C C   A MET A 1 20  ? 6.564   -11.884 -0.599  0.50 13.36 ? 20  MET A C   1 
ATOM   190  C C   B MET A 1 20  ? 6.567   -11.878 -0.605  0.50 11.79 ? 20  MET A C   1 
ATOM   191  O O   A MET A 1 20  ? 5.610   -12.646 -0.745  0.50 14.32 ? 20  MET A O   1 
ATOM   192  O O   B MET A 1 20  ? 5.608   -12.632 -0.744  0.50 13.04 ? 20  MET A O   1 
ATOM   193  C CB  A MET A 1 20  ? 6.601   -9.960  -2.205  0.50 15.28 ? 20  MET A CB  1 
ATOM   194  C CB  B MET A 1 20  ? 6.661   -9.975  -2.226  0.50 10.16 ? 20  MET A CB  1 
ATOM   195  C CG  A MET A 1 20  ? 6.102   -8.554  -2.520  0.50 17.89 ? 20  MET A CG  1 
ATOM   196  C CG  B MET A 1 20  ? 6.206   -8.563  -2.589  0.50 9.76  ? 20  MET A CG  1 
ATOM   197  S SD  A MET A 1 20  ? 4.335   -8.338  -2.163  0.50 23.35 ? 20  MET A SD  1 
ATOM   198  S SD  B MET A 1 20  ? 6.179   -8.240  -4.374  0.50 9.35  ? 20  MET A SD  1 
ATOM   199  C CE  A MET A 1 20  ? 3.635   -8.410  -3.811  0.50 21.97 ? 20  MET A CE  1 
ATOM   200  C CE  B MET A 1 20  ? 7.862   -7.632  -4.639  0.50 12.24 ? 20  MET A CE  1 
ATOM   201  N N   . LYS A 1 21  ? 7.788   -12.317 -0.316  1.00 14.16 ? 21  LYS A N   1 
ATOM   202  C CA  . LYS A 1 21  ? 8.058   -13.742 -0.127  1.00 15.45 ? 21  LYS A CA  1 
ATOM   203  C C   . LYS A 1 21  ? 7.351   -14.260 1.116   1.00 15.78 ? 21  LYS A C   1 
ATOM   204  O O   . LYS A 1 21  ? 6.797   -15.359 1.112   1.00 15.61 ? 21  LYS A O   1 
ATOM   205  C CB  . LYS A 1 21  ? 9.590   -14.009 0.015   1.00 18.62 ? 21  LYS A CB  1 
ATOM   206  C CG  . LYS A 1 21  ? 10.386  -13.608 -1.217  1.00 22.89 ? 21  LYS A CG  1 
ATOM   207  C CD  . LYS A 1 21  ? 11.819  -14.100 -1.135  1.00 28.33 ? 21  LYS A CD  1 
ATOM   208  C CE  . LYS A 1 21  ? 12.803  -12.996 -1.491  1.00 30.41 ? 21  LYS A CE  1 
ATOM   209  N NZ  . LYS A 1 21  ? 13.540  -13.291 -2.749  1.00 33.63 ? 21  LYS A NZ  1 
ATOM   210  N N   A GLU A 1 22  ? 7.338   -13.444 2.162   0.50 15.37 ? 22  GLU A N   1 
ATOM   211  N N   B GLU A 1 22  ? 7.344   -13.469 2.183   0.50 15.12 ? 22  GLU A N   1 
ATOM   212  C CA  A GLU A 1 22  ? 6.691   -13.809 3.415   0.50 15.87 ? 22  GLU A CA  1 
ATOM   213  C CA  B GLU A 1 22  ? 6.669   -13.890 3.407   0.50 15.41 ? 22  GLU A CA  1 
ATOM   214  C C   A GLU A 1 22  ? 5.173   -13.894 3.229   0.50 15.78 ? 22  GLU A C   1 
ATOM   215  C C   B GLU A 1 22  ? 5.156   -13.938 3.196   0.50 15.51 ? 22  GLU A C   1 
ATOM   216  O O   A GLU A 1 22  ? 4.500   -14.711 3.856   0.50 15.74 ? 22  GLU A O   1 
ATOM   217  O O   B GLU A 1 22  ? 4.463   -14.770 3.780   0.50 15.51 ? 22  GLU A O   1 
ATOM   218  C CB  A GLU A 1 22  ? 7.035   -12.771 4.483   0.50 17.30 ? 22  GLU A CB  1 
ATOM   219  C CB  B GLU A 1 22  ? 7.006   -12.939 4.561   0.50 16.33 ? 22  GLU A CB  1 
ATOM   220  C CG  A GLU A 1 22  ? 6.990   -13.299 5.901   0.50 18.52 ? 22  GLU A CG  1 
ATOM   221  C CG  B GLU A 1 22  ? 8.466   -12.970 4.994   0.50 17.20 ? 22  GLU A CG  1 
ATOM   222  C CD  A GLU A 1 22  ? 7.908   -14.492 6.097   0.50 20.70 ? 22  GLU A CD  1 
ATOM   223  C CD  B GLU A 1 22  ? 8.915   -14.343 5.477   0.50 18.37 ? 22  GLU A CD  1 
ATOM   224  O OE1 A GLU A 1 22  ? 9.091   -14.413 5.697   0.50 21.00 ? 22  GLU A OE1 1 
ATOM   225  O OE1 B GLU A 1 22  ? 9.896   -14.878 4.919   0.50 18.97 ? 22  GLU A OE1 1 
ATOM   226  O OE2 A GLU A 1 22  ? 7.448   -15.510 6.652   0.50 22.40 ? 22  GLU A OE2 1 
ATOM   227  O OE2 B GLU A 1 22  ? 8.297   -14.887 6.419   0.50 19.29 ? 22  GLU A OE2 1 
ATOM   228  N N   . VAL A 1 23  ? 4.642   -13.038 2.362   1.00 15.67 ? 23  VAL A N   1 
ATOM   229  C CA  . VAL A 1 23  ? 3.213   -13.006 2.073   1.00 15.98 ? 23  VAL A CA  1 
ATOM   230  C C   . VAL A 1 23  ? 2.838   -14.220 1.215   1.00 16.59 ? 23  VAL A C   1 
ATOM   231  O O   . VAL A 1 23  ? 1.685   -14.661 1.210   1.00 17.99 ? 23  VAL A O   1 
ATOM   232  C CB  . VAL A 1 23  ? 2.836   -11.689 1.335   1.00 13.69 ? 23  VAL A CB  1 
ATOM   233  C CG1 . VAL A 1 23  ? 1.414   -11.757 0.791   1.00 15.15 ? 23  VAL A CG1 1 
ATOM   234  C CG2 . VAL A 1 23  ? 2.977   -10.516 2.294   1.00 14.62 ? 23  VAL A CG2 1 
ATOM   235  N N   . GLY A 1 24  ? 3.822   -14.753 0.492   1.00 16.25 ? 24  GLY A N   1 
ATOM   236  C CA  . GLY A 1 24  ? 3.582   -15.918 -0.338  1.00 17.39 ? 24  GLY A CA  1 
ATOM   237  C C   . GLY A 1 24  ? 3.544   -15.686 -1.840  1.00 17.87 ? 24  GLY A C   1 
ATOM   238  O O   . GLY A 1 24  ? 3.206   -16.594 -2.594  1.00 19.38 ? 24  GLY A O   1 
ATOM   239  N N   . VAL A 1 25  ? 3.888   -14.485 -2.285  1.00 16.55 ? 25  VAL A N   1 
ATOM   240  C CA  . VAL A 1 25  ? 3.886   -14.172 -3.709  1.00 16.68 ? 25  VAL A CA  1 
ATOM   241  C C   . VAL A 1 25  ? 4.905   -15.012 -4.492  1.00 17.35 ? 25  VAL A C   1 
ATOM   242  O O   . VAL A 1 25  ? 6.037   -15.215 -4.044  1.00 17.12 ? 25  VAL A O   1 
ATOM   243  C CB  . VAL A 1 25  ? 4.176   -12.675 -3.929  1.00 14.64 ? 25  VAL A CB  1 
ATOM   244  C CG1 . VAL A 1 25  ? 4.119   -12.342 -5.413  1.00 15.91 ? 25  VAL A CG1 1 
ATOM   245  C CG2 . VAL A 1 25  ? 3.160   -11.834 -3.153  1.00 14.98 ? 25  VAL A CG2 1 
ATOM   246  N N   . GLY A 1 26  ? 4.492   -15.496 -5.662  1.00 18.78 ? 26  GLY A N   1 
ATOM   247  C CA  . GLY A 1 26  ? 5.371   -16.316 -6.493  1.00 19.82 ? 26  GLY A CA  1 
ATOM   248  C C   . GLY A 1 26  ? 6.538   -15.576 -7.136  1.00 19.64 ? 26  GLY A C   1 
ATOM   249  O O   . GLY A 1 26  ? 6.516   -14.359 -7.264  1.00 19.50 ? 26  GLY A O   1 
ATOM   250  N N   . PHE A 1 27  ? 7.557   -16.321 -7.560  1.00 19.90 ? 27  PHE A N   1 
ATOM   251  C CA  . PHE A 1 27  ? 8.753   -15.745 -8.180  1.00 19.70 ? 27  PHE A CA  1 
ATOM   252  C C   . PHE A 1 27  ? 8.473   -14.777 -9.340  1.00 19.58 ? 27  PHE A C   1 
ATOM   253  O O   . PHE A 1 27  ? 8.925   -13.624 -9.316  1.00 19.96 ? 27  PHE A O   1 
ATOM   254  C CB  . PHE A 1 27  ? 9.676   -16.881 -8.658  1.00 20.29 ? 27  PHE A CB  1 
ATOM   255  C CG  . PHE A 1 27  ? 10.959  -16.409 -9.286  1.00 20.60 ? 27  PHE A CG  1 
ATOM   256  C CD1 . PHE A 1 27  ? 11.948  -15.799 -8.523  1.00 22.03 ? 27  PHE A CD1 1 
ATOM   257  C CD2 . PHE A 1 27  ? 11.180  -16.578 -10.654 1.00 21.42 ? 27  PHE A CD2 1 
ATOM   258  C CE1 . PHE A 1 27  ? 13.138  -15.362 -9.110  1.00 21.81 ? 27  PHE A CE1 1 
ATOM   259  C CE2 . PHE A 1 27  ? 12.363  -16.148 -11.250 1.00 21.42 ? 27  PHE A CE2 1 
ATOM   260  C CZ  . PHE A 1 27  ? 13.343  -15.539 -10.482 1.00 22.14 ? 27  PHE A CZ  1 
ATOM   261  N N   . ALA A 1 28  ? 7.734   -15.226 -10.352 1.00 19.36 ? 28  ALA A N   1 
ATOM   262  C CA  . ALA A 1 28  ? 7.440   -14.364 -11.499 1.00 19.05 ? 28  ALA A CA  1 
ATOM   263  C C   . ALA A 1 28  ? 6.704   -13.090 -11.093 1.00 18.99 ? 28  ALA A C   1 
ATOM   264  O O   . ALA A 1 28  ? 7.053   -11.991 -11.529 1.00 18.07 ? 28  ALA A O   1 
ATOM   265  C CB  . ALA A 1 28  ? 6.627   -15.124 -12.542 1.00 19.48 ? 28  ALA A CB  1 
ATOM   266  N N   . THR A 1 29  ? 5.688   -13.242 -10.251 1.00 19.10 ? 29  THR A N   1 
ATOM   267  C CA  . THR A 1 29  ? 4.900   -12.104 -9.790  1.00 19.14 ? 29  THR A CA  1 
ATOM   268  C C   . THR A 1 29  ? 5.758   -11.122 -8.997  1.00 18.12 ? 29  THR A C   1 
ATOM   269  O O   . THR A 1 29  ? 5.604   -9.913  -9.148  1.00 18.04 ? 29  THR A O   1 
ATOM   270  C CB  . THR A 1 29  ? 3.706   -12.566 -8.930  1.00 19.41 ? 29  THR A CB  1 
ATOM   271  O OG1 . THR A 1 29  ? 2.863   -13.422 -9.715  1.00 20.78 ? 29  THR A OG1 1 
ATOM   272  C CG2 . THR A 1 29  ? 2.890   -11.362 -8.450  1.00 19.56 ? 29  THR A CG2 1 
ATOM   273  N N   . ARG A 1 30  ? 6.659   -11.634 -8.158  1.00 17.20 ? 30  ARG A N   1 
ATOM   274  C CA  . ARG A 1 30  ? 7.536   -10.762 -7.374  1.00 16.52 ? 30  ARG A CA  1 
ATOM   275  C C   . ARG A 1 30  ? 8.443   -9.992  -8.330  1.00 16.00 ? 30  ARG A C   1 
ATOM   276  O O   . ARG A 1 30  ? 8.737   -8.808  -8.139  1.00 17.19 ? 30  ARG A O   1 
ATOM   277  C CB  . ARG A 1 30  ? 8.435   -11.568 -6.422  1.00 15.35 ? 30  ARG A CB  1 
ATOM   278  C CG  . ARG A 1 30  ? 7.754   -12.339 -5.315  1.00 15.61 ? 30  ARG A CG  1 
ATOM   279  C CD  . ARG A 1 30  ? 8.726   -12.540 -4.141  1.00 15.11 ? 30  ARG A CD  1 
ATOM   280  N NE  . ARG A 1 30  ? 10.013  -13.137 -4.513  1.00 20.02 ? 30  ARG A NE  1 
ATOM   281  C CZ  . ARG A 1 30  ? 10.237  -14.440 -4.657  1.00 18.93 ? 30  ARG A CZ  1 
ATOM   282  N NH1 . ARG A 1 30  ? 9.260   -15.312 -4.467  1.00 20.38 ? 30  ARG A NH1 1 
ATOM   283  N NH2 . ARG A 1 30  ? 11.449  -14.876 -4.966  1.00 20.47 ? 30  ARG A NH2 1 
ATOM   284  N N   . LYS A 1 31  ? 8.895   -10.684 -9.367  1.00 15.89 ? 31  LYS A N   1 
ATOM   285  C CA  . LYS A 1 31  ? 9.783   -10.081 -10.342 1.00 17.54 ? 31  LYS A CA  1 
ATOM   286  C C   . LYS A 1 31  ? 9.179   -8.909  -11.110 1.00 17.54 ? 31  LYS A C   1 
ATOM   287  O O   . LYS A 1 31  ? 9.770   -7.832  -11.178 1.00 17.54 ? 31  LYS A O   1 
ATOM   288  C CB  . LYS A 1 31  ? 10.274  -11.147 -11.321 1.00 19.04 ? 31  LYS A CB  1 
ATOM   289  C CG  . LYS A 1 31  ? 11.273  -12.097 -10.692 1.00 23.15 ? 31  LYS A CG  1 
ATOM   290  C CD  . LYS A 1 31  ? 12.503  -11.331 -10.227 1.00 25.65 ? 31  LYS A CD  1 
ATOM   291  C CE  . LYS A 1 31  ? 13.482  -12.239 -9.522  1.00 28.56 ? 31  LYS A CE  1 
ATOM   292  N NZ  . LYS A 1 31  ? 14.685  -11.496 -9.077  1.00 30.28 ? 31  LYS A NZ  1 
ATOM   293  N N   A VAL A 1 32  ? 8.000   -9.119  -11.684 0.50 18.61 ? 32  VAL A N   1 
ATOM   294  N N   B VAL A 1 32  ? 8.000   -9.118  -11.685 0.50 18.60 ? 32  VAL A N   1 
ATOM   295  C CA  A VAL A 1 32  ? 7.351   -8.062  -12.446 0.50 20.00 ? 32  VAL A CA  1 
ATOM   296  C CA  B VAL A 1 32  ? 7.352   -8.062  -12.447 0.50 19.98 ? 32  VAL A CA  1 
ATOM   297  C C   A VAL A 1 32  ? 6.925   -6.935  -11.513 0.50 20.84 ? 32  VAL A C   1 
ATOM   298  C C   B VAL A 1 32  ? 6.923   -6.935  -11.513 0.50 20.82 ? 32  VAL A C   1 
ATOM   299  O O   A VAL A 1 32  ? 7.051   -5.757  -11.849 0.50 20.23 ? 32  VAL A O   1 
ATOM   300  O O   B VAL A 1 32  ? 7.047   -5.756  -11.851 0.50 20.22 ? 32  VAL A O   1 
ATOM   301  C CB  A VAL A 1 32  ? 6.117   -8.596  -13.220 0.50 21.20 ? 32  VAL A CB  1 
ATOM   302  C CB  B VAL A 1 32  ? 6.120   -8.596  -13.224 0.50 21.16 ? 32  VAL A CB  1 
ATOM   303  C CG1 A VAL A 1 32  ? 5.035   -9.051  -12.247 0.50 21.02 ? 32  VAL A CG1 1 
ATOM   304  C CG1 B VAL A 1 32  ? 5.028   -9.034  -12.255 0.50 20.97 ? 32  VAL A CG1 1 
ATOM   305  C CG2 A VAL A 1 32  ? 5.589   -7.518  -14.161 0.50 21.57 ? 32  VAL A CG2 1 
ATOM   306  C CG2 B VAL A 1 32  ? 5.607   -7.525  -14.182 0.50 21.48 ? 32  VAL A CG2 1 
ATOM   307  N N   . ALA A 1 33  ? 6.436   -7.306  -10.333 1.00 21.01 ? 33  ALA A N   1 
ATOM   308  C CA  . ALA A 1 33  ? 5.992   -6.333  -9.345  1.00 23.03 ? 33  ALA A CA  1 
ATOM   309  C C   . ALA A 1 33  ? 7.137   -5.403  -8.952  1.00 24.80 ? 33  ALA A C   1 
ATOM   310  O O   . ALA A 1 33  ? 6.937   -4.198  -8.790  1.00 24.36 ? 33  ALA A O   1 
ATOM   311  C CB  . ALA A 1 33  ? 5.457   -7.055  -8.117  1.00 24.86 ? 33  ALA A CB  1 
ATOM   312  N N   . GLY A 1 34  ? 8.331   -5.972  -8.793  1.00 25.65 ? 34  GLY A N   1 
ATOM   313  C CA  . GLY A 1 34  ? 9.493   -5.183  -8.427  1.00 28.47 ? 34  GLY A CA  1 
ATOM   314  C C   . GLY A 1 34  ? 10.029  -4.309  -9.547  1.00 30.14 ? 34  GLY A C   1 
ATOM   315  O O   . GLY A 1 34  ? 10.682  -3.300  -9.278  1.00 31.66 ? 34  GLY A O   1 
ATOM   316  N N   . MET A 1 35  ? 9.773   -4.687  -10.797 1.00 31.12 ? 35  MET A N   1 
ATOM   317  C CA  . MET A 1 35  ? 10.243  -3.906  -11.943 1.00 33.02 ? 35  MET A CA  1 
ATOM   318  C C   . MET A 1 35  ? 9.271   -2.770  -12.278 1.00 33.15 ? 35  MET A C   1 
ATOM   319  O O   . MET A 1 35  ? 9.668   -1.763  -12.872 1.00 33.69 ? 35  MET A O   1 
ATOM   320  C CB  . MET A 1 35  ? 10.396  -4.793  -13.191 1.00 34.94 ? 35  MET A CB  1 
ATOM   321  C CG  . MET A 1 35  ? 11.679  -5.632  -13.275 1.00 38.29 ? 35  MET A CG  1 
ATOM   322  S SD  . MET A 1 35  ? 11.824  -6.517  -14.865 1.00 43.53 ? 35  MET A SD  1 
ATOM   323  C CE  . MET A 1 35  ? 10.827  -7.925  -14.515 1.00 41.13 ? 35  MET A CE  1 
ATOM   324  N N   . ALA A 1 36  ? 8.010   -2.929  -11.877 1.00 32.42 ? 36  ALA A N   1 
ATOM   325  C CA  . ALA A 1 36  ? 6.947   -1.961  -12.175 1.00 31.41 ? 36  ALA A CA  1 
ATOM   326  C C   . ALA A 1 36  ? 7.039   -0.556  -11.583 1.00 31.07 ? 36  ALA A C   1 
ATOM   327  O O   . ALA A 1 36  ? 6.723   0.423   -12.271 1.00 31.28 ? 36  ALA A O   1 
ATOM   328  C CB  . ALA A 1 36  ? 5.587   -2.572  -11.811 1.00 31.24 ? 36  ALA A CB  1 
ATOM   329  N N   . LYS A 1 37  ? 7.439   -0.458  -10.317 1.00 29.75 ? 37  LYS A N   1 
ATOM   330  C CA  . LYS A 1 37  ? 7.539   0.822   -9.611  1.00 28.94 ? 37  LYS A CA  1 
ATOM   331  C C   . LYS A 1 37  ? 6.272   1.680   -9.769  1.00 26.97 ? 37  LYS A C   1 
ATOM   332  O O   . LYS A 1 37  ? 6.321   2.829   -10.235 1.00 26.36 ? 37  LYS A O   1 
ATOM   333  C CB  . LYS A 1 37  ? 8.774   1.599   -10.084 1.00 30.33 ? 37  LYS A CB  1 
ATOM   334  C CG  . LYS A 1 37  ? 10.095  0.910   -9.737  1.00 31.51 ? 37  LYS A CG  1 
ATOM   335  C CD  . LYS A 1 37  ? 11.252  1.891   -9.773  1.00 33.82 ? 37  LYS A CD  1 
ATOM   336  C CE  . LYS A 1 37  ? 12.532  1.279   -9.210  1.00 35.66 ? 37  LYS A CE  1 
ATOM   337  N NZ  . LYS A 1 37  ? 13.609  2.308   -9.076  1.00 37.15 ? 37  LYS A NZ  1 
ATOM   338  N N   . PRO A 1 38  ? 5.122   1.142   -9.344  1.00 25.21 ? 38  PRO A N   1 
ATOM   339  C CA  . PRO A 1 38  ? 3.861   1.875   -9.459  1.00 23.04 ? 38  PRO A CA  1 
ATOM   340  C C   . PRO A 1 38  ? 3.819   3.147   -8.627  1.00 22.05 ? 38  PRO A C   1 
ATOM   341  O O   . PRO A 1 38  ? 4.460   3.242   -7.581  1.00 22.64 ? 38  PRO A O   1 
ATOM   342  C CB  . PRO A 1 38  ? 2.838   0.855   -8.988  1.00 24.67 ? 38  PRO A CB  1 
ATOM   343  C CG  . PRO A 1 38  ? 3.575   0.167   -7.893  1.00 25.58 ? 38  PRO A CG  1 
ATOM   344  C CD  . PRO A 1 38  ? 4.930   -0.082  -8.542  1.00 25.43 ? 38  PRO A CD  1 
ATOM   345  N N   . ASN A 1 39  ? 3.073   4.137   -9.104  1.00 20.05 ? 39  ASN A N   1 
ATOM   346  C CA  . ASN A 1 39  ? 2.936   5.375   -8.352  1.00 19.08 ? 39  ASN A CA  1 
ATOM   347  C C   . ASN A 1 39  ? 1.796   5.173   -7.357  1.00 17.96 ? 39  ASN A C   1 
ATOM   348  O O   . ASN A 1 39  ? 1.327   4.049   -7.145  1.00 17.63 ? 39  ASN A O   1 
ATOM   349  C CB  . ASN A 1 39  ? 2.597   6.544   -9.275  1.00 19.09 ? 39  ASN A CB  1 
ATOM   350  C CG  . ASN A 1 39  ? 1.291   6.338   -10.013 1.00 22.44 ? 39  ASN A CG  1 
ATOM   351  O OD1 . ASN A 1 39  ? 0.383   5.652   -9.524  1.00 23.91 ? 39  ASN A OD1 1 
ATOM   352  N ND2 . ASN A 1 39  ? 1.176   6.942   -11.187 1.00 25.51 ? 39  ASN A ND2 1 
ATOM   353  N N   . MET A 1 40  ? 1.350   6.256   -6.733  1.00 15.71 ? 40  MET A N   1 
ATOM   354  C CA  . MET A 1 40  ? 0.242   6.155   -5.801  1.00 16.58 ? 40  MET A CA  1 
ATOM   355  C C   . MET A 1 40  ? -0.547  7.441   -5.867  1.00 15.42 ? 40  MET A C   1 
ATOM   356  O O   . MET A 1 40  ? 0.012   8.524   -5.710  1.00 16.74 ? 40  MET A O   1 
ATOM   357  C CB  . MET A 1 40  ? 0.738   5.931   -4.375  1.00 17.93 ? 40  MET A CB  1 
ATOM   358  C CG  . MET A 1 40  ? -0.388  5.515   -3.430  1.00 21.59 ? 40  MET A CG  1 
ATOM   359  S SD  . MET A 1 40  ? 0.151   5.099   -1.769  1.00 25.85 ? 40  MET A SD  1 
ATOM   360  C CE  . MET A 1 40  ? 1.303   3.788   -2.102  1.00 26.26 ? 40  MET A CE  1 
ATOM   361  N N   . ILE A 1 41  ? -1.848  7.327   -6.111  1.00 12.60 ? 41  ILE A N   1 
ATOM   362  C CA  . ILE A 1 41  ? -2.703  8.505   -6.198  1.00 11.66 ? 41  ILE A CA  1 
ATOM   363  C C   . ILE A 1 41  ? -3.792  8.415   -5.147  1.00 11.38 ? 41  ILE A C   1 
ATOM   364  O O   . ILE A 1 41  ? -4.582  7.472   -5.140  1.00 11.30 ? 41  ILE A O   1 
ATOM   365  C CB  . ILE A 1 41  ? -3.342  8.625   -7.584  1.00 14.47 ? 41  ILE A CB  1 
ATOM   366  C CG1 . ILE A 1 41  ? -2.252  8.549   -8.655  1.00 15.37 ? 41  ILE A CG1 1 
ATOM   367  C CG2 . ILE A 1 41  ? -4.073  9.950   -7.699  1.00 14.90 ? 41  ILE A CG2 1 
ATOM   368  C CD1 . ILE A 1 41  ? -2.760  8.106   -10.008 1.00 18.44 ? 41  ILE A CD1 1 
ATOM   369  N N   . ILE A 1 42  ? -3.826  9.408   -4.264  1.00 8.66  ? 42  ILE A N   1 
ATOM   370  C CA  . ILE A 1 42  ? -4.792  9.441   -3.179  1.00 8.93  ? 42  ILE A CA  1 
ATOM   371  C C   . ILE A 1 42  ? -5.745  10.620  -3.309  1.00 9.55  ? 42  ILE A C   1 
ATOM   372  O O   . ILE A 1 42  ? -5.317  11.748  -3.541  1.00 9.69  ? 42  ILE A O   1 
ATOM   373  C CB  . ILE A 1 42  ? -4.066  9.532   -1.816  1.00 9.77  ? 42  ILE A CB  1 
ATOM   374  C CG1 . ILE A 1 42  ? -3.109  8.343   -1.665  1.00 11.32 ? 42  ILE A CG1 1 
ATOM   375  C CG2 . ILE A 1 42  ? -5.081  9.560   -0.672  1.00 11.07 ? 42  ILE A CG2 1 
ATOM   376  C CD1 . ILE A 1 42  ? -2.269  8.383   -0.401  1.00 13.18 ? 42  ILE A CD1 1 
ATOM   377  N N   . SER A 1 43  ? -7.037  10.344  -3.165  1.00 10.16 ? 43  SER A N   1 
ATOM   378  C CA  . SER A 1 43  ? -8.048  11.395  -3.246  1.00 9.67  ? 43  SER A CA  1 
ATOM   379  C C   . SER A 1 43  ? -9.171  11.111  -2.260  1.00 9.94  ? 43  SER A C   1 
ATOM   380  O O   . SER A 1 43  ? -9.356  9.967   -1.825  1.00 11.65 ? 43  SER A O   1 
ATOM   381  C CB  . SER A 1 43  ? -8.618  11.503  -4.667  1.00 9.27  ? 43  SER A CB  1 
ATOM   382  O OG  . SER A 1 43  ? -9.196  10.289  -5.104  1.00 11.25 ? 43  SER A OG  1 
ATOM   383  N N   . VAL A 1 44  ? -9.908  12.158  -1.906  1.00 10.46 ? 44  VAL A N   1 
ATOM   384  C CA  . VAL A 1 44  ? -11.016 12.024  -0.967  1.00 10.39 ? 44  VAL A CA  1 
ATOM   385  C C   . VAL A 1 44  ? -12.274 12.680  -1.526  1.00 10.01 ? 44  VAL A C   1 
ATOM   386  O O   . VAL A 1 44  ? -12.216 13.734  -2.150  1.00 12.79 ? 44  VAL A O   1 
ATOM   387  C CB  . VAL A 1 44  ? -10.679 12.674  0.397   1.00 12.43 ? 44  VAL A CB  1 
ATOM   388  C CG1 . VAL A 1 44  ? -11.824 12.434  1.388   1.00 14.76 ? 44  VAL A CG1 1 
ATOM   389  C CG2 . VAL A 1 44  ? -9.373  12.106  0.938   1.00 13.54 ? 44  VAL A CG2 1 
ATOM   390  N N   . ASN A 1 45  ? -13.416 12.044  -1.310  1.00 9.69  ? 45  ASN A N   1 
ATOM   391  C CA  . ASN A 1 45  ? -14.676 12.600  -1.784  1.00 9.74  ? 45  ASN A CA  1 
ATOM   392  C C   . ASN A 1 45  ? -15.700 12.272  -0.717  1.00 10.57 ? 45  ASN A C   1 
ATOM   393  O O   . ASN A 1 45  ? -16.137 11.125  -0.596  1.00 10.92 ? 45  ASN A O   1 
ATOM   394  C CB  . ASN A 1 45  ? -15.082 11.965  -3.113  1.00 10.45 ? 45  ASN A CB  1 
ATOM   395  C CG  . ASN A 1 45  ? -16.308 12.637  -3.727  1.00 12.08 ? 45  ASN A CG  1 
ATOM   396  O OD1 . ASN A 1 45  ? -17.223 13.030  -3.015  1.00 14.55 ? 45  ASN A OD1 1 
ATOM   397  N ND2 . ASN A 1 45  ? -16.329 12.753  -5.050  1.00 13.60 ? 45  ASN A ND2 1 
ATOM   398  N N   . GLY A 1 46  ? -16.079 13.280  0.061   1.00 10.70 ? 46  GLY A N   1 
ATOM   399  C CA  . GLY A 1 46  ? -17.024 13.048  1.133   1.00 11.72 ? 46  GLY A CA  1 
ATOM   400  C C   . GLY A 1 46  ? -16.307 12.192  2.160   1.00 11.89 ? 46  GLY A C   1 
ATOM   401  O O   . GLY A 1 46  ? -15.202 12.527  2.583   1.00 13.51 ? 46  GLY A O   1 
ATOM   402  N N   . ASP A 1 47  ? -16.903 11.075  2.551   1.00 12.88 ? 47  ASP A N   1 
ATOM   403  C CA  . ASP A 1 47  ? -16.240 10.217  3.520   1.00 15.55 ? 47  ASP A CA  1 
ATOM   404  C C   . ASP A 1 47  ? -15.592 9.001   2.874   1.00 15.10 ? 47  ASP A C   1 
ATOM   405  O O   . ASP A 1 47  ? -15.215 8.047   3.566   1.00 15.09 ? 47  ASP A O   1 
ATOM   406  C CB  . ASP A 1 47  ? -17.212 9.765   4.611   1.00 17.67 ? 47  ASP A CB  1 
ATOM   407  C CG  . ASP A 1 47  ? -18.409 9.035   4.061   1.00 20.51 ? 47  ASP A CG  1 
ATOM   408  O OD1 . ASP A 1 47  ? -18.353 8.597   2.896   1.00 24.24 ? 47  ASP A OD1 1 
ATOM   409  O OD2 . ASP A 1 47  ? -19.407 8.890   4.803   1.00 24.12 ? 47  ASP A OD2 1 
ATOM   410  N N   . LEU A 1 48  ? -15.463 9.028   1.550   1.00 12.45 ? 48  LEU A N   1 
ATOM   411  C CA  . LEU A 1 48  ? -14.832 7.922   0.852   1.00 12.84 ? 48  LEU A CA  1 
ATOM   412  C C   . LEU A 1 48  ? -13.440 8.327   0.399   1.00 11.41 ? 48  LEU A C   1 
ATOM   413  O O   . LEU A 1 48  ? -13.258 9.383   -0.203  1.00 10.70 ? 48  LEU A O   1 
ATOM   414  C CB  . LEU A 1 48  ? -15.670 7.483   -0.352  1.00 14.55 ? 48  LEU A CB  1 
ATOM   415  C CG  . LEU A 1 48  ? -16.950 6.697   -0.030  1.00 18.54 ? 48  LEU A CG  1 
ATOM   416  C CD1 . LEU A 1 48  ? -17.703 6.409   -1.321  1.00 18.56 ? 48  LEU A CD1 1 
ATOM   417  C CD2 . LEU A 1 48  ? -16.601 5.387   0.694   1.00 18.64 ? 48  LEU A CD2 1 
ATOM   418  N N   . VAL A 1 49  ? -12.461 7.488   0.723   1.00 9.51  ? 49  VAL A N   1 
ATOM   419  C CA  . VAL A 1 49  ? -11.078 7.726   0.350   1.00 8.90  ? 49  VAL A CA  1 
ATOM   420  C C   . VAL A 1 49  ? -10.734 6.735   -0.750  1.00 9.04  ? 49  VAL A C   1 
ATOM   421  O O   . VAL A 1 49  ? -11.169 5.587   -0.711  1.00 10.55 ? 49  VAL A O   1 
ATOM   422  C CB  . VAL A 1 49  ? -10.118 7.481   1.534   1.00 8.26  ? 49  VAL A CB  1 
ATOM   423  C CG1 . VAL A 1 49  ? -8.703  7.900   1.149   1.00 10.45 ? 49  VAL A CG1 1 
ATOM   424  C CG2 . VAL A 1 49  ? -10.595 8.231   2.760   1.00 11.33 ? 49  VAL A CG2 1 
ATOM   425  N N   . THR A 1 50  ? -9.964  7.184   -1.732  1.00 8.87  ? 50  THR A N   1 
ATOM   426  C CA  . THR A 1 50  ? -9.571  6.324   -2.835  1.00 8.15  ? 50  THR A CA  1 
ATOM   427  C C   . THR A 1 50  ? -8.068  6.307   -2.968  1.00 8.08  ? 50  THR A C   1 
ATOM   428  O O   . THR A 1 50  ? -7.431  7.362   -2.979  1.00 8.06  ? 50  THR A O   1 
ATOM   429  C CB  . THR A 1 50  ? -10.159 6.815   -4.182  1.00 9.55  ? 50  THR A CB  1 
ATOM   430  O OG1 . THR A 1 50  ? -11.591 6.762   -4.131  1.00 9.83  ? 50  THR A OG1 1 
ATOM   431  C CG2 . THR A 1 50  ? -9.657  5.951   -5.327  1.00 10.16 ? 50  THR A CG2 1 
ATOM   432  N N   . ILE A 1 51  ? -7.505  5.104   -3.041  1.00 7.57  ? 51  ILE A N   1 
ATOM   433  C CA  . ILE A 1 51  ? -6.074  4.943   -3.229  1.00 7.57  ? 51  ILE A CA  1 
ATOM   434  C C   . ILE A 1 51  ? -5.895  4.139   -4.503  1.00 8.94  ? 51  ILE A C   1 
ATOM   435  O O   . ILE A 1 51  ? -6.356  3.002   -4.609  1.00 7.95  ? 51  ILE A O   1 
ATOM   436  C CB  . ILE A 1 51  ? -5.397  4.200   -2.058  1.00 8.77  ? 51  ILE A CB  1 
ATOM   437  C CG1 . ILE A 1 51  ? -5.541  5.018   -0.776  1.00 10.37 ? 51  ILE A CG1 1 
ATOM   438  C CG2 . ILE A 1 51  ? -3.915  3.994   -2.368  1.00 9.77  ? 51  ILE A CG2 1 
ATOM   439  C CD1 . ILE A 1 51  ? -4.922  4.355   0.446   1.00 11.89 ? 51  ILE A CD1 1 
ATOM   440  N N   . ARG A 1 52  ? -5.246  4.762   -5.477  1.00 8.64  ? 52  ARG A N   1 
ATOM   441  C CA  . ARG A 1 52  ? -5.004  4.137   -6.767  1.00 10.59 ? 52  ARG A CA  1 
ATOM   442  C C   . ARG A 1 52  ? -3.501  4.008   -7.011  1.00 11.35 ? 52  ARG A C   1 
ATOM   443  O O   . ARG A 1 52  ? -2.724  4.889   -6.649  1.00 12.47 ? 52  ARG A O   1 
ATOM   444  C CB  . ARG A 1 52  ? -5.655  4.985   -7.866  1.00 12.04 ? 52  ARG A CB  1 
ATOM   445  C CG  . ARG A 1 52  ? -5.523  4.436   -9.272  1.00 14.04 ? 52  ARG A CG  1 
ATOM   446  C CD  . ARG A 1 52  ? -6.144  5.386   -10.290 1.00 14.36 ? 52  ARG A CD  1 
ATOM   447  N NE  . ARG A 1 52  ? -5.865  4.931   -11.647 1.00 17.24 ? 52  ARG A NE  1 
ATOM   448  C CZ  . ARG A 1 52  ? -6.421  3.860   -12.201 1.00 15.24 ? 52  ARG A CZ  1 
ATOM   449  N NH1 . ARG A 1 52  ? -7.304  3.136   -11.520 1.00 18.52 ? 52  ARG A NH1 1 
ATOM   450  N NH2 . ARG A 1 52  ? -6.061  3.489   -13.422 1.00 17.88 ? 52  ARG A NH2 1 
ATOM   451  N N   A SER A 1 53  ? -3.098  2.891   -7.605  0.50 10.88 ? 53  SER A N   1 
ATOM   452  N N   B SER A 1 53  ? -3.100  2.889   -7.604  0.50 11.02 ? 53  SER A N   1 
ATOM   453  C CA  A SER A 1 53  ? -1.697  2.659   -7.923  0.50 11.49 ? 53  SER A CA  1 
ATOM   454  C CA  B SER A 1 53  ? -1.699  2.640   -7.917  0.50 11.73 ? 53  SER A CA  1 
ATOM   455  C C   A SER A 1 53  ? -1.637  2.264   -9.393  0.50 11.66 ? 53  SER A C   1 
ATOM   456  C C   B SER A 1 53  ? -1.624  2.247   -9.390  0.50 11.82 ? 53  SER A C   1 
ATOM   457  O O   A SER A 1 53  ? -2.327  1.338   -9.824  0.50 12.64 ? 53  SER A O   1 
ATOM   458  O O   B SER A 1 53  ? -2.290  1.305   -9.821  0.50 12.70 ? 53  SER A O   1 
ATOM   459  C CB  A SER A 1 53  ? -1.126  1.532   -7.064  0.50 12.35 ? 53  SER A CB  1 
ATOM   460  C CB  B SER A 1 53  ? -1.158  1.508   -7.039  0.50 12.84 ? 53  SER A CB  1 
ATOM   461  O OG  A SER A 1 53  ? -1.702  0.288   -7.416  0.50 13.22 ? 53  SER A OG  1 
ATOM   462  O OG  B SER A 1 53  ? 0.217   1.272   -7.292  0.50 14.18 ? 53  SER A OG  1 
ATOM   463  N N   . GLU A 1 54  ? -0.819  2.971   -10.160 1.00 11.45 ? 54  GLU A N   1 
ATOM   464  C CA  . GLU A 1 54  ? -0.694  2.697   -11.584 1.00 11.70 ? 54  GLU A CA  1 
ATOM   465  C C   . GLU A 1 54  ? 0.690   2.193   -11.973 1.00 12.56 ? 54  GLU A C   1 
ATOM   466  O O   . GLU A 1 54  ? 1.707   2.660   -11.457 1.00 12.71 ? 54  GLU A O   1 
ATOM   467  C CB  . GLU A 1 54  ? -1.030  3.965   -12.386 1.00 12.38 ? 54  GLU A CB  1 
ATOM   468  C CG  . GLU A 1 54  ? -2.321  4.654   -11.945 1.00 14.52 ? 54  GLU A CG  1 
ATOM   469  C CD  . GLU A 1 54  ? -2.673  5.858   -12.800 1.00 17.52 ? 54  GLU A CD  1 
ATOM   470  O OE1 . GLU A 1 54  ? -1.760  6.649   -13.133 1.00 18.61 ? 54  GLU A OE1 1 
ATOM   471  O OE2 . GLU A 1 54  ? -3.870  6.021   -13.133 1.00 18.99 ? 54  GLU A OE2 1 
ATOM   472  N N   . SER A 1 55  ? 0.715   1.238   -12.897 1.00 12.26 ? 55  SER A N   1 
ATOM   473  C CA  . SER A 1 55  ? 1.959   0.663   -13.392 1.00 14.87 ? 55  SER A CA  1 
ATOM   474  C C   . SER A 1 55  ? 1.640   -0.074  -14.687 1.00 16.19 ? 55  SER A C   1 
ATOM   475  O O   . SER A 1 55  ? 0.490   -0.436  -14.932 1.00 16.85 ? 55  SER A O   1 
ATOM   476  C CB  . SER A 1 55  ? 2.549   -0.308  -12.369 1.00 14.98 ? 55  SER A CB  1 
ATOM   477  O OG  . SER A 1 55  ? 1.871   -1.556  -12.384 1.00 16.12 ? 55  SER A OG  1 
ATOM   478  N N   . THR A 1 56  ? 2.655   -0.297  -15.514 1.00 17.93 ? 56  THR A N   1 
ATOM   479  C CA  . THR A 1 56  ? 2.458   -0.995  -16.784 1.00 19.70 ? 56  THR A CA  1 
ATOM   480  C C   . THR A 1 56  ? 1.998   -2.441  -16.583 1.00 19.70 ? 56  THR A C   1 
ATOM   481  O O   . THR A 1 56  ? 1.441   -3.055  -17.495 1.00 21.15 ? 56  THR A O   1 
ATOM   482  C CB  . THR A 1 56  ? 3.762   -0.995  -17.610 1.00 21.34 ? 56  THR A CB  1 
ATOM   483  O OG1 . THR A 1 56  ? 4.813   -1.593  -16.840 1.00 23.56 ? 56  THR A OG1 1 
ATOM   484  C CG2 . THR A 1 56  ? 4.156   0.433   -17.979 1.00 22.00 ? 56  THR A CG2 1 
ATOM   485  N N   . PHE A 1 57  ? 2.223   -2.977  -15.386 1.00 18.52 ? 57  PHE A N   1 
ATOM   486  C CA  . PHE A 1 57  ? 1.837   -4.348  -15.055 1.00 17.71 ? 57  PHE A CA  1 
ATOM   487  C C   . PHE A 1 57  ? 0.347   -4.460  -14.774 1.00 18.44 ? 57  PHE A C   1 
ATOM   488  O O   . PHE A 1 57  ? -0.391  -5.130  -15.496 1.00 17.34 ? 57  PHE A O   1 
ATOM   489  C CB  . PHE A 1 57  ? 2.627   -4.827  -13.828 1.00 19.67 ? 57  PHE A CB  1 
ATOM   490  C CG  . PHE A 1 57  ? 2.172   -6.154  -13.278 1.00 18.57 ? 57  PHE A CG  1 
ATOM   491  C CD1 . PHE A 1 57  ? 2.056   -7.269  -14.103 1.00 20.41 ? 57  PHE A CD1 1 
ATOM   492  C CD2 . PHE A 1 57  ? 1.874   -6.294  -11.918 1.00 20.17 ? 57  PHE A CD2 1 
ATOM   493  C CE1 . PHE A 1 57  ? 1.652   -8.504  -13.585 1.00 20.69 ? 57  PHE A CE1 1 
ATOM   494  C CE2 . PHE A 1 57  ? 1.470   -7.523  -11.393 1.00 19.17 ? 57  PHE A CE2 1 
ATOM   495  C CZ  . PHE A 1 57  ? 1.359   -8.631  -12.229 1.00 21.18 ? 57  PHE A CZ  1 
ATOM   496  N N   . LYS A 1 58  ? -0.083  -3.800  -13.706 1.00 17.45 ? 58  LYS A N   1 
ATOM   497  C CA  . LYS A 1 58  ? -1.478  -3.819  -13.289 1.00 18.22 ? 58  LYS A CA  1 
ATOM   498  C C   . LYS A 1 58  ? -1.775  -2.551  -12.514 1.00 16.28 ? 58  LYS A C   1 
ATOM   499  O O   . LYS A 1 58  ? -0.908  -2.042  -11.797 1.00 16.67 ? 58  LYS A O   1 
ATOM   500  C CB  . LYS A 1 58  ? -1.759  -5.015  -12.364 1.00 20.82 ? 58  LYS A CB  1 
ATOM   501  C CG  . LYS A 1 58  ? -1.674  -6.395  -12.999 1.00 24.95 ? 58  LYS A CG  1 
ATOM   502  C CD  . LYS A 1 58  ? -2.121  -7.463  -12.001 1.00 28.67 ? 58  LYS A CD  1 
ATOM   503  C CE  . LYS A 1 58  ? -2.195  -8.835  -12.647 1.00 30.20 ? 58  LYS A CE  1 
ATOM   504  N NZ  . LYS A 1 58  ? -3.069  -9.752  -11.863 1.00 32.81 ? 58  LYS A NZ  1 
ATOM   505  N N   . ASN A 1 59  ? -2.980  -2.019  -12.684 1.00 13.38 ? 59  ASN A N   1 
ATOM   506  C CA  . ASN A 1 59  ? -3.393  -0.846  -11.925 1.00 13.86 ? 59  ASN A CA  1 
ATOM   507  C C   . ASN A 1 59  ? -4.331  -1.408  -10.860 1.00 14.61 ? 59  ASN A C   1 
ATOM   508  O O   . ASN A 1 59  ? -5.080  -2.351  -11.125 1.00 17.23 ? 59  ASN A O   1 
ATOM   509  C CB  . ASN A 1 59  ? -4.175  0.156   -12.782 1.00 12.92 ? 59  ASN A CB  1 
ATOM   510  C CG  . ASN A 1 59  ? -3.378  0.682   -13.957 1.00 14.37 ? 59  ASN A CG  1 
ATOM   511  O OD1 . ASN A 1 59  ? -2.193  0.974   -13.843 1.00 13.24 ? 59  ASN A OD1 1 
ATOM   512  N ND2 . ASN A 1 59  ? -4.042  0.827   -15.102 1.00 15.91 ? 59  ASN A ND2 1 
ATOM   513  N N   . THR A 1 60  ? -4.284  -0.858  -9.652  1.00 12.91 ? 60  THR A N   1 
ATOM   514  C CA  . THR A 1 60  ? -5.179  -1.320  -8.602  1.00 13.01 ? 60  THR A CA  1 
ATOM   515  C C   . THR A 1 60  ? -5.883  -0.097  -8.056  1.00 12.09 ? 60  THR A C   1 
ATOM   516  O O   . THR A 1 60  ? -5.384  1.020   -8.185  1.00 11.35 ? 60  THR A O   1 
ATOM   517  C CB  . THR A 1 60  ? -4.441  -2.035  -7.446  1.00 12.89 ? 60  THR A CB  1 
ATOM   518  O OG1 . THR A 1 60  ? -3.552  -1.128  -6.796  1.00 16.15 ? 60  THR A OG1 1 
ATOM   519  C CG2 . THR A 1 60  ? -3.665  -3.223  -7.966  1.00 15.83 ? 60  THR A CG2 1 
ATOM   520  N N   . GLU A 1 61  ? -7.052  -0.304  -7.468  1.00 11.59 ? 61  GLU A N   1 
ATOM   521  C CA  . GLU A 1 61  ? -7.800  0.805   -6.913  1.00 12.92 ? 61  GLU A CA  1 
ATOM   522  C C   . GLU A 1 61  ? -8.745  0.321   -5.826  1.00 13.20 ? 61  GLU A C   1 
ATOM   523  O O   . GLU A 1 61  ? -9.422  -0.700  -5.974  1.00 15.03 ? 61  GLU A O   1 
ATOM   524  C CB  . GLU A 1 61  ? -8.582  1.520   -8.021  1.00 14.54 ? 61  GLU A CB  1 
ATOM   525  C CG  . GLU A 1 61  ? -9.326  2.774   -7.566  1.00 18.89 ? 61  GLU A CG  1 
ATOM   526  C CD  . GLU A 1 61  ? -9.849  3.600   -8.729  1.00 21.63 ? 61  GLU A CD  1 
ATOM   527  O OE1 . GLU A 1 61  ? -9.027  4.209   -9.453  1.00 24.37 ? 61  GLU A OE1 1 
ATOM   528  O OE2 . GLU A 1 61  ? -11.082 3.634   -8.924  1.00 25.37 ? 61  GLU A OE2 1 
ATOM   529  N N   . ILE A 1 62  ? -8.760  1.053   -4.719  1.00 11.50 ? 62  ILE A N   1 
ATOM   530  C CA  . ILE A 1 62  ? -9.631  0.752   -3.604  1.00 11.56 ? 62  ILE A CA  1 
ATOM   531  C C   . ILE A 1 62  ? -10.244 2.055   -3.118  1.00 9.63  ? 62  ILE A C   1 
ATOM   532  O O   . ILE A 1 62  ? -9.569  3.085   -3.054  1.00 9.32  ? 62  ILE A O   1 
ATOM   533  C CB  . ILE A 1 62  ? -8.878  0.090   -2.413  1.00 11.07 ? 62  ILE A CB  1 
ATOM   534  C CG1 . ILE A 1 62  ? -7.662  0.934   -2.016  1.00 11.67 ? 62  ILE A CG1 1 
ATOM   535  C CG2 . ILE A 1 62  ? -8.474  -1.337  -2.775  1.00 14.04 ? 62  ILE A CG2 1 
ATOM   536  C CD1 . ILE A 1 62  ? -6.998  0.486   -0.725  1.00 14.87 ? 62  ILE A CD1 1 
ATOM   537  N N   . SER A 1 63  ? -11.534 1.999   -2.815  1.00 9.11  ? 63  SER A N   1 
ATOM   538  C CA  . SER A 1 63  ? -12.277 3.135   -2.298  1.00 8.91  ? 63  SER A CA  1 
ATOM   539  C C   . SER A 1 63  ? -12.917 2.600   -1.033  1.00 9.80  ? 63  SER A C   1 
ATOM   540  O O   . SER A 1 63  ? -13.553 1.546   -1.053  1.00 11.42 ? 63  SER A O   1 
ATOM   541  C CB  . SER A 1 63  ? -13.334 3.591   -3.302  1.00 11.78 ? 63  SER A CB  1 
ATOM   542  O OG  . SER A 1 63  ? -12.702 4.192   -4.414  1.00 15.81 ? 63  SER A OG  1 
ATOM   543  N N   . PHE A 1 64  ? -12.746 3.323   0.063   1.00 7.53  ? 64  PHE A N   1 
ATOM   544  C CA  . PHE A 1 64  ? -13.252 2.856   1.340   1.00 7.76  ? 64  PHE A CA  1 
ATOM   545  C C   . PHE A 1 64  ? -13.630 3.965   2.303   1.00 8.67  ? 64  PHE A C   1 
ATOM   546  O O   . PHE A 1 64  ? -13.260 5.123   2.129   1.00 9.72  ? 64  PHE A O   1 
ATOM   547  C CB  . PHE A 1 64  ? -12.169 2.018   2.013   1.00 8.26  ? 64  PHE A CB  1 
ATOM   548  C CG  . PHE A 1 64  ? -10.843 2.725   2.096   1.00 8.65  ? 64  PHE A CG  1 
ATOM   549  C CD1 . PHE A 1 64  ? -9.961  2.696   1.023   1.00 10.56 ? 64  PHE A CD1 1 
ATOM   550  C CD2 . PHE A 1 64  ? -10.504 3.481   3.217   1.00 9.30  ? 64  PHE A CD2 1 
ATOM   551  C CE1 . PHE A 1 64  ? -8.764  3.412   1.058   1.00 10.69 ? 64  PHE A CE1 1 
ATOM   552  C CE2 . PHE A 1 64  ? -9.310  4.200   3.260   1.00 11.57 ? 64  PHE A CE2 1 
ATOM   553  C CZ  . PHE A 1 64  ? -8.439  4.163   2.172   1.00 9.79  ? 64  PHE A CZ  1 
ATOM   554  N N   . LYS A 1 65  ? -14.361 3.571   3.336   1.00 9.61  ? 65  LYS A N   1 
ATOM   555  C CA  . LYS A 1 65  ? -14.763 4.469   4.407   1.00 9.44  ? 65  LYS A CA  1 
ATOM   556  C C   . LYS A 1 65  ? -13.851 4.041   5.558   1.00 10.76 ? 65  LYS A C   1 
ATOM   557  O O   . LYS A 1 65  ? -13.728 2.852   5.835   1.00 10.67 ? 65  LYS A O   1 
ATOM   558  C CB  . LYS A 1 65  ? -16.235 4.239   4.770   1.00 14.26 ? 65  LYS A CB  1 
ATOM   559  C CG  . LYS A 1 65  ? -16.766 5.170   5.852   1.00 19.65 ? 65  LYS A CG  1 
ATOM   560  C CD  . LYS A 1 65  ? -18.293 5.134   5.903   1.00 22.89 ? 65  LYS A CD  1 
ATOM   561  C CE  . LYS A 1 65  ? -18.811 5.866   7.141   1.00 25.66 ? 65  LYS A CE  1 
ATOM   562  N NZ  . LYS A 1 65  ? -18.233 7.241   7.221   1.00 25.89 ? 65  LYS A NZ  1 
ATOM   563  N N   . LEU A 1 66  ? -13.195 4.997   6.208   1.00 9.23  ? 66  LEU A N   1 
ATOM   564  C CA  . LEU A 1 66  ? -12.298 4.675   7.316   1.00 9.86  ? 66  LEU A CA  1 
ATOM   565  C C   . LEU A 1 66  ? -13.054 4.003   8.460   1.00 9.09  ? 66  LEU A C   1 
ATOM   566  O O   . LEU A 1 66  ? -13.992 4.579   9.012   1.00 10.82 ? 66  LEU A O   1 
ATOM   567  C CB  . LEU A 1 66  ? -11.612 5.948   7.826   1.00 10.09 ? 66  LEU A CB  1 
ATOM   568  C CG  . LEU A 1 66  ? -10.644 6.640   6.860   1.00 11.93 ? 66  LEU A CG  1 
ATOM   569  C CD1 . LEU A 1 66  ? -10.361 8.065   7.328   1.00 12.82 ? 66  LEU A CD1 1 
ATOM   570  C CD2 . LEU A 1 66  ? -9.363  5.842   6.770   1.00 12.16 ? 66  LEU A CD2 1 
ATOM   571  N N   . GLY A 1 67  ? -12.649 2.780   8.803   1.00 9.71  ? 67  GLY A N   1 
ATOM   572  C CA  . GLY A 1 67  ? -13.302 2.057   9.886   1.00 9.94  ? 67  GLY A CA  1 
ATOM   573  C C   . GLY A 1 67  ? -14.251 0.948   9.463   1.00 10.01 ? 67  GLY A C   1 
ATOM   574  O O   . GLY A 1 67  ? -14.682 0.144   10.298  1.00 12.56 ? 67  GLY A O   1 
ATOM   575  N N   . VAL A 1 68  ? -14.575 0.894   8.174   1.00 8.77  ? 68  VAL A N   1 
ATOM   576  C CA  . VAL A 1 68  ? -15.487 -0.119  7.639   1.00 8.49  ? 68  VAL A CA  1 
ATOM   577  C C   . VAL A 1 68  ? -14.722 -1.159  6.815   1.00 9.38  ? 68  VAL A C   1 
ATOM   578  O O   . VAL A 1 68  ? -13.988 -0.816  5.885   1.00 10.67 ? 68  VAL A O   1 
ATOM   579  C CB  . VAL A 1 68  ? -16.577 0.540   6.765   1.00 9.69  ? 68  VAL A CB  1 
ATOM   580  C CG1 . VAL A 1 68  ? -17.582 -0.504  6.294   1.00 11.85 ? 68  VAL A CG1 1 
ATOM   581  C CG2 . VAL A 1 68  ? -17.283 1.637   7.569   1.00 11.89 ? 68  VAL A CG2 1 
ATOM   582  N N   . GLU A 1 69  ? -14.896 -2.429  7.173   1.00 7.18  ? 69  GLU A N   1 
ATOM   583  C CA  . GLU A 1 69  ? -14.222 -3.538  6.505   1.00 6.79  ? 69  GLU A CA  1 
ATOM   584  C C   . GLU A 1 69  ? -14.730 -3.713  5.081   1.00 8.32  ? 69  GLU A C   1 
ATOM   585  O O   . GLU A 1 69  ? -15.922 -3.590  4.831   1.00 11.50 ? 69  GLU A O   1 
ATOM   586  C CB  . GLU A 1 69  ? -14.451 -4.829  7.294   1.00 7.32  ? 69  GLU A CB  1 
ATOM   587  C CG  . GLU A 1 69  ? -13.688 -6.035  6.767   1.00 7.77  ? 69  GLU A CG  1 
ATOM   588  C CD  . GLU A 1 69  ? -13.929 -7.268  7.616   1.00 12.06 ? 69  GLU A CD  1 
ATOM   589  O OE1 . GLU A 1 69  ? -15.041 -7.830  7.563   1.00 14.34 ? 69  GLU A OE1 1 
ATOM   590  O OE2 . GLU A 1 69  ? -13.004 -7.669  8.348   1.00 14.80 ? 69  GLU A OE2 1 
ATOM   591  N N   . PHE A 1 70  ? -13.820 -4.004  4.152   1.00 8.71  ? 70  PHE A N   1 
ATOM   592  C CA  . PHE A 1 70  ? -14.205 -4.186  2.757   1.00 7.46  ? 70  PHE A CA  1 
ATOM   593  C C   . PHE A 1 70  ? -13.365 -5.242  2.045   1.00 6.99  ? 70  PHE A C   1 
ATOM   594  O O   . PHE A 1 70  ? -12.321 -5.664  2.545   1.00 8.40  ? 70  PHE A O   1 
ATOM   595  C CB  . PHE A 1 70  ? -14.113 -2.852  1.993   1.00 9.25  ? 70  PHE A CB  1 
ATOM   596  C CG  . PHE A 1 70  ? -12.719 -2.301  1.881   1.00 8.66  ? 70  PHE A CG  1 
ATOM   597  C CD1 . PHE A 1 70  ? -12.140 -1.600  2.933   1.00 6.31  ? 70  PHE A CD1 1 
ATOM   598  C CD2 . PHE A 1 70  ? -11.983 -2.473  0.711   1.00 10.16 ? 70  PHE A CD2 1 
ATOM   599  C CE1 . PHE A 1 70  ? -10.855 -1.078  2.820   1.00 9.67  ? 70  PHE A CE1 1 
ATOM   600  C CE2 . PHE A 1 70  ? -10.703 -1.955  0.595   1.00 10.39 ? 70  PHE A CE2 1 
ATOM   601  C CZ  . PHE A 1 70  ? -10.140 -1.257  1.650   1.00 8.84  ? 70  PHE A CZ  1 
ATOM   602  N N   . ASP A 1 71  ? -13.840 -5.672  0.881   1.00 7.78  ? 71  ASP A N   1 
ATOM   603  C CA  . ASP A 1 71  ? -13.136 -6.674  0.080   1.00 8.15  ? 71  ASP A CA  1 
ATOM   604  C C   . ASP A 1 71  ? -12.120 -6.004  -0.824  1.00 8.95  ? 71  ASP A C   1 
ATOM   605  O O   . ASP A 1 71  ? -12.418 -4.991  -1.449  1.00 10.61 ? 71  ASP A O   1 
ATOM   606  C CB  . ASP A 1 71  ? -14.120 -7.459  -0.786  1.00 8.05  ? 71  ASP A CB  1 
ATOM   607  C CG  . ASP A 1 71  ? -15.109 -8.251  0.032   1.00 10.43 ? 71  ASP A CG  1 
ATOM   608  O OD1 . ASP A 1 71  ? -14.688 -9.220  0.697   1.00 12.76 ? 71  ASP A OD1 1 
ATOM   609  O OD2 . ASP A 1 71  ? -16.303 -7.893  0.006   1.00 13.74 ? 71  ASP A OD2 1 
ATOM   610  N N   . GLU A 1 72  ? -10.920 -6.575  -0.892  1.00 8.49  ? 72  GLU A N   1 
ATOM   611  C CA  . GLU A 1 72  ? -9.861  -6.029  -1.727  1.00 10.01 ? 72  GLU A CA  1 
ATOM   612  C C   . GLU A 1 72  ? -9.131  -7.130  -2.485  1.00 10.91 ? 72  GLU A C   1 
ATOM   613  O O   . GLU A 1 72  ? -8.895  -8.215  -1.958  1.00 11.07 ? 72  GLU A O   1 
ATOM   614  C CB  . GLU A 1 72  ? -8.839  -5.249  -0.872  1.00 8.96  ? 72  GLU A CB  1 
ATOM   615  C CG  . GLU A 1 72  ? -7.524  -4.956  -1.608  1.00 9.21  ? 72  GLU A CG  1 
ATOM   616  C CD  . GLU A 1 72  ? -6.506  -4.175  -0.781  1.00 11.68 ? 72  GLU A CD  1 
ATOM   617  O OE1 . GLU A 1 72  ? -6.567  -4.213  0.467   1.00 11.72 ? 72  GLU A OE1 1 
ATOM   618  O OE2 . GLU A 1 72  ? -5.625  -3.534  -1.397  1.00 13.15 ? 72  GLU A OE2 1 
ATOM   619  N N   A GLU A 1 73  ? -8.798  -6.828  -3.736  0.50 12.21 ? 73  GLU A N   1 
ATOM   620  N N   B GLU A 1 73  ? -8.793  -6.867  -3.739  0.50 12.36 ? 73  GLU A N   1 
ATOM   621  C CA  A GLU A 1 73  ? -8.053  -7.738  -4.594  0.50 14.40 ? 73  GLU A CA  1 
ATOM   622  C CA  B GLU A 1 73  ? -8.039  -7.837  -4.518  0.50 14.66 ? 73  GLU A CA  1 
ATOM   623  C C   A GLU A 1 73  ? -6.689  -7.080  -4.737  0.50 14.59 ? 73  GLU A C   1 
ATOM   624  C C   B GLU A 1 73  ? -6.706  -7.158  -4.785  0.50 14.88 ? 73  GLU A C   1 
ATOM   625  O O   A GLU A 1 73  ? -6.575  -6.004  -5.330  0.50 14.80 ? 73  GLU A O   1 
ATOM   626  O O   B GLU A 1 73  ? -6.633  -6.159  -5.501  0.50 15.84 ? 73  GLU A O   1 
ATOM   627  C CB  A GLU A 1 73  ? -8.712  -7.854  -5.971  0.50 16.41 ? 73  GLU A CB  1 
ATOM   628  C CB  B GLU A 1 73  ? -8.775  -8.194  -5.810  0.50 16.82 ? 73  GLU A CB  1 
ATOM   629  C CG  A GLU A 1 73  ? -7.996  -8.808  -6.926  0.50 19.47 ? 73  GLU A CG  1 
ATOM   630  C CG  B GLU A 1 73  ? -10.082 -8.924  -5.533  0.50 19.93 ? 73  GLU A CG  1 
ATOM   631  C CD  A GLU A 1 73  ? -8.612  -8.824  -8.322  0.50 21.69 ? 73  GLU A CD  1 
ATOM   632  C CD  B GLU A 1 73  ? -10.630 -9.663  -6.736  0.50 21.73 ? 73  GLU A CD  1 
ATOM   633  O OE1 A GLU A 1 73  ? -8.553  -7.790  -9.028  0.50 22.82 ? 73  GLU A OE1 1 
ATOM   634  O OE1 B GLU A 1 73  ? -9.965  -10.611 -7.210  0.50 23.51 ? 73  GLU A OE1 1 
ATOM   635  O OE2 A GLU A 1 73  ? -9.157  -9.875  -8.714  0.50 22.65 ? 73  GLU A OE2 1 
ATOM   636  O OE2 B GLU A 1 73  ? -11.729 -9.297  -7.200  0.50 22.14 ? 73  GLU A OE2 1 
ATOM   637  N N   . THR A 1 74  ? -5.659  -7.697  -4.167  1.00 14.22 ? 74  THR A N   1 
ATOM   638  C CA  . THR A 1 74  ? -4.319  -7.136  -4.259  1.00 14.24 ? 74  THR A CA  1 
ATOM   639  C C   . THR A 1 74  ? -3.636  -7.318  -5.606  1.00 13.64 ? 74  THR A C   1 
ATOM   640  O O   . THR A 1 74  ? -4.033  -8.146  -6.423  1.00 15.74 ? 74  THR A O   1 
ATOM   641  C CB  . THR A 1 74  ? -3.404  -7.707  -3.161  1.00 13.31 ? 74  THR A CB  1 
ATOM   642  O OG1 . THR A 1 74  ? -3.118  -9.081  -3.437  1.00 13.56 ? 74  THR A OG1 1 
ATOM   643  C CG2 . THR A 1 74  ? -4.095  -7.619  -1.806  1.00 13.15 ? 74  THR A CG2 1 
ATOM   644  N N   . VAL A 1 75  ? -2.591  -6.531  -5.816  1.00 16.15 ? 75  VAL A N   1 
ATOM   645  C CA  . VAL A 1 75  ? -1.848  -6.572  -7.061  1.00 16.97 ? 75  VAL A CA  1 
ATOM   646  C C   . VAL A 1 75  ? -1.311  -7.973  -7.360  1.00 16.66 ? 75  VAL A C   1 
ATOM   647  O O   . VAL A 1 75  ? -1.192  -8.359  -8.522  1.00 16.35 ? 75  VAL A O   1 
ATOM   648  C CB  . VAL A 1 75  ? -0.682  -5.555  -7.021  1.00 18.30 ? 75  VAL A CB  1 
ATOM   649  C CG1 . VAL A 1 75  ? 0.294   -5.931  -5.928  1.00 17.50 ? 75  VAL A CG1 1 
ATOM   650  C CG2 . VAL A 1 75  ? 0.006   -5.492  -8.370  1.00 19.35 ? 75  VAL A CG2 1 
ATOM   651  N N   . ASP A 1 76  ? -1.001  -8.737  -6.313  1.00 15.13 ? 76  ASP A N   1 
ATOM   652  C CA  . ASP A 1 76  ? -0.476  -10.082 -6.504  1.00 15.41 ? 76  ASP A CA  1 
ATOM   653  C C   . ASP A 1 76  ? -1.542  -11.169 -6.624  1.00 16.23 ? 76  ASP A C   1 
ATOM   654  O O   . ASP A 1 76  ? -1.211  -12.350 -6.741  1.00 18.28 ? 76  ASP A O   1 
ATOM   655  C CB  . ASP A 1 76  ? 0.509   -10.445 -5.386  1.00 15.90 ? 76  ASP A CB  1 
ATOM   656  C CG  . ASP A 1 76  ? -0.089  -10.296 -4.010  1.00 15.82 ? 76  ASP A CG  1 
ATOM   657  O OD1 . ASP A 1 76  ? -0.332  -9.145  -3.576  1.00 17.28 ? 76  ASP A OD1 1 
ATOM   658  O OD2 . ASP A 1 76  ? -0.316  -11.334 -3.370  1.00 14.64 ? 76  ASP A OD2 1 
ATOM   659  N N   . GLY A 1 77  ? -2.814  -10.776 -6.571  1.00 16.72 ? 77  GLY A N   1 
ATOM   660  C CA  . GLY A 1 77  ? -3.891  -11.736 -6.741  1.00 16.73 ? 77  GLY A CA  1 
ATOM   661  C C   . GLY A 1 77  ? -4.632  -12.282 -5.538  1.00 17.27 ? 77  GLY A C   1 
ATOM   662  O O   . GLY A 1 77  ? -5.495  -13.144 -5.694  1.00 20.19 ? 77  GLY A O   1 
ATOM   663  N N   . ARG A 1 78  ? -4.313  -11.814 -4.340  1.00 14.86 ? 78  ARG A N   1 
ATOM   664  C CA  . ARG A 1 78  ? -5.007  -12.315 -3.153  1.00 14.48 ? 78  ARG A CA  1 
ATOM   665  C C   . ARG A 1 78  ? -6.352  -11.615 -2.995  1.00 12.84 ? 78  ARG A C   1 
ATOM   666  O O   . ARG A 1 78  ? -6.493  -10.462 -3.362  1.00 15.30 ? 78  ARG A O   1 
ATOM   667  C CB  . ARG A 1 78  ? -4.183  -12.048 -1.891  1.00 14.43 ? 78  ARG A CB  1 
ATOM   668  C CG  . ARG A 1 78  ? -2.991  -12.953 -1.662  1.00 14.14 ? 78  ARG A CG  1 
ATOM   669  C CD  . ARG A 1 78  ? -2.142  -12.404 -0.510  1.00 13.71 ? 78  ARG A CD  1 
ATOM   670  N NE  . ARG A 1 78  ? -1.548  -11.119 -0.873  1.00 13.71 ? 78  ARG A NE  1 
ATOM   671  C CZ  . ARG A 1 78  ? -1.458  -10.063 -0.067  1.00 14.40 ? 78  ARG A CZ  1 
ATOM   672  N NH1 . ARG A 1 78  ? -1.922  -10.110 1.180   1.00 11.50 ? 78  ARG A NH1 1 
ATOM   673  N NH2 . ARG A 1 78  ? -0.914  -8.942  -0.521  1.00 14.57 ? 78  ARG A NH2 1 
ATOM   674  N N   . LYS A 1 79  ? -7.338  -12.324 -2.459  1.00 14.08 ? 79  LYS A N   1 
ATOM   675  C CA  . LYS A 1 79  ? -8.646  -11.732 -2.190  1.00 14.45 ? 79  LYS A CA  1 
ATOM   676  C C   . LYS A 1 79  ? -8.679  -11.626 -0.671  1.00 13.43 ? 79  LYS A C   1 
ATOM   677  O O   . LYS A 1 79  ? -8.824  -12.633 0.019   1.00 12.88 ? 79  LYS A O   1 
ATOM   678  C CB  . LYS A 1 79  ? -9.782  -12.636 -2.672  1.00 18.02 ? 79  LYS A CB  1 
ATOM   679  C CG  . LYS A 1 79  ? -10.023 -12.592 -4.173  1.00 23.53 ? 79  LYS A CG  1 
ATOM   680  C CD  . LYS A 1 79  ? -11.251 -13.417 -4.545  1.00 28.03 ? 79  LYS A CD  1 
ATOM   681  C CE  . LYS A 1 79  ? -11.597 -13.248 -6.004  1.00 31.07 ? 79  LYS A CE  1 
ATOM   682  N NZ  . LYS A 1 79  ? -12.850 -13.963 -6.362  1.00 34.13 ? 79  LYS A NZ  1 
ATOM   683  N N   . VAL A 1 80  ? -8.549  -10.404 -0.159  1.00 10.05 ? 80  VAL A N   1 
ATOM   684  C CA  . VAL A 1 80  ? -8.503  -10.183 1.281   1.00 9.96  ? 80  VAL A CA  1 
ATOM   685  C C   . VAL A 1 80  ? -9.599  -9.297  1.859   1.00 8.89  ? 80  VAL A C   1 
ATOM   686  O O   . VAL A 1 80  ? -10.339 -8.632  1.128   1.00 10.49 ? 80  VAL A O   1 
ATOM   687  C CB  . VAL A 1 80  ? -7.148  -9.539  1.686   1.00 8.47  ? 80  VAL A CB  1 
ATOM   688  C CG1 . VAL A 1 80  ? -6.000  -10.326 1.089   1.00 9.97  ? 80  VAL A CG1 1 
ATOM   689  C CG2 . VAL A 1 80  ? -7.094  -8.084  1.218   1.00 9.51  ? 80  VAL A CG2 1 
ATOM   690  N N   . LYS A 1 81  ? -9.707  -9.317  3.184   1.00 9.02  ? 81  LYS A N   1 
ATOM   691  C CA  . LYS A 1 81  ? -10.649 -8.459  3.898   1.00 9.32  ? 81  LYS A CA  1 
ATOM   692  C C   . LYS A 1 81  ? -9.755  -7.349  4.441   1.00 9.09  ? 81  LYS A C   1 
ATOM   693  O O   . LYS A 1 81  ? -8.776  -7.624  5.136   1.00 8.89  ? 81  LYS A O   1 
ATOM   694  C CB  . LYS A 1 81  ? -11.300 -9.195  5.067   1.00 9.43  ? 81  LYS A CB  1 
ATOM   695  C CG  . LYS A 1 81  ? -12.224 -10.328 4.678   1.00 9.50  ? 81  LYS A CG  1 
ATOM   696  C CD  . LYS A 1 81  ? -13.436 -9.838  3.905   1.00 10.00 ? 81  LYS A CD  1 
ATOM   697  C CE  . LYS A 1 81  ? -14.402 -10.986 3.647   1.00 11.39 ? 81  LYS A CE  1 
ATOM   698  N NZ  . LYS A 1 81  ? -15.605 -10.571 2.882   1.00 9.99  ? 81  LYS A NZ  1 
ATOM   699  N N   . SER A 1 82  ? -10.080 -6.101  4.119   1.00 7.96  ? 82  SER A N   1 
ATOM   700  C CA  . SER A 1 82  ? -9.276  -4.974  4.579   1.00 7.97  ? 82  SER A CA  1 
ATOM   701  C C   . SER A 1 82  ? -10.032 -3.965  5.419   1.00 7.26  ? 82  SER A C   1 
ATOM   702  O O   . SER A 1 82  ? -11.234 -3.776  5.269   1.00 7.91  ? 82  SER A O   1 
ATOM   703  C CB  . SER A 1 82  ? -8.680  -4.201  3.394   1.00 9.97  ? 82  SER A CB  1 
ATOM   704  O OG  . SER A 1 82  ? -7.625  -4.904  2.769   1.00 10.14 ? 82  SER A OG  1 
ATOM   705  N N   A ILE A 1 83  ? -9.301  -3.308  6.310   0.50 8.11  ? 83  ILE A N   1 
ATOM   706  N N   B ILE A 1 83  ? -9.301  -3.308  6.310   0.50 8.09  ? 83  ILE A N   1 
ATOM   707  C CA  A ILE A 1 83  ? -9.870  -2.269  7.148   0.50 8.78  ? 83  ILE A CA  1 
ATOM   708  C CA  B ILE A 1 83  ? -9.871  -2.269  7.147   0.50 8.75  ? 83  ILE A CA  1 
ATOM   709  C C   A ILE A 1 83  ? -8.781  -1.221  7.337   0.50 8.46  ? 83  ILE A C   1 
ATOM   710  C C   B ILE A 1 83  ? -8.781  -1.221  7.338   0.50 8.45  ? 83  ILE A C   1 
ATOM   711  O O   A ILE A 1 83  ? -7.624  -1.553  7.608   0.50 9.77  ? 83  ILE A O   1 
ATOM   712  O O   B ILE A 1 83  ? -7.625  -1.554  7.610   0.50 9.76  ? 83  ILE A O   1 
ATOM   713  C CB  A ILE A 1 83  ? -10.333 -2.810  8.522   0.50 9.18  ? 83  ILE A CB  1 
ATOM   714  C CB  B ILE A 1 83  ? -10.340 -2.809  8.519   0.50 9.13  ? 83  ILE A CB  1 
ATOM   715  C CG1 A ILE A 1 83  ? -11.068 -1.700  9.280   0.50 11.25 ? 83  ILE A CG1 1 
ATOM   716  C CG1 B ILE A 1 83  ? -11.096 -1.705  9.264   0.50 11.23 ? 83  ILE A CG1 1 
ATOM   717  C CG2 A ILE A 1 83  ? -9.141  -3.317  9.324   0.50 11.59 ? 83  ILE A CG2 1 
ATOM   718  C CG2 B ILE A 1 83  ? -9.151  -3.299  9.334   0.50 11.46 ? 83  ILE A CG2 1 
ATOM   719  C CD1 A ILE A 1 83  ? -11.721 -2.157  10.573  0.50 14.42 ? 83  ILE A CD1 1 
ATOM   720  C CD1 B ILE A 1 83  ? -11.789 -2.173  10.531  0.50 14.25 ? 83  ILE A CD1 1 
ATOM   721  N N   . ILE A 1 84  ? -9.149  0.042   7.166   1.00 8.72  ? 84  ILE A N   1 
ATOM   722  C CA  . ILE A 1 84  ? -8.200  1.137   7.303   1.00 7.83  ? 84  ILE A CA  1 
ATOM   723  C C   . ILE A 1 84  ? -8.722  2.190   8.266   1.00 9.24  ? 84  ILE A C   1 
ATOM   724  O O   . ILE A 1 84  ? -9.835  2.682   8.117   1.00 9.23  ? 84  ILE A O   1 
ATOM   725  C CB  . ILE A 1 84  ? -7.942  1.798   5.944   1.00 8.88  ? 84  ILE A CB  1 
ATOM   726  C CG1 . ILE A 1 84  ? -7.462  0.744   4.944   1.00 9.60  ? 84  ILE A CG1 1 
ATOM   727  C CG2 . ILE A 1 84  ? -6.917  2.913   6.094   1.00 8.81  ? 84  ILE A CG2 1 
ATOM   728  C CD1 . ILE A 1 84  ? -7.307  1.263   3.522   1.00 11.08 ? 84  ILE A CD1 1 
ATOM   729  N N   . THR A 1 85  ? -7.909  2.521   9.262   1.00 8.64  ? 85  THR A N   1 
ATOM   730  C CA  . THR A 1 85  ? -8.296  3.520   10.245  1.00 9.43  ? 85  THR A CA  1 
ATOM   731  C C   . THR A 1 85  ? -7.288  4.662   10.244  1.00 10.11 ? 85  THR A C   1 
ATOM   732  O O   . THR A 1 85  ? -6.204  4.543   9.670   1.00 10.95 ? 85  THR A O   1 
ATOM   733  C CB  . THR A 1 85  ? -8.387  2.891   11.660  1.00 8.89  ? 85  THR A CB  1 
ATOM   734  O OG1 . THR A 1 85  ? -7.167  2.210   11.974  1.00 10.43 ? 85  THR A OG1 1 
ATOM   735  C CG2 . THR A 1 85  ? -9.528  1.892   11.716  1.00 11.30 ? 85  THR A CG2 1 
ATOM   736  N N   . LEU A 1 86  ? -7.660  5.775   10.864  1.00 9.70  ? 86  LEU A N   1 
ATOM   737  C CA  . LEU A 1 86  ? -6.782  6.936   10.950  1.00 10.46 ? 86  LEU A CA  1 
ATOM   738  C C   . LEU A 1 86  ? -6.318  7.024   12.397  1.00 10.15 ? 86  LEU A C   1 
ATOM   739  O O   . LEU A 1 86  ? -7.115  7.310   13.290  1.00 10.97 ? 86  LEU A O   1 
ATOM   740  C CB  . LEU A 1 86  ? -7.545  8.199   10.542  1.00 11.48 ? 86  LEU A CB  1 
ATOM   741  C CG  . LEU A 1 86  ? -6.844  9.559   10.599  1.00 14.93 ? 86  LEU A CG  1 
ATOM   742  C CD1 . LEU A 1 86  ? -5.521  9.533   9.844   1.00 15.70 ? 86  LEU A CD1 1 
ATOM   743  C CD2 . LEU A 1 86  ? -7.775  10.606  9.992   1.00 16.60 ? 86  LEU A CD2 1 
ATOM   744  N N   . ASP A 1 87  ? -5.035  6.757   12.621  1.00 10.68 ? 87  ASP A N   1 
ATOM   745  C CA  . ASP A 1 87  ? -4.466  6.765   13.965  1.00 11.76 ? 87  ASP A CA  1 
ATOM   746  C C   . ASP A 1 87  ? -3.184  7.570   14.035  1.00 11.84 ? 87  ASP A C   1 
ATOM   747  O O   . ASP A 1 87  ? -2.228  7.288   13.315  1.00 11.80 ? 87  ASP A O   1 
ATOM   748  C CB  . ASP A 1 87  ? -4.161  5.331   14.412  1.00 12.32 ? 87  ASP A CB  1 
ATOM   749  C CG  . ASP A 1 87  ? -5.384  4.445   14.404  1.00 14.56 ? 87  ASP A CG  1 
ATOM   750  O OD1 . ASP A 1 87  ? -6.315  4.737   15.171  1.00 15.70 ? 87  ASP A OD1 1 
ATOM   751  O OD2 . ASP A 1 87  ? -5.406  3.462   13.628  1.00 16.74 ? 87  ASP A OD2 1 
ATOM   752  N N   . GLY A 1 88  ? -3.170  8.567   14.914  1.00 13.14 ? 88  GLY A N   1 
ATOM   753  C CA  . GLY A 1 88  ? -1.985  9.383   15.086  1.00 14.69 ? 88  GLY A CA  1 
ATOM   754  C C   . GLY A 1 88  ? -1.522  10.042  13.812  1.00 14.86 ? 88  GLY A C   1 
ATOM   755  O O   . GLY A 1 88  ? -0.324  10.204  13.591  1.00 15.70 ? 88  GLY A O   1 
ATOM   756  N N   . GLY A 1 89  ? -2.474  10.427  12.971  1.00 14.22 ? 89  GLY A N   1 
ATOM   757  C CA  . GLY A 1 89  ? -2.130  11.078  11.724  1.00 15.08 ? 89  GLY A CA  1 
ATOM   758  C C   . GLY A 1 89  ? -1.699  10.136  10.614  1.00 13.48 ? 89  GLY A C   1 
ATOM   759  O O   . GLY A 1 89  ? -1.364  10.587  9.517   1.00 16.01 ? 89  GLY A O   1 
ATOM   760  N N   . ALA A 1 90  ? -1.706  8.834   10.881  1.00 11.81 ? 90  ALA A N   1 
ATOM   761  C CA  . ALA A 1 90  ? -1.307  7.856   9.868   1.00 10.64 ? 90  ALA A CA  1 
ATOM   762  C C   . ALA A 1 90  ? -2.470  6.958   9.454   1.00 10.28 ? 90  ALA A C   1 
ATOM   763  O O   . ALA A 1 90  ? -3.415  6.771   10.213  1.00 10.61 ? 90  ALA A O   1 
ATOM   764  C CB  . ALA A 1 90  ? -0.160  7.001   10.402  1.00 11.53 ? 90  ALA A CB  1 
ATOM   765  N N   . LEU A 1 91  ? -2.394  6.406   8.246   1.00 8.08  ? 91  LEU A N   1 
ATOM   766  C CA  . LEU A 1 91  ? -3.436  5.503   7.767   1.00 8.44  ? 91  LEU A CA  1 
ATOM   767  C C   . LEU A 1 91  ? -2.940  4.097   8.067   1.00 8.86  ? 91  LEU A C   1 
ATOM   768  O O   . LEU A 1 91  ? -1.909  3.679   7.550   1.00 9.49  ? 91  LEU A O   1 
ATOM   769  C CB  . LEU A 1 91  ? -3.655  5.683   6.262   1.00 8.78  ? 91  LEU A CB  1 
ATOM   770  C CG  . LEU A 1 91  ? -4.263  7.027   5.843   1.00 11.28 ? 91  LEU A CG  1 
ATOM   771  C CD1 . LEU A 1 91  ? -4.137  7.221   4.340   1.00 13.42 ? 91  LEU A CD1 1 
ATOM   772  C CD2 . LEU A 1 91  ? -5.729  7.063   6.267   1.00 11.71 ? 91  LEU A CD2 1 
ATOM   773  N N   . VAL A 1 92  ? -3.664  3.373   8.914   1.00 7.55  ? 92  VAL A N   1 
ATOM   774  C CA  . VAL A 1 92  ? -3.261  2.024   9.287   1.00 7.68  ? 92  VAL A CA  1 
ATOM   775  C C   . VAL A 1 92  ? -4.201  0.994   8.679   1.00 7.40  ? 92  VAL A C   1 
ATOM   776  O O   . VAL A 1 92  ? -5.391  0.957   8.995   1.00 8.32  ? 92  VAL A O   1 
ATOM   777  C CB  . VAL A 1 92  ? -3.240  1.863   10.820  1.00 8.84  ? 92  VAL A CB  1 
ATOM   778  C CG1 . VAL A 1 92  ? -2.754  0.469   11.196  1.00 9.65  ? 92  VAL A CG1 1 
ATOM   779  C CG2 . VAL A 1 92  ? -2.346  2.931   11.436  1.00 10.19 ? 92  VAL A CG2 1 
ATOM   780  N N   . GLN A 1 93  ? -3.652  0.153   7.804   1.00 7.02  ? 93  GLN A N   1 
ATOM   781  C CA  . GLN A 1 93  ? -4.428  -0.875  7.126   1.00 7.37  ? 93  GLN A CA  1 
ATOM   782  C C   . GLN A 1 93  ? -4.043  -2.293  7.540   1.00 7.65  ? 93  GLN A C   1 
ATOM   783  O O   . GLN A 1 93  ? -2.864  -2.625  7.647   1.00 9.25  ? 93  GLN A O   1 
ATOM   784  C CB  . GLN A 1 93  ? -4.251  -0.741  5.609   1.00 7.94  ? 93  GLN A CB  1 
ATOM   785  C CG  . GLN A 1 93  ? -4.839  -1.890  4.790   1.00 9.69  ? 93  GLN A CG  1 
ATOM   786  C CD  . GLN A 1 93  ? -4.684  -1.688  3.295   1.00 10.10 ? 93  GLN A CD  1 
ATOM   787  O OE1 . GLN A 1 93  ? -3.774  -0.984  2.841   1.00 13.10 ? 93  GLN A OE1 1 
ATOM   788  N NE2 . GLN A 1 93  ? -5.557  -2.320  2.518   1.00 11.27 ? 93  GLN A NE2 1 
ATOM   789  N N   . VAL A 1 94  ? -5.054  -3.118  7.780   1.00 6.89  ? 94  VAL A N   1 
ATOM   790  C CA  . VAL A 1 94  ? -4.824  -4.513  8.125   1.00 8.58  ? 94  VAL A CA  1 
ATOM   791  C C   . VAL A 1 94  ? -5.515  -5.340  7.046   1.00 6.37  ? 94  VAL A C   1 
ATOM   792  O O   . VAL A 1 94  ? -6.664  -5.069  6.700   1.00 9.59  ? 94  VAL A O   1 
ATOM   793  C CB  . VAL A 1 94  ? -5.424  -4.892  9.507   1.00 9.78  ? 94  VAL A CB  1 
ATOM   794  C CG1 . VAL A 1 94  ? -5.218  -6.378  9.771   1.00 14.23 ? 94  VAL A CG1 1 
ATOM   795  C CG2 . VAL A 1 94  ? -4.754  -4.085  10.619  1.00 13.13 ? 94  VAL A CG2 1 
ATOM   796  N N   . GLN A 1 95  ? -4.800  -6.310  6.482   1.00 5.84  ? 95  GLN A N   1 
ATOM   797  C CA  . GLN A 1 95  ? -5.381  -7.188  5.466   1.00 8.31  ? 95  GLN A CA  1 
ATOM   798  C C   . GLN A 1 95  ? -5.411  -8.581  6.072   1.00 9.40  ? 95  GLN A C   1 
ATOM   799  O O   . GLN A 1 95  ? -4.426  -9.026  6.654   1.00 10.40 ? 95  GLN A O   1 
ATOM   800  C CB  . GLN A 1 95  ? -4.528  -7.239  4.195   1.00 9.87  ? 95  GLN A CB  1 
ATOM   801  C CG  . GLN A 1 95  ? -4.383  -5.944  3.420   1.00 10.75 ? 95  GLN A CG  1 
ATOM   802  C CD  . GLN A 1 95  ? -3.528  -6.159  2.188   1.00 9.40  ? 95  GLN A CD  1 
ATOM   803  O OE1 . GLN A 1 95  ? -2.581  -6.943  2.222   1.00 10.86 ? 95  GLN A OE1 1 
ATOM   804  N NE2 . GLN A 1 95  ? -3.850  -5.467  1.098   1.00 10.76 ? 95  GLN A NE2 1 
ATOM   805  N N   . LYS A 1 96  ? -6.540  -9.268  5.934   1.00 10.36 ? 96  LYS A N   1 
ATOM   806  C CA  . LYS A 1 96  ? -6.678  -10.611 6.480   1.00 11.23 ? 96  LYS A CA  1 
ATOM   807  C C   . LYS A 1 96  ? -7.160  -11.570 5.403   1.00 11.17 ? 96  LYS A C   1 
ATOM   808  O O   . LYS A 1 96  ? -8.042  -11.230 4.617   1.00 11.93 ? 96  LYS A O   1 
ATOM   809  C CB  . LYS A 1 96  ? -7.671  -10.606 7.646   1.00 14.09 ? 96  LYS A CB  1 
ATOM   810  C CG  . LYS A 1 96  ? -7.371  -9.534  8.692   1.00 17.98 ? 96  LYS A CG  1 
ATOM   811  C CD  . LYS A 1 96  ? -8.187  -9.724  9.978   1.00 23.47 ? 96  LYS A CD  1 
ATOM   812  C CE  . LYS A 1 96  ? -9.659  -9.960  9.686   1.00 24.88 ? 96  LYS A CE  1 
ATOM   813  N NZ  . LYS A 1 96  ? -10.309 -8.844  8.934   1.00 28.38 ? 96  LYS A NZ  1 
ATOM   814  N N   . TRP A 1 97  ? -6.572  -12.763 5.375   1.00 10.55 ? 97  TRP A N   1 
ATOM   815  C CA  . TRP A 1 97  ? -6.948  -13.795 4.414   1.00 10.35 ? 97  TRP A CA  1 
ATOM   816  C C   . TRP A 1 97  ? -6.373  -15.130 4.890   1.00 12.42 ? 97  TRP A C   1 
ATOM   817  O O   . TRP A 1 97  ? -5.290  -15.173 5.476   1.00 11.92 ? 97  TRP A O   1 
ATOM   818  C CB  . TRP A 1 97  ? -6.420  -13.442 3.006   1.00 10.74 ? 97  TRP A CB  1 
ATOM   819  C CG  . TRP A 1 97  ? -4.969  -13.757 2.762   1.00 10.61 ? 97  TRP A CG  1 
ATOM   820  C CD1 . TRP A 1 97  ? -4.465  -14.800 2.029   1.00 12.41 ? 97  TRP A CD1 1 
ATOM   821  C CD2 . TRP A 1 97  ? -3.838  -13.053 3.285   1.00 11.71 ? 97  TRP A CD2 1 
ATOM   822  N NE1 . TRP A 1 97  ? -3.092  -14.791 2.069   1.00 13.46 ? 97  TRP A NE1 1 
ATOM   823  C CE2 . TRP A 1 97  ? -2.678  -13.730 2.834   1.00 12.91 ? 97  TRP A CE2 1 
ATOM   824  C CE3 . TRP A 1 97  ? -3.688  -11.921 4.096   1.00 12.50 ? 97  TRP A CE3 1 
ATOM   825  C CZ2 . TRP A 1 97  ? -1.381  -13.309 3.168   1.00 13.16 ? 97  TRP A CZ2 1 
ATOM   826  C CZ3 . TRP A 1 97  ? -2.394  -11.500 4.431   1.00 11.68 ? 97  TRP A CZ3 1 
ATOM   827  C CH2 . TRP A 1 97  ? -1.261  -12.196 3.966   1.00 11.89 ? 97  TRP A CH2 1 
ATOM   828  N N   . ASP A 1 98  ? -7.118  -16.207 4.657   1.00 13.71 ? 98  ASP A N   1 
ATOM   829  C CA  . ASP A 1 98  ? -6.697  -17.554 5.040   1.00 16.20 ? 98  ASP A CA  1 
ATOM   830  C C   . ASP A 1 98  ? -6.019  -17.680 6.411   1.00 14.97 ? 98  ASP A C   1 
ATOM   831  O O   . ASP A 1 98  ? -5.007  -18.370 6.549   1.00 16.36 ? 98  ASP A O   1 
ATOM   832  C CB  . ASP A 1 98  ? -5.775  -18.133 3.963   1.00 20.62 ? 98  ASP A CB  1 
ATOM   833  C CG  . ASP A 1 98  ? -6.435  -18.184 2.601   1.00 24.28 ? 98  ASP A CG  1 
ATOM   834  O OD1 . ASP A 1 98  ? -7.637  -18.526 2.546   1.00 26.74 ? 98  ASP A OD1 1 
ATOM   835  O OD2 . ASP A 1 98  ? -5.755  -17.900 1.585   1.00 27.02 ? 98  ASP A OD2 1 
ATOM   836  N N   . GLY A 1 99  ? -6.577  -17.017 7.417   1.00 13.39 ? 99  GLY A N   1 
ATOM   837  C CA  . GLY A 1 99  ? -6.013  -17.098 8.754   1.00 15.06 ? 99  GLY A CA  1 
ATOM   838  C C   . GLY A 1 99  ? -4.728  -16.322 8.980   1.00 15.51 ? 99  GLY A C   1 
ATOM   839  O O   . GLY A 1 99  ? -4.104  -16.445 10.036  1.00 17.22 ? 99  GLY A O   1 
ATOM   840  N N   . LYS A 1 100 ? -4.325  -15.531 7.990   1.00 13.75 ? 100 LYS A N   1 
ATOM   841  C CA  . LYS A 1 100 ? -3.112  -14.733 8.103   1.00 14.34 ? 100 LYS A CA  1 
ATOM   842  C C   . LYS A 1 100 ? -3.452  -13.252 8.062   1.00 12.82 ? 100 LYS A C   1 
ATOM   843  O O   . LYS A 1 100 ? -4.562  -12.871 7.687   1.00 11.57 ? 100 LYS A O   1 
ATOM   844  C CB  . LYS A 1 100 ? -2.156  -15.058 6.957   1.00 17.16 ? 100 LYS A CB  1 
ATOM   845  C CG  . LYS A 1 100 ? -1.639  -16.491 6.970   1.00 20.88 ? 100 LYS A CG  1 
ATOM   846  C CD  . LYS A 1 100 ? -0.635  -16.723 5.853   1.00 24.84 ? 100 LYS A CD  1 
ATOM   847  C CE  . LYS A 1 100 ? -1.251  -16.424 4.507   1.00 26.21 ? 100 LYS A CE  1 
ATOM   848  N NZ  . LYS A 1 100 ? -2.561  -17.113 4.364   1.00 29.99 ? 100 LYS A NZ  1 
ATOM   849  N N   . SER A 1 101 ? -2.496  -12.415 8.444   1.00 12.61 ? 101 SER A N   1 
ATOM   850  C CA  . SER A 1 101 ? -2.719  -10.975 8.419   1.00 12.79 ? 101 SER A CA  1 
ATOM   851  C C   . SER A 1 101 ? -1.414  -10.222 8.221   1.00 11.49 ? 101 SER A C   1 
ATOM   852  O O   . SER A 1 101 ? -0.337  -10.712 8.549   1.00 11.36 ? 101 SER A O   1 
ATOM   853  C CB  . SER A 1 101 ? -3.381  -10.512 9.714   1.00 14.77 ? 101 SER A CB  1 
ATOM   854  O OG  . SER A 1 101 ? -2.522  -10.738 10.813  1.00 20.61 ? 101 SER A OG  1 
ATOM   855  N N   . THR A 1 102 ? -1.524  -9.028  7.661   1.00 9.24  ? 102 THR A N   1 
ATOM   856  C CA  . THR A 1 102 ? -0.366  -8.182  7.432   1.00 7.61  ? 102 THR A CA  1 
ATOM   857  C C   . THR A 1 102 ? -0.833  -6.750  7.659   1.00 8.65  ? 102 THR A C   1 
ATOM   858  O O   . THR A 1 102 ? -2.011  -6.439  7.480   1.00 8.55  ? 102 THR A O   1 
ATOM   859  C CB  . THR A 1 102 ? 0.195   -8.366  5.994   1.00 7.01  ? 102 THR A CB  1 
ATOM   860  O OG1 . THR A 1 102 ? 1.378   -7.568  5.835   1.00 10.18 ? 102 THR A OG1 1 
ATOM   861  C CG2 . THR A 1 102 ? -0.850  -7.975  4.935   1.00 8.52  ? 102 THR A CG2 1 
ATOM   862  N N   A THR A 1 103 ? 0.086   -5.882  8.065   0.50 7.92  ? 103 THR A N   1 
ATOM   863  N N   B THR A 1 103 ? 0.091   -5.885  8.061   0.50 7.60  ? 103 THR A N   1 
ATOM   864  C CA  A THR A 1 103 ? -0.254  -4.487  8.311   0.50 8.99  ? 103 THR A CA  1 
ATOM   865  C CA  B THR A 1 103 ? -0.235  -4.489  8.317   0.50 8.43  ? 103 THR A CA  1 
ATOM   866  C C   A THR A 1 103 ? 0.501   -3.568  7.366   0.50 9.19  ? 103 THR A C   1 
ATOM   867  C C   B THR A 1 103 ? 0.506   -3.569  7.361   0.50 8.89  ? 103 THR A C   1 
ATOM   868  O O   A THR A 1 103 ? 1.693   -3.754  7.120   0.50 10.62 ? 103 THR A O   1 
ATOM   869  O O   B THR A 1 103 ? 1.695   -3.754  7.104   0.50 10.35 ? 103 THR A O   1 
ATOM   870  C CB  A THR A 1 103 ? 0.073   -4.076  9.757   0.50 9.96  ? 103 THR A CB  1 
ATOM   871  C CB  B THR A 1 103 ? 0.130   -4.088  9.759   0.50 8.96  ? 103 THR A CB  1 
ATOM   872  O OG1 A THR A 1 103 ? 1.423   -4.439  10.062  0.50 12.22 ? 103 THR A OG1 1 
ATOM   873  O OG1 B THR A 1 103 ? -0.557  -4.940  10.682  0.50 10.97 ? 103 THR A OG1 1 
ATOM   874  C CG2 A THR A 1 103 ? -0.870  -4.761  10.732  0.50 11.17 ? 103 THR A CG2 1 
ATOM   875  C CG2 B THR A 1 103 ? -0.268  -2.647  10.025  0.50 9.05  ? 103 THR A CG2 1 
ATOM   876  N N   . ILE A 1 104 ? -0.212  -2.584  6.828   1.00 8.31  ? 104 ILE A N   1 
ATOM   877  C CA  . ILE A 1 104 ? 0.370   -1.620  5.905   1.00 7.14  ? 104 ILE A CA  1 
ATOM   878  C C   . ILE A 1 104 ? 0.097   -0.243  6.484   1.00 7.75  ? 104 ILE A C   1 
ATOM   879  O O   . ILE A 1 104 ? -1.059  0.150   6.634   1.00 8.15  ? 104 ILE A O   1 
ATOM   880  C CB  . ILE A 1 104 ? -0.280  -1.721  4.503   1.00 8.65  ? 104 ILE A CB  1 
ATOM   881  C CG1 . ILE A 1 104 ? -0.001  -3.098  3.900   1.00 11.07 ? 104 ILE A CG1 1 
ATOM   882  C CG2 . ILE A 1 104 ? 0.264   -0.636  3.585   1.00 9.45  ? 104 ILE A CG2 1 
ATOM   883  C CD1 . ILE A 1 104 ? -0.806  -3.395  2.648   1.00 16.78 ? 104 ILE A CD1 1 
ATOM   884  N N   . LYS A 1 105 ? 1.159   0.486   6.810   1.00 7.92  ? 105 LYS A N   1 
ATOM   885  C CA  . LYS A 1 105 ? 1.022   1.822   7.375   1.00 10.09 ? 105 LYS A CA  1 
ATOM   886  C C   . LYS A 1 105 ? 1.484   2.873   6.381   1.00 8.11  ? 105 LYS A C   1 
ATOM   887  O O   . LYS A 1 105 ? 2.541   2.739   5.772   1.00 9.12  ? 105 LYS A O   1 
ATOM   888  C CB  . LYS A 1 105 ? 1.854   1.953   8.654   1.00 11.90 ? 105 LYS A CB  1 
ATOM   889  C CG  . LYS A 1 105 ? 1.428   1.038   9.791   1.00 18.86 ? 105 LYS A CG  1 
ATOM   890  C CD  . LYS A 1 105 ? 2.531   0.965   10.844  1.00 24.24 ? 105 LYS A CD  1 
ATOM   891  C CE  . LYS A 1 105 ? 2.176   0.004   11.976  1.00 27.10 ? 105 LYS A CE  1 
ATOM   892  N NZ  . LYS A 1 105 ? 1.253   0.603   12.993  1.00 30.61 ? 105 LYS A NZ  1 
ATOM   893  N N   . ARG A 1 106 ? 0.683   3.916   6.211   1.00 6.28  ? 106 ARG A N   1 
ATOM   894  C CA  . ARG A 1 106 ? 1.042   4.996   5.305   1.00 6.93  ? 106 ARG A CA  1 
ATOM   895  C C   . ARG A 1 106 ? 1.142   6.242   6.172   1.00 7.58  ? 106 ARG A C   1 
ATOM   896  O O   . ARG A 1 106 ? 0.186   6.612   6.850   1.00 7.59  ? 106 ARG A O   1 
ATOM   897  C CB  . ARG A 1 106 ? -0.031  5.165   4.225   1.00 6.51  ? 106 ARG A CB  1 
ATOM   898  C CG  . ARG A 1 106 ? -0.193  3.934   3.329   1.00 8.43  ? 106 ARG A CG  1 
ATOM   899  C CD  . ARG A 1 106 ? -1.329  4.107   2.322   1.00 11.50 ? 106 ARG A CD  1 
ATOM   900  N NE  . ARG A 1 106 ? -1.421  2.994   1.373   1.00 11.92 ? 106 ARG A NE  1 
ATOM   901  C CZ  . ARG A 1 106 ? -2.113  1.874   1.576   1.00 11.83 ? 106 ARG A CZ  1 
ATOM   902  N NH1 . ARG A 1 106 ? -2.790  1.691   2.701   1.00 12.67 ? 106 ARG A NH1 1 
ATOM   903  N NH2 . ARG A 1 106 ? -2.141  0.935   0.640   1.00 15.28 ? 106 ARG A NH2 1 
ATOM   904  N N   . LYS A 1 107 ? 2.304   6.883   6.167   1.00 7.60  ? 107 LYS A N   1 
ATOM   905  C CA  . LYS A 1 107 ? 2.487   8.060   6.997   1.00 9.29  ? 107 LYS A CA  1 
ATOM   906  C C   . LYS A 1 107 ? 3.280   9.142   6.300   1.00 9.18  ? 107 LYS A C   1 
ATOM   907  O O   . LYS A 1 107 ? 3.937   8.900   5.290   1.00 11.41 ? 107 LYS A O   1 
ATOM   908  C CB  . LYS A 1 107 ? 3.196   7.676   8.296   1.00 13.36 ? 107 LYS A CB  1 
ATOM   909  C CG  . LYS A 1 107 ? 4.596   7.115   8.105   1.00 16.55 ? 107 LYS A CG  1 
ATOM   910  C CD  . LYS A 1 107 ? 5.223   6.704   9.446   1.00 19.57 ? 107 LYS A CD  1 
ATOM   911  C CE  . LYS A 1 107 ? 6.631   6.132   9.259   1.00 22.84 ? 107 LYS A CE  1 
ATOM   912  N NZ  . LYS A 1 107 ? 7.258   5.687   10.549  1.00 24.32 ? 107 LYS A NZ  1 
ATOM   913  N N   . ARG A 1 108 ? 3.203   10.346  6.843   1.00 8.88  ? 108 ARG A N   1 
ATOM   914  C CA  . ARG A 1 108 ? 3.945   11.457  6.285   1.00 9.05  ? 108 ARG A CA  1 
ATOM   915  C C   . ARG A 1 108 ? 5.253   11.602  7.066   1.00 9.53  ? 108 ARG A C   1 
ATOM   916  O O   . ARG A 1 108 ? 5.292   11.420  8.283   1.00 11.14 ? 108 ARG A O   1 
ATOM   917  C CB  . ARG A 1 108 ? 3.120   12.750  6.379   1.00 8.84  ? 108 ARG A CB  1 
ATOM   918  C CG  . ARG A 1 108 ? 1.958   12.837  5.379   1.00 6.54  ? 108 ARG A CG  1 
ATOM   919  C CD  . ARG A 1 108 ? 2.468   12.759  3.941   1.00 7.80  ? 108 ARG A CD  1 
ATOM   920  N NE  . ARG A 1 108 ? 3.517   13.746  3.698   1.00 9.41  ? 108 ARG A NE  1 
ATOM   921  C CZ  . ARG A 1 108 ? 3.293   15.030  3.448   1.00 8.68  ? 108 ARG A CZ  1 
ATOM   922  N NH1 . ARG A 1 108 ? 2.055   15.499  3.386   1.00 7.87  ? 108 ARG A NH1 1 
ATOM   923  N NH2 . ARG A 1 108 ? 4.316   15.856  3.297   1.00 10.26 ? 108 ARG A NH2 1 
ATOM   924  N N   . ASP A 1 109 ? 6.332   11.903  6.352   1.00 9.63  ? 109 ASP A N   1 
ATOM   925  C CA  . ASP A 1 109 ? 7.633   12.088  6.983   1.00 10.43 ? 109 ASP A CA  1 
ATOM   926  C C   . ASP A 1 109 ? 8.259   13.247  6.234   1.00 8.94  ? 109 ASP A C   1 
ATOM   927  O O   . ASP A 1 109 ? 8.726   13.085  5.113   1.00 9.90  ? 109 ASP A O   1 
ATOM   928  C CB  . ASP A 1 109 ? 8.498   10.838  6.820   1.00 13.03 ? 109 ASP A CB  1 
ATOM   929  C CG  . ASP A 1 109 ? 9.799   10.927  7.593   1.00 16.19 ? 109 ASP A CG  1 
ATOM   930  O OD1 . ASP A 1 109 ? 10.224  12.052  7.934   1.00 17.22 ? 109 ASP A OD1 1 
ATOM   931  O OD2 . ASP A 1 109 ? 10.409  9.869   7.855   1.00 20.67 ? 109 ASP A OD2 1 
ATOM   932  N N   . GLY A 1 110 ? 8.265   14.419  6.854   1.00 9.87  ? 110 GLY A N   1 
ATOM   933  C CA  . GLY A 1 110 ? 8.796   15.588  6.180   1.00 9.87  ? 110 GLY A CA  1 
ATOM   934  C C   . GLY A 1 110 ? 7.942   15.844  4.950   1.00 11.22 ? 110 GLY A C   1 
ATOM   935  O O   . GLY A 1 110 ? 6.715   15.907  5.037   1.00 11.86 ? 110 GLY A O   1 
ATOM   936  N N   . ASP A 1 111 ? 8.573   15.976  3.789   1.00 10.24 ? 111 ASP A N   1 
ATOM   937  C CA  . ASP A 1 111 ? 7.807   16.209  2.571   1.00 11.10 ? 111 ASP A CA  1 
ATOM   938  C C   . ASP A 1 111 ? 7.504   14.906  1.848   1.00 11.34 ? 111 ASP A C   1 
ATOM   939  O O   . ASP A 1 111 ? 6.984   14.911  0.728   1.00 11.74 ? 111 ASP A O   1 
ATOM   940  C CB  . ASP A 1 111 ? 8.564   17.149  1.631   1.00 12.87 ? 111 ASP A CB  1 
ATOM   941  C CG  . ASP A 1 111 ? 9.927   16.614  1.230   1.00 15.68 ? 111 ASP A CG  1 
ATOM   942  O OD1 . ASP A 1 111 ? 10.285  15.479  1.607   1.00 17.21 ? 111 ASP A OD1 1 
ATOM   943  O OD2 . ASP A 1 111 ? 10.656  17.344  0.523   1.00 16.82 ? 111 ASP A OD2 1 
ATOM   944  N N   . LYS A 1 112 ? 7.795   13.788  2.503   1.00 11.14 ? 112 LYS A N   1 
ATOM   945  C CA  . LYS A 1 112 ? 7.578   12.486  1.884   1.00 9.42  ? 112 LYS A CA  1 
ATOM   946  C C   . LYS A 1 112 ? 6.392   11.700  2.418   1.00 8.96  ? 112 LYS A C   1 
ATOM   947  O O   . LYS A 1 112 ? 5.771   12.053  3.425   1.00 7.58  ? 112 LYS A O   1 
ATOM   948  C CB  . LYS A 1 112 ? 8.814   11.596  2.071   1.00 12.02 ? 112 LYS A CB  1 
ATOM   949  C CG  . LYS A 1 112 ? 10.154  12.238  1.747   1.00 16.15 ? 112 LYS A CG  1 
ATOM   950  C CD  . LYS A 1 112 ? 10.433  12.233  0.262   1.00 18.70 ? 112 LYS A CD  1 
ATOM   951  C CE  . LYS A 1 112 ? 11.872  12.640  -0.010  1.00 20.83 ? 112 LYS A CE  1 
ATOM   952  N NZ  . LYS A 1 112 ? 12.199  13.977  0.560   1.00 19.91 ? 112 LYS A NZ  1 
ATOM   953  N N   A LEU A 1 113 ? 6.096   10.614  1.714   0.50 8.12  ? 113 LEU A N   1 
ATOM   954  N N   B LEU A 1 113 ? 6.093   10.616  1.714   0.50 7.92  ? 113 LEU A N   1 
ATOM   955  C CA  A LEU A 1 113 ? 5.028   9.701   2.079   0.50 8.39  ? 113 LEU A CA  1 
ATOM   956  C CA  B LEU A 1 113 ? 5.028   9.699   2.086   0.50 8.04  ? 113 LEU A CA  1 
ATOM   957  C C   A LEU A 1 113 ? 5.754   8.378   2.256   0.50 9.04  ? 113 LEU A C   1 
ATOM   958  C C   B LEU A 1 113 ? 5.743   8.371   2.252   0.50 8.86  ? 113 LEU A C   1 
ATOM   959  O O   A LEU A 1 113 ? 6.404   7.897   1.325   0.50 9.44  ? 113 LEU A O   1 
ATOM   960  O O   B LEU A 1 113 ? 6.374   7.882   1.313   0.50 9.40  ? 113 LEU A O   1 
ATOM   961  C CB  A LEU A 1 113 ? 4.005   9.587   0.945   0.50 10.18 ? 113 LEU A CB  1 
ATOM   962  C CB  B LEU A 1 113 ? 3.984   9.595   0.971   0.50 9.41  ? 113 LEU A CB  1 
ATOM   963  C CG  A LEU A 1 113 ? 2.698   8.823   1.188   0.50 13.01 ? 113 LEU A CG  1 
ATOM   964  C CG  B LEU A 1 113 ? 2.944   8.478   1.101   0.50 11.76 ? 113 LEU A CG  1 
ATOM   965  C CD1 A LEU A 1 113 ? 2.979   7.377   1.554   0.50 12.50 ? 113 LEU A CD1 1 
ATOM   966  C CD1 B LEU A 1 113 ? 2.275   8.547   2.454   0.50 11.12 ? 113 LEU A CD1 1 
ATOM   967  C CD2 A LEU A 1 113 ? 1.917   9.513   2.279   0.50 13.50 ? 113 LEU A CD2 1 
ATOM   968  C CD2 B LEU A 1 113 ? 1.915   8.611   -0.013  0.50 12.59 ? 113 LEU A CD2 1 
ATOM   969  N N   . VAL A 1 114 ? 5.665   7.801   3.448   1.00 8.09  ? 114 VAL A N   1 
ATOM   970  C CA  . VAL A 1 114 ? 6.325   6.540   3.721   1.00 8.69  ? 114 VAL A CA  1 
ATOM   971  C C   . VAL A 1 114 ? 5.339   5.411   3.927   1.00 8.23  ? 114 VAL A C   1 
ATOM   972  O O   . VAL A 1 114 ? 4.375   5.539   4.677   1.00 9.37  ? 114 VAL A O   1 
ATOM   973  C CB  . VAL A 1 114 ? 7.226   6.661   4.965   1.00 9.20  ? 114 VAL A CB  1 
ATOM   974  C CG1 . VAL A 1 114 ? 7.854   5.309   5.300   1.00 11.61 ? 114 VAL A CG1 1 
ATOM   975  C CG2 . VAL A 1 114 ? 8.293   7.701   4.716   1.00 12.11 ? 114 VAL A CG2 1 
ATOM   976  N N   . VAL A 1 115 ? 5.589   4.300   3.248   1.00 9.18  ? 115 VAL A N   1 
ATOM   977  C CA  . VAL A 1 115 ? 4.731   3.132   3.371   1.00 8.23  ? 115 VAL A CA  1 
ATOM   978  C C   . VAL A 1 115 ? 5.561   2.023   4.005   1.00 9.44  ? 115 VAL A C   1 
ATOM   979  O O   . VAL A 1 115 ? 6.608   1.643   3.474   1.00 10.32 ? 115 VAL A O   1 
ATOM   980  C CB  . VAL A 1 115 ? 4.225   2.657   1.980   1.00 10.26 ? 115 VAL A CB  1 
ATOM   981  C CG1 . VAL A 1 115 ? 3.287   1.462   2.148   1.00 10.78 ? 115 VAL A CG1 1 
ATOM   982  C CG2 . VAL A 1 115 ? 3.521   3.795   1.262   1.00 10.77 ? 115 VAL A CG2 1 
ATOM   983  N N   . GLU A 1 116 ? 5.094   1.522   5.145   1.00 8.44  ? 116 GLU A N   1 
ATOM   984  C CA  . GLU A 1 116 ? 5.768   0.445   5.861   1.00 9.44  ? 116 GLU A CA  1 
ATOM   985  C C   . GLU A 1 116 ? 4.855   -0.776  5.878   1.00 9.11  ? 116 GLU A C   1 
ATOM   986  O O   . GLU A 1 116 ? 3.707   -0.691  6.314   1.00 9.62  ? 116 GLU A O   1 
ATOM   987  C CB  . GLU A 1 116 ? 6.091   0.871   7.302   1.00 13.47 ? 116 GLU A CB  1 
ATOM   988  C CG  . GLU A 1 116 ? 6.535   -0.287  8.200   1.00 19.91 ? 116 GLU A CG  1 
ATOM   989  C CD  . GLU A 1 116 ? 7.436   0.141   9.346   1.00 23.74 ? 116 GLU A CD  1 
ATOM   990  O OE1 . GLU A 1 116 ? 7.038   1.026   10.135  1.00 26.04 ? 116 GLU A OE1 1 
ATOM   991  O OE2 . GLU A 1 116 ? 8.553   -0.417  9.466   1.00 25.43 ? 116 GLU A OE2 1 
ATOM   992  N N   . CYS A 1 117 ? 5.376   -1.907  5.403   1.00 8.78  ? 117 CYS A N   1 
ATOM   993  C CA  . CYS A 1 117 ? 4.619   -3.160  5.350   1.00 9.30  ? 117 CYS A CA  1 
ATOM   994  C C   . CYS A 1 117 ? 5.260   -4.199  6.265   1.00 9.72  ? 117 CYS A C   1 
ATOM   995  O O   . CYS A 1 117 ? 6.482   -4.358  6.265   1.00 11.05 ? 117 CYS A O   1 
ATOM   996  C CB  . CYS A 1 117 ? 4.592   -3.688  3.917   1.00 10.96 ? 117 CYS A CB  1 
ATOM   997  S SG  . CYS A 1 117 ? 3.907   -2.520  2.725   1.00 15.29 ? 117 CYS A SG  1 
ATOM   998  N N   . VAL A 1 118 ? 4.436   -4.920  7.020   1.00 9.77  ? 118 VAL A N   1 
ATOM   999  C CA  . VAL A 1 118 ? 4.946   -5.918  7.947   1.00 11.19 ? 118 VAL A CA  1 
ATOM   1000 C C   . VAL A 1 118 ? 4.254   -7.262  7.825   1.00 10.54 ? 118 VAL A C   1 
ATOM   1001 O O   . VAL A 1 118 ? 3.028   -7.340  7.808   1.00 9.80  ? 118 VAL A O   1 
ATOM   1002 C CB  . VAL A 1 118 ? 4.795   -5.440  9.402   1.00 12.02 ? 118 VAL A CB  1 
ATOM   1003 C CG1 . VAL A 1 118 ? 5.450   -6.444  10.348  1.00 12.65 ? 118 VAL A CG1 1 
ATOM   1004 C CG2 . VAL A 1 118 ? 5.423   -4.067  9.563   1.00 14.44 ? 118 VAL A CG2 1 
ATOM   1005 N N   . MET A 1 119 ? 5.053   -8.323  7.742   1.00 11.24 ? 119 MET A N   1 
ATOM   1006 C CA  . MET A 1 119 ? 4.523   -9.677  7.649   1.00 12.28 ? 119 MET A CA  1 
ATOM   1007 C C   . MET A 1 119 ? 5.408   -10.589 8.489   1.00 12.54 ? 119 MET A C   1 
ATOM   1008 O O   . MET A 1 119 ? 6.576   -10.786 8.171   1.00 12.46 ? 119 MET A O   1 
ATOM   1009 C CB  . MET A 1 119 ? 4.517   -10.162 6.196   1.00 13.62 ? 119 MET A CB  1 
ATOM   1010 C CG  . MET A 1 119 ? 3.939   -11.563 6.018   1.00 15.51 ? 119 MET A CG  1 
ATOM   1011 S SD  . MET A 1 119 ? 2.179   -11.609 6.418   1.00 16.77 ? 119 MET A SD  1 
ATOM   1012 C CE  . MET A 1 119 ? 1.877   -13.406 6.564   1.00 15.05 ? 119 MET A CE  1 
ATOM   1013 N N   . LYS A 1 120 ? 4.834   -11.136 9.558   1.00 14.72 ? 120 LYS A N   1 
ATOM   1014 C CA  . LYS A 1 120 ? 5.549   -12.030 10.464  1.00 17.79 ? 120 LYS A CA  1 
ATOM   1015 C C   . LYS A 1 120 ? 6.955   -11.531 10.783  1.00 17.54 ? 120 LYS A C   1 
ATOM   1016 O O   . LYS A 1 120 ? 7.931   -12.257 10.589  1.00 18.88 ? 120 LYS A O   1 
ATOM   1017 C CB  . LYS A 1 120 ? 5.645   -13.437 9.868   1.00 21.33 ? 120 LYS A CB  1 
ATOM   1018 C CG  . LYS A 1 120 ? 4.307   -14.133 9.666   1.00 25.10 ? 120 LYS A CG  1 
ATOM   1019 C CD  . LYS A 1 120 ? 4.498   -15.569 9.198   1.00 29.22 ? 120 LYS A CD  1 
ATOM   1020 C CE  . LYS A 1 120 ? 3.172   -16.238 8.861   1.00 31.11 ? 120 LYS A CE  1 
ATOM   1021 N NZ  . LYS A 1 120 ? 3.365   -17.630 8.336   1.00 33.12 ? 120 LYS A NZ  1 
ATOM   1022 N N   . GLY A 1 121 ? 7.060   -10.289 11.241  1.00 17.18 ? 121 GLY A N   1 
ATOM   1023 C CA  . GLY A 1 121 ? 8.362   -9.753  11.599  1.00 17.02 ? 121 GLY A CA  1 
ATOM   1024 C C   . GLY A 1 121 ? 9.151   -9.089  10.485  1.00 15.98 ? 121 GLY A C   1 
ATOM   1025 O O   . GLY A 1 121 ? 9.931   -8.172  10.747  1.00 18.77 ? 121 GLY A O   1 
ATOM   1026 N N   . VAL A 1 122 ? 8.968   -9.541  9.248   1.00 13.94 ? 122 VAL A N   1 
ATOM   1027 C CA  . VAL A 1 122 ? 9.686   -8.949  8.119   1.00 12.20 ? 122 VAL A CA  1 
ATOM   1028 C C   . VAL A 1 122 ? 9.068   -7.600  7.752   1.00 11.31 ? 122 VAL A C   1 
ATOM   1029 O O   . VAL A 1 122 ? 7.874   -7.504  7.474   1.00 11.18 ? 122 VAL A O   1 
ATOM   1030 C CB  . VAL A 1 122 ? 9.653   -9.885  6.901   1.00 12.91 ? 122 VAL A CB  1 
ATOM   1031 C CG1 . VAL A 1 122 ? 10.344  -9.227  5.725   1.00 13.75 ? 122 VAL A CG1 1 
ATOM   1032 C CG2 . VAL A 1 122 ? 10.336  -11.208 7.255   1.00 14.71 ? 122 VAL A CG2 1 
ATOM   1033 N N   . THR A 1 123 ? 9.892   -6.558  7.751   1.00 9.60  ? 123 THR A N   1 
ATOM   1034 C CA  . THR A 1 123 ? 9.409   -5.218  7.464   1.00 10.74 ? 123 THR A CA  1 
ATOM   1035 C C   . THR A 1 123 ? 10.020  -4.601  6.213   1.00 11.39 ? 123 THR A C   1 
ATOM   1036 O O   . THR A 1 123 ? 11.219  -4.715  5.965   1.00 13.42 ? 123 THR A O   1 
ATOM   1037 C CB  . THR A 1 123 ? 9.683   -4.286  8.665   1.00 12.08 ? 123 THR A CB  1 
ATOM   1038 O OG1 . THR A 1 123 ? 11.088  -4.278  8.953   1.00 14.37 ? 123 THR A OG1 1 
ATOM   1039 C CG2 . THR A 1 123 ? 8.951   -4.787  9.890   1.00 11.80 ? 123 THR A CG2 1 
ATOM   1040 N N   . SER A 1 124 ? 9.178   -3.946  5.424   1.00 11.15 ? 124 SER A N   1 
ATOM   1041 C CA  . SER A 1 124 ? 9.631   -3.291  4.206   1.00 10.62 ? 124 SER A CA  1 
ATOM   1042 C C   . SER A 1 124 ? 9.220   -1.833  4.258   1.00 10.37 ? 124 SER A C   1 
ATOM   1043 O O   . SER A 1 124 ? 8.143   -1.501  4.755   1.00 11.09 ? 124 SER A O   1 
ATOM   1044 C CB  . SER A 1 124 ? 9.006   -3.946  2.972   1.00 12.59 ? 124 SER A CB  1 
ATOM   1045 O OG  . SER A 1 124 ? 9.231   -3.146  1.825   1.00 14.98 ? 124 SER A OG  1 
ATOM   1046 N N   . THR A 1 125 ? 10.081  -0.967  3.737   1.00 8.86  ? 125 THR A N   1 
ATOM   1047 C CA  . THR A 1 125 ? 9.817   0.461   3.721   1.00 10.08 ? 125 THR A CA  1 
ATOM   1048 C C   . THR A 1 125 ? 9.953   1.027   2.311   1.00 10.43 ? 125 THR A C   1 
ATOM   1049 O O   . THR A 1 125 ? 10.951  0.786   1.625   1.00 11.05 ? 125 THR A O   1 
ATOM   1050 C CB  . THR A 1 125 ? 10.804  1.220   4.633   1.00 11.36 ? 125 THR A CB  1 
ATOM   1051 O OG1 . THR A 1 125 ? 10.796  0.639   5.942   1.00 13.74 ? 125 THR A OG1 1 
ATOM   1052 C CG2 . THR A 1 125 ? 10.413  2.688   4.739   1.00 11.67 ? 125 THR A CG2 1 
ATOM   1053 N N   . ARG A 1 126 ? 8.941   1.774   1.881   1.00 8.88  ? 126 ARG A N   1 
ATOM   1054 C CA  . ARG A 1 126 ? 8.955   2.404   0.565   1.00 10.33 ? 126 ARG A CA  1 
ATOM   1055 C C   . ARG A 1 126 ? 8.686   3.894   0.751   1.00 9.38  ? 126 ARG A C   1 
ATOM   1056 O O   . ARG A 1 126 ? 7.752   4.287   1.452   1.00 10.33 ? 126 ARG A O   1 
ATOM   1057 C CB  . ARG A 1 126 ? 7.904   1.761   -0.346  1.00 11.07 ? 126 ARG A CB  1 
ATOM   1058 C CG  . ARG A 1 126 ? 8.287   0.342   -0.769  1.00 14.88 ? 126 ARG A CG  1 
ATOM   1059 C CD  . ARG A 1 126 ? 7.075   -0.481  -1.189  1.00 21.25 ? 126 ARG A CD  1 
ATOM   1060 N NE  . ARG A 1 126 ? 6.718   -0.338  -2.600  1.00 25.29 ? 126 ARG A NE  1 
ATOM   1061 C CZ  . ARG A 1 126 ? 7.437   -0.812  -3.620  1.00 27.17 ? 126 ARG A CZ  1 
ATOM   1062 N NH1 . ARG A 1 126 ? 8.574   -1.459  -3.403  1.00 27.92 ? 126 ARG A NH1 1 
ATOM   1063 N NH2 . ARG A 1 126 ? 6.997   -0.670  -4.866  1.00 25.90 ? 126 ARG A NH2 1 
ATOM   1064 N N   . VAL A 1 127 ? 9.525   4.717   0.137   1.00 8.32  ? 127 VAL A N   1 
ATOM   1065 C CA  . VAL A 1 127 ? 9.403   6.163   0.254   1.00 9.27  ? 127 VAL A CA  1 
ATOM   1066 C C   . VAL A 1 127 ? 8.961   6.796   -1.060  1.00 8.25  ? 127 VAL A C   1 
ATOM   1067 O O   . VAL A 1 127 ? 9.482   6.452   -2.117  1.00 8.69  ? 127 VAL A O   1 
ATOM   1068 C CB  . VAL A 1 127 ? 10.751  6.778   0.687   1.00 10.40 ? 127 VAL A CB  1 
ATOM   1069 C CG1 . VAL A 1 127 ? 10.615  8.288   0.859   1.00 12.40 ? 127 VAL A CG1 1 
ATOM   1070 C CG2 . VAL A 1 127 ? 11.208  6.131   1.986   1.00 11.40 ? 127 VAL A CG2 1 
ATOM   1071 N N   . TYR A 1 128 ? 7.996   7.716   -0.980  1.00 8.06  ? 128 TYR A N   1 
ATOM   1072 C CA  . TYR A 1 128 ? 7.479   8.412   -2.154  1.00 8.65  ? 128 TYR A CA  1 
ATOM   1073 C C   . TYR A 1 128 ? 7.583   9.925   -2.022  1.00 9.56  ? 128 TYR A C   1 
ATOM   1074 O O   . TYR A 1 128 ? 7.561   10.463  -0.921  1.00 9.71  ? 128 TYR A O   1 
ATOM   1075 C CB  . TYR A 1 128 ? 5.991   8.103   -2.378  1.00 9.13  ? 128 TYR A CB  1 
ATOM   1076 C CG  . TYR A 1 128 ? 5.642   6.661   -2.633  1.00 9.23  ? 128 TYR A CG  1 
ATOM   1077 C CD1 . TYR A 1 128 ? 5.737   5.711   -1.619  1.00 11.86 ? 128 TYR A CD1 1 
ATOM   1078 C CD2 . TYR A 1 128 ? 5.218   6.242   -3.896  1.00 10.88 ? 128 TYR A CD2 1 
ATOM   1079 C CE1 . TYR A 1 128 ? 5.421   4.379   -1.855  1.00 12.82 ? 128 TYR A CE1 1 
ATOM   1080 C CE2 . TYR A 1 128 ? 4.906   4.911   -4.142  1.00 13.04 ? 128 TYR A CE2 1 
ATOM   1081 C CZ  . TYR A 1 128 ? 5.010   3.986   -3.114  1.00 13.81 ? 128 TYR A CZ  1 
ATOM   1082 O OH  . TYR A 1 128 ? 4.711   2.660   -3.346  1.00 18.62 ? 128 TYR A OH  1 
ATOM   1083 N N   A GLU A 1 129 ? 7.700   10.600  -3.159  0.50 10.36 ? 129 GLU A N   1 
ATOM   1084 N N   B GLU A 1 129 ? 7.711   10.602  -3.159  0.50 9.32  ? 129 GLU A N   1 
ATOM   1085 C CA  A GLU A 1 129 ? 7.752   12.056  -3.191  0.50 10.98 ? 129 GLU A CA  1 
ATOM   1086 C CA  B GLU A 1 129 ? 7.756   12.060  -3.183  0.50 9.08  ? 129 GLU A CA  1 
ATOM   1087 C C   A GLU A 1 129 ? 6.627   12.512  -4.112  0.50 11.10 ? 129 GLU A C   1 
ATOM   1088 C C   B GLU A 1 129 ? 6.645   12.519  -4.122  0.50 10.03 ? 129 GLU A C   1 
ATOM   1089 O O   A GLU A 1 129 ? 6.156   11.742  -4.949  0.50 11.08 ? 129 GLU A O   1 
ATOM   1090 O O   B GLU A 1 129 ? 6.196   11.756  -4.977  0.50 10.19 ? 129 GLU A O   1 
ATOM   1091 C CB  A GLU A 1 129 ? 9.086   12.553  -3.750  0.50 13.67 ? 129 GLU A CB  1 
ATOM   1092 C CB  B GLU A 1 129 ? 9.109   12.580  -3.684  0.50 10.01 ? 129 GLU A CB  1 
ATOM   1093 C CG  A GLU A 1 129 ? 10.306  12.046  -3.018  0.50 17.95 ? 129 GLU A CG  1 
ATOM   1094 C CG  B GLU A 1 129 ? 9.498   12.158  -5.094  0.50 10.41 ? 129 GLU A CG  1 
ATOM   1095 C CD  A GLU A 1 129 ? 11.583  12.687  -3.521  0.50 19.59 ? 129 GLU A CD  1 
ATOM   1096 C CD  B GLU A 1 129 ? 10.789  12.818  -5.549  0.50 11.92 ? 129 GLU A CD  1 
ATOM   1097 O OE1 A GLU A 1 129 ? 11.794  12.716  -4.750  0.50 22.52 ? 129 GLU A OE1 1 
ATOM   1098 O OE1 B GLU A 1 129 ? 11.673  13.031  -4.691  0.50 13.72 ? 129 GLU A OE1 1 
ATOM   1099 O OE2 A GLU A 1 129 ? 12.383  13.158  -2.685  0.50 22.39 ? 129 GLU A OE2 1 
ATOM   1100 O OE2 B GLU A 1 129 ? 10.925  13.110  -6.756  0.50 11.07 ? 129 GLU A OE2 1 
ATOM   1101 N N   . ARG A 1 130 ? 6.191   13.756  -3.958  1.00 10.18 ? 130 ARG A N   1 
ATOM   1102 C CA  . ARG A 1 130 ? 5.125   14.282  -4.808  1.00 11.45 ? 130 ARG A CA  1 
ATOM   1103 C C   . ARG A 1 130 ? 5.604   14.397  -6.248  1.00 13.03 ? 130 ARG A C   1 
ATOM   1104 O O   . ARG A 1 130 ? 6.709   14.878  -6.508  1.00 13.18 ? 130 ARG A O   1 
ATOM   1105 C CB  . ARG A 1 130 ? 4.640   15.647  -4.309  1.00 13.07 ? 130 ARG A CB  1 
ATOM   1106 C CG  . ARG A 1 130 ? 3.848   15.585  -3.020  1.00 13.07 ? 130 ARG A CG  1 
ATOM   1107 C CD  . ARG A 1 130 ? 3.355   16.970  -2.600  1.00 14.98 ? 130 ARG A CD  1 
ATOM   1108 N NE  . ARG A 1 130 ? 2.628   16.955  -1.327  1.00 16.93 ? 130 ARG A NE  1 
ATOM   1109 C CZ  . ARG A 1 130 ? 1.385   16.505  -1.169  1.00 15.42 ? 130 ARG A CZ  1 
ATOM   1110 N NH1 . ARG A 1 130 ? 0.708   16.028  -2.205  1.00 14.98 ? 130 ARG A NH1 1 
ATOM   1111 N NH2 . ARG A 1 130 ? 0.812   16.538  0.026   1.00 17.17 ? 130 ARG A NH2 1 
ATOM   1112 N N   A ALA A 1 131 ? 4.761   13.966  -7.179  0.50 13.58 ? 131 ALA A N   1 
ATOM   1113 N N   B ALA A 1 131 ? 4.772   13.949  -7.183  0.50 12.77 ? 131 ALA A N   1 
ATOM   1114 C CA  A ALA A 1 131 ? 5.093   14.028  -8.593  0.50 15.63 ? 131 ALA A CA  1 
ATOM   1115 C CA  B ALA A 1 131 ? 5.123   13.975  -8.600  0.50 14.05 ? 131 ALA A CA  1 
ATOM   1116 C C   A ALA A 1 131 ? 4.818   15.430  -9.128  0.50 15.95 ? 131 ALA A C   1 
ATOM   1117 C C   B ALA A 1 131 ? 5.136   15.377  -9.203  0.50 14.27 ? 131 ALA A C   1 
ATOM   1118 O O   A ALA A 1 131 ? 4.199   16.224  -8.391  0.50 17.29 ? 131 ALA A O   1 
ATOM   1119 O O   B ALA A 1 131 ? 4.393   16.245  -8.706  0.50 14.34 ? 131 ALA A O   1 
ATOM   1120 C CB  A ALA A 1 131 ? 4.274   12.997  -9.367  0.50 15.54 ? 131 ALA A CB  1 
ATOM   1121 C CB  B ALA A 1 131 ? 4.162   13.085  -9.383  0.50 14.09 ? 131 ALA A CB  1 
ATOM   1122 O OXT A ALA A 1 131 ? 5.222   15.717  -10.273 0.50 18.51 ? 131 ALA A OXT 1 
ATOM   1123 O OXT B ALA A 1 131 ? 5.884   15.581  -10.185 0.50 14.87 ? 131 ALA A OXT 1 
HETATM 1124 P P   . PO4 B 2 .   ? 13.582  -4.002  -2.705  1.00 37.74 ? 133 PO4 A P   1 
HETATM 1125 O O1  . PO4 B 2 .   ? 12.868  -3.260  -1.566  1.00 33.48 ? 133 PO4 A O1  1 
HETATM 1126 O O2  . PO4 B 2 .   ? 13.431  -5.527  -2.557  1.00 36.81 ? 133 PO4 A O2  1 
HETATM 1127 O O3  . PO4 B 2 .   ? 13.020  -3.567  -4.071  1.00 38.41 ? 133 PO4 A O3  1 
HETATM 1128 O O4  . PO4 B 2 .   ? 15.115  -3.625  -2.604  1.00 37.39 ? 133 PO4 A O4  1 
HETATM 1129 O O   . HOH C 3 .   ? 12.623  -17.608 -5.090  1.00 18.96 ? 201 HOH A O   1 
HETATM 1130 O O   . HOH C 3 .   ? 5.432   -17.463 -10.320 1.00 44.07 ? 202 HOH A O   1 
HETATM 1131 O O   . HOH C 3 .   ? 15.302  -10.745 -4.457  1.00 31.39 ? 203 HOH A O   1 
HETATM 1132 O O   . HOH C 3 .   ? -0.368  -14.325 -4.231  1.00 28.09 ? 205 HOH A O   1 
HETATM 1133 O O   . HOH C 3 .   ? -2.752  -5.274  -16.473 1.00 23.46 ? 206 HOH A O   1 
HETATM 1134 O O   . HOH C 3 .   ? -1.899  -1.476  -16.292 1.00 18.06 ? 207 HOH A O   1 
HETATM 1135 O O   . HOH C 3 .   ? 13.152  2.973   1.452   1.00 20.44 ? 208 HOH A O   1 
HETATM 1136 O O   . HOH C 3 .   ? -3.248  0.036   -18.117 1.00 19.06 ? 209 HOH A O   1 
HETATM 1137 O O   . HOH C 3 .   ? 6.511   5.434   -8.985  1.00 25.13 ? 210 HOH A O   1 
HETATM 1138 O O   . HOH C 3 .   ? 6.760   -1.036  1.991   1.00 19.85 ? 211 HOH A O   1 
HETATM 1139 O O   . HOH C 3 .   ? -0.081  -6.805  1.245   1.00 16.92 ? 212 HOH A O   1 
HETATM 1140 O O   . HOH C 3 .   ? 2.164   -10.411 10.321  1.00 23.71 ? 213 HOH A O   1 
HETATM 1141 O O   . HOH C 3 .   ? -2.482  -4.288  -3.970  1.00 20.47 ? 214 HOH A O   1 
HETATM 1142 O O   . HOH C 3 .   ? -1.629  -1.964  -5.112  1.00 29.12 ? 215 HOH A O   1 
HETATM 1143 O O   . HOH C 3 .   ? -5.153  -3.446  -3.932  1.00 19.54 ? 216 HOH A O   1 
HETATM 1144 O O   . HOH C 3 .   ? -6.870  -13.378 9.514   1.00 25.76 ? 217 HOH A O   1 
HETATM 1145 O O   . HOH C 3 .   ? 10.985  16.332  -6.454  1.00 29.51 ? 218 HOH A O   1 
HETATM 1146 O O   . HOH C 3 .   ? -4.455  0.761   -4.747  1.00 19.59 ? 219 HOH A O   1 
HETATM 1147 O O   . HOH C 3 .   ? 3.090   -1.556  9.145   1.00 27.18 ? 220 HOH A O   1 
HETATM 1148 O O   . HOH C 3 .   ? -3.624  -1.852  -0.347  1.00 19.46 ? 221 HOH A O   1 
HETATM 1149 O O   . HOH C 3 .   ? -12.499 -10.530 -0.036  1.00 21.31 ? 222 HOH A O   1 
HETATM 1150 O O   . HOH C 3 .   ? -10.235 -4.659  -5.041  1.00 23.72 ? 223 HOH A O   1 
HETATM 1151 O O   . HOH C 3 .   ? 8.437   16.223  -4.819  1.00 24.13 ? 224 HOH A O   1 
HETATM 1152 O O   . HOH C 3 .   ? 7.552   15.283  -1.802  1.00 14.80 ? 225 HOH A O   1 
HETATM 1153 O O   . HOH C 3 .   ? -8.968  -6.560  7.971   1.00 24.88 ? 226 HOH A O   1 
HETATM 1154 O O   . HOH C 3 .   ? -2.288  2.253   5.325   1.00 10.94 ? 227 HOH A O   1 
HETATM 1155 O O   . HOH C 3 .   ? -12.850 -0.657  -3.233  1.00 27.31 ? 228 HOH A O   1 
HETATM 1156 O O   . HOH C 3 .   ? -15.121 -10.416 7.788   1.00 28.73 ? 229 HOH A O   1 
HETATM 1157 O O   . HOH C 3 .   ? 1.153   15.392  -5.191  1.00 21.31 ? 230 HOH A O   1 
HETATM 1158 O O   . HOH C 3 .   ? 4.899   17.077  0.272   1.00 18.99 ? 231 HOH A O   1 
HETATM 1159 O O   . HOH C 3 .   ? -6.777  -0.467  11.083  1.00 14.53 ? 232 HOH A O   1 
HETATM 1160 O O   . HOH C 3 .   ? 1.688   10.941  9.094   1.00 21.27 ? 233 HOH A O   1 
HETATM 1161 O O   . HOH C 3 .   ? -4.576  1.128   14.475  1.00 22.94 ? 234 HOH A O   1 
HETATM 1162 O O   . HOH C 3 .   ? -11.754 0.652   6.030   1.00 8.47  ? 235 HOH A O   1 
HETATM 1163 O O   . HOH C 3 .   ? -18.607 -1.074  0.743   1.00 19.56 ? 236 HOH A O   1 
HETATM 1164 O O   . HOH C 3 .   ? -17.896 -2.721  3.367   1.00 17.41 ? 237 HOH A O   1 
HETATM 1165 O O   . HOH C 3 .   ? -15.098 0.693   3.419   1.00 12.94 ? 238 HOH A O   1 
HETATM 1166 O O   . HOH C 3 .   ? -18.179 -4.089  6.296   1.00 18.01 ? 239 HOH A O   1 
HETATM 1167 O O   . HOH C 3 .   ? 2.031   10.330  14.820  1.00 22.14 ? 240 HOH A O   1 
HETATM 1168 O O   . HOH C 3 .   ? -11.969 10.672  -5.141  1.00 21.68 ? 241 HOH A O   1 
HETATM 1169 O O   . HOH C 3 .   ? -1.976  16.965  0.511   1.00 28.04 ? 242 HOH A O   1 
HETATM 1170 O O   . HOH C 3 .   ? -12.896 8.990   -3.110  1.00 13.83 ? 243 HOH A O   1 
HETATM 1171 O O   . HOH C 3 .   ? -4.965  10.905  13.619  1.00 23.24 ? 244 HOH A O   1 
HETATM 1172 O O   . HOH C 3 .   ? -13.962 7.773   5.848   1.00 17.07 ? 245 HOH A O   1 
HETATM 1173 O O   . HOH C 3 .   ? -12.520 16.442  -1.490  1.00 14.51 ? 246 HOH A O   1 
HETATM 1174 O O   . HOH C 3 .   ? 6.715   -19.184 -7.354  1.00 33.04 ? 247 HOH A O   1 
HETATM 1175 O O   . HOH C 3 .   ? 16.981  -10.805 1.767   1.00 31.66 ? 248 HOH A O   1 
HETATM 1176 O O   . HOH C 3 .   ? 16.505  -7.120  1.067   1.00 34.05 ? 249 HOH A O   1 
HETATM 1177 O O   . HOH C 3 .   ? 13.944  -7.725  -0.498  1.00 28.05 ? 250 HOH A O   1 
HETATM 1178 O O   . HOH C 3 .   ? 15.354  1.635   -3.893  1.00 22.27 ? 251 HOH A O   1 
HETATM 1179 O O   . HOH C 3 .   ? 5.006   1.063   -14.462 1.00 32.56 ? 252 HOH A O   1 
HETATM 1180 O O   . HOH C 3 .   ? -1.109  2.444   -15.841 1.00 23.78 ? 253 HOH A O   1 
HETATM 1181 O O   . HOH C 3 .   ? -1.920  -4.910  -0.949  1.00 31.64 ? 254 HOH A O   1 
HETATM 1182 O O   . HOH C 3 .   ? -11.877 -3.372  -3.310  1.00 25.42 ? 255 HOH A O   1 
HETATM 1183 O O   . HOH C 3 .   ? 10.175  20.256  0.365   1.00 24.86 ? 256 HOH A O   1 
HETATM 1184 O O   . HOH C 3 .   ? -12.580 2.625   -6.815  1.00 27.67 ? 257 HOH A O   1 
HETATM 1185 O O   . HOH C 3 .   ? -0.368  15.653  -7.329  1.00 29.97 ? 258 HOH A O   1 
HETATM 1186 O O   . HOH C 3 .   ? 7.268   10.472  10.600  1.00 36.04 ? 259 HOH A O   1 
HETATM 1187 O O   . HOH C 3 .   ? -7.171  8.365   -6.363  1.00 16.86 ? 260 HOH A O   1 
HETATM 1188 O O   . HOH C 3 .   ? -3.617  14.013  -7.849  1.00 24.10 ? 261 HOH A O   1 
HETATM 1189 O O   . HOH C 3 .   ? -5.553  13.171  -6.422  1.00 22.53 ? 262 HOH A O   1 
HETATM 1190 O O   . HOH C 3 .   ? 5.205   15.770  6.938   1.00 27.23 ? 263 HOH A O   1 
HETATM 1191 O O   . HOH C 3 .   ? -5.760  9.812   16.086  1.00 22.74 ? 264 HOH A O   1 
HETATM 1192 O O   . HOH C 3 .   ? -15.372 -0.072  0.307   1.00 24.70 ? 265 HOH A O   1 
HETATM 1193 O O   . HOH C 3 .   ? -4.889  -8.195  -9.527  1.00 29.32 ? 266 HOH A O   1 
HETATM 1194 O O   . HOH C 3 .   ? 1.554   -6.394  -2.957  1.00 35.99 ? 267 HOH A O   1 
HETATM 1195 O O   . HOH C 3 .   ? -6.636  -14.862 -1.273  1.00 31.60 ? 268 HOH A O   1 
HETATM 1196 O O   . HOH C 3 .   ? -8.140  -3.072  -7.579  1.00 28.02 ? 269 HOH A O   1 
HETATM 1197 O O   . HOH C 3 .   ? -0.059  -1.341  -9.420  1.00 24.10 ? 270 HOH A O   1 
HETATM 1198 O O   . HOH C 3 .   ? -0.079  -13.881 9.594   1.00 27.03 ? 271 HOH A O   1 
HETATM 1199 O O   . HOH C 3 .   ? -3.843  -0.844  -2.792  1.00 28.05 ? 273 HOH A O   1 
HETATM 1200 O O   . HOH C 3 .   ? 11.797  15.348  -3.372  1.00 37.02 ? 274 HOH A O   1 
HETATM 1201 O O   . HOH C 3 .   ? 6.036   3.139   9.510   1.00 30.36 ? 275 HOH A O   1 
HETATM 1202 O O   . HOH C 3 .   ? 5.241   -0.183  11.263  1.00 34.70 ? 276 HOH A O   1 
HETATM 1203 O O   . HOH C 3 .   ? -11.101 -5.359  10.262  1.00 35.71 ? 277 HOH A O   1 
HETATM 1204 O O   . HOH C 3 .   ? -4.762  -1.285  13.408  1.00 28.33 ? 278 HOH A O   1 
HETATM 1205 O O   . HOH C 3 .   ? -17.945 1.250   2.085   1.00 24.64 ? 279 HOH A O   1 
HETATM 1206 O O   . HOH C 3 .   ? 9.287   -18.024 -4.632  1.00 29.76 ? 280 HOH A O   1 
HETATM 1207 O O   . HOH C 3 .   ? -2.164  -2.388  13.338  1.00 31.37 ? 281 HOH A O   1 
HETATM 1208 O O   . HOH C 3 .   ? 0.724   -1.829  -6.640  1.00 32.75 ? 282 HOH A O   1 
HETATM 1209 O O   . HOH C 3 .   ? 4.078   -0.078  -2.580  1.00 34.67 ? 283 HOH A O   1 
HETATM 1210 O O   . HOH C 3 .   ? -0.095  1.515   -0.782  1.00 29.03 ? 284 HOH A O   1 
HETATM 1211 O O   . HOH C 3 .   ? -7.181  -3.370  -5.418  1.00 30.44 ? 286 HOH A O   1 
HETATM 1212 O O   . HOH C 3 .   ? 2.304   2.211   -4.889  1.00 32.24 ? 288 HOH A O   1 
# 
loop_
_pdbx_poly_seq_scheme.asym_id 
_pdbx_poly_seq_scheme.entity_id 
_pdbx_poly_seq_scheme.seq_id 
_pdbx_poly_seq_scheme.mon_id 
_pdbx_poly_seq_scheme.ndb_seq_num 
_pdbx_poly_seq_scheme.pdb_seq_num 
_pdbx_poly_seq_scheme.auth_seq_num 
_pdbx_poly_seq_scheme.pdb_mon_id 
_pdbx_poly_seq_scheme.auth_mon_id 
_pdbx_poly_seq_scheme.pdb_strand_id 
_pdbx_poly_seq_scheme.pdb_ins_code 
_pdbx_poly_seq_scheme.hetero 
A 1 1   CYS 1   1   1   CYS CYS A . n 
A 1 2   ASP 2   2   2   ASP ASP A . n 
A 1 3   ALA 3   3   3   ALA ALA A . n 
A 1 4   PHE 4   4   4   PHE PHE A . n 
A 1 5   VAL 5   5   5   VAL VAL A . n 
A 1 6   GLY 6   6   6   GLY GLY A . n 
A 1 7   THR 7   7   7   THR THR A . n 
A 1 8   TRP 8   8   8   TRP TRP A . n 
A 1 9   LYS 9   9   9   LYS LYS A . n 
A 1 10  LEU 10  10  10  LEU LEU A . n 
A 1 11  VAL 11  11  11  VAL VAL A . n 
A 1 12  SER 12  12  12  SER SER A . n 
A 1 13  SER 13  13  13  SER SER A . n 
A 1 14  GLU 14  14  14  GLU GLU A . n 
A 1 15  ASN 15  15  15  ASN ASN A . n 
A 1 16  PHE 16  16  16  PHE PHE A . n 
A 1 17  ASP 17  17  17  ASP ASP A . n 
A 1 18  ASP 18  18  18  ASP ASP A . n 
A 1 19  TYR 19  19  19  TYR TYR A . n 
A 1 20  MET 20  20  20  MET MET A . n 
A 1 21  LYS 21  21  21  LYS LYS A . n 
A 1 22  GLU 22  22  22  GLU GLU A . n 
A 1 23  VAL 23  23  23  VAL VAL A . n 
A 1 24  GLY 24  24  24  GLY GLY A . n 
A 1 25  VAL 25  25  25  VAL VAL A . n 
A 1 26  GLY 26  26  26  GLY GLY A . n 
A 1 27  PHE 27  27  27  PHE PHE A . n 
A 1 28  ALA 28  28  28  ALA ALA A . n 
A 1 29  THR 29  29  29  THR THR A . n 
A 1 30  ARG 30  30  30  ARG ARG A . n 
A 1 31  LYS 31  31  31  LYS LYS A . n 
A 1 32  VAL 32  32  32  VAL VAL A . n 
A 1 33  ALA 33  33  33  ALA ALA A . n 
A 1 34  GLY 34  34  34  GLY GLY A . n 
A 1 35  MET 35  35  35  MET MET A . n 
A 1 36  ALA 36  36  36  ALA ALA A . n 
A 1 37  LYS 37  37  37  LYS LYS A . n 
A 1 38  PRO 38  38  38  PRO PRO A . n 
A 1 39  ASN 39  39  39  ASN ASN A . n 
A 1 40  MET 40  40  40  MET MET A . n 
A 1 41  ILE 41  41  41  ILE ILE A . n 
A 1 42  ILE 42  42  42  ILE ILE A . n 
A 1 43  SER 43  43  43  SER SER A . n 
A 1 44  VAL 44  44  44  VAL VAL A . n 
A 1 45  ASN 45  45  45  ASN ASN A . n 
A 1 46  GLY 46  46  46  GLY GLY A . n 
A 1 47  ASP 47  47  47  ASP ASP A . n 
A 1 48  LEU 48  48  48  LEU LEU A . n 
A 1 49  VAL 49  49  49  VAL VAL A . n 
A 1 50  THR 50  50  50  THR THR A . n 
A 1 51  ILE 51  51  51  ILE ILE A . n 
A 1 52  ARG 52  52  52  ARG ARG A . n 
A 1 53  SER 53  53  53  SER SER A . n 
A 1 54  GLU 54  54  54  GLU GLU A . n 
A 1 55  SER 55  55  55  SER SER A . n 
A 1 56  THR 56  56  56  THR THR A . n 
A 1 57  PHE 57  57  57  PHE PHE A . n 
A 1 58  LYS 58  58  58  LYS LYS A . n 
A 1 59  ASN 59  59  59  ASN ASN A . n 
A 1 60  THR 60  60  60  THR THR A . n 
A 1 61  GLU 61  61  61  GLU GLU A . n 
A 1 62  ILE 62  62  62  ILE ILE A . n 
A 1 63  SER 63  63  63  SER SER A . n 
A 1 64  PHE 64  64  64  PHE PHE A . n 
A 1 65  LYS 65  65  65  LYS LYS A . n 
A 1 66  LEU 66  66  66  LEU LEU A . n 
A 1 67  GLY 67  67  67  GLY GLY A . n 
A 1 68  VAL 68  68  68  VAL VAL A . n 
A 1 69  GLU 69  69  69  GLU GLU A . n 
A 1 70  PHE 70  70  70  PHE PHE A . n 
A 1 71  ASP 71  71  71  ASP ASP A . n 
A 1 72  GLU 72  72  72  GLU GLU A . n 
A 1 73  GLU 73  73  73  GLU GLU A . n 
A 1 74  THR 74  74  74  THR THR A . n 
A 1 75  VAL 75  75  75  VAL VAL A . n 
A 1 76  ASP 76  76  76  ASP ASP A . n 
A 1 77  GLY 77  77  77  GLY GLY A . n 
A 1 78  ARG 78  78  78  ARG ARG A . n 
A 1 79  LYS 79  79  79  LYS LYS A . n 
A 1 80  VAL 80  80  80  VAL VAL A . n 
A 1 81  LYS 81  81  81  LYS LYS A . n 
A 1 82  SER 82  82  82  SER SER A . n 
A 1 83  ILE 83  83  83  ILE ILE A . n 
A 1 84  ILE 84  84  84  ILE ILE A . n 
A 1 85  THR 85  85  85  THR THR A . n 
A 1 86  LEU 86  86  86  LEU LEU A . n 
A 1 87  ASP 87  87  87  ASP ASP A . n 
A 1 88  GLY 88  88  88  GLY GLY A . n 
A 1 89  GLY 89  89  89  GLY GLY A . n 
A 1 90  ALA 90  90  90  ALA ALA A . n 
A 1 91  LEU 91  91  91  LEU LEU A . n 
A 1 92  VAL 92  92  92  VAL VAL A . n 
A 1 93  GLN 93  93  93  GLN GLN A . n 
A 1 94  VAL 94  94  94  VAL VAL A . n 
A 1 95  GLN 95  95  95  GLN GLN A . n 
A 1 96  LYS 96  96  96  LYS LYS A . n 
A 1 97  TRP 97  97  97  TRP TRP A . n 
A 1 98  ASP 98  98  98  ASP ASP A . n 
A 1 99  GLY 99  99  99  GLY GLY A . n 
A 1 100 LYS 100 100 100 LYS LYS A . n 
A 1 101 SER 101 101 101 SER SER A . n 
A 1 102 THR 102 102 102 THR THR A . n 
A 1 103 THR 103 103 103 THR THR A . n 
A 1 104 ILE 104 104 104 ILE ILE A . n 
A 1 105 LYS 105 105 105 LYS LYS A . n 
A 1 106 ARG 106 106 106 ARG ARG A . n 
A 1 107 LYS 107 107 107 LYS LYS A . n 
A 1 108 ARG 108 108 108 ARG ARG A . n 
A 1 109 ASP 109 109 109 ASP ASP A . n 
A 1 110 GLY 110 110 110 GLY GLY A . n 
A 1 111 ASP 111 111 111 ASP ASP A . n 
A 1 112 LYS 112 112 112 LYS LYS A . n 
A 1 113 LEU 113 113 113 LEU LEU A . n 
A 1 114 VAL 114 114 114 VAL VAL A . n 
A 1 115 VAL 115 115 115 VAL VAL A . n 
A 1 116 GLU 116 116 116 GLU GLU A . n 
A 1 117 CYS 117 117 117 CYS CYS A . n 
A 1 118 VAL 118 118 118 VAL VAL A . n 
A 1 119 MET 119 119 119 MET MET A . n 
A 1 120 LYS 120 120 120 LYS LYS A . n 
A 1 121 GLY 121 121 121 GLY GLY A . n 
A 1 122 VAL 122 122 122 VAL VAL A . n 
A 1 123 THR 123 123 123 THR THR A . n 
A 1 124 SER 124 124 124 SER SER A . n 
A 1 125 THR 125 125 125 THR THR A . n 
A 1 126 ARG 126 126 126 ARG ARG A . n 
A 1 127 VAL 127 127 127 VAL VAL A . n 
A 1 128 TYR 128 128 128 TYR TYR A . n 
A 1 129 GLU 129 129 129 GLU GLU A . n 
A 1 130 ARG 130 130 130 ARG ARG A . n 
A 1 131 ALA 131 131 131 ALA ALA A . n 
# 
loop_
_pdbx_nonpoly_scheme.asym_id 
_pdbx_nonpoly_scheme.entity_id 
_pdbx_nonpoly_scheme.mon_id 
_pdbx_nonpoly_scheme.ndb_seq_num 
_pdbx_nonpoly_scheme.pdb_seq_num 
_pdbx_nonpoly_scheme.auth_seq_num 
_pdbx_nonpoly_scheme.pdb_mon_id 
_pdbx_nonpoly_scheme.auth_mon_id 
_pdbx_nonpoly_scheme.pdb_strand_id 
_pdbx_nonpoly_scheme.pdb_ins_code 
B 2 PO4 1  133 133 PO4 PO4 A . 
C 3 HOH 1  201 201 HOH WAT A . 
C 3 HOH 2  202 202 HOH WAT A . 
C 3 HOH 3  203 203 HOH WAT A . 
C 3 HOH 4  205 205 HOH WAT A . 
C 3 HOH 5  206 206 HOH WAT A . 
C 3 HOH 6  207 207 HOH WAT A . 
C 3 HOH 7  208 208 HOH WAT A . 
C 3 HOH 8  209 209 HOH WAT A . 
C 3 HOH 9  210 210 HOH WAT A . 
C 3 HOH 10 211 211 HOH WAT A . 
C 3 HOH 11 212 212 HOH WAT A . 
C 3 HOH 12 213 213 HOH WAT A . 
C 3 HOH 13 214 214 HOH WAT A . 
C 3 HOH 14 215 215 HOH WAT A . 
C 3 HOH 15 216 216 HOH WAT A . 
C 3 HOH 16 217 217 HOH WAT A . 
C 3 HOH 17 218 218 HOH WAT A . 
C 3 HOH 18 219 219 HOH WAT A . 
C 3 HOH 19 220 220 HOH WAT A . 
C 3 HOH 20 221 221 HOH WAT A . 
C 3 HOH 21 222 222 HOH WAT A . 
C 3 HOH 22 223 223 HOH WAT A . 
C 3 HOH 23 224 224 HOH WAT A . 
C 3 HOH 24 225 225 HOH WAT A . 
C 3 HOH 25 226 226 HOH WAT A . 
C 3 HOH 26 227 227 HOH WAT A . 
C 3 HOH 27 228 228 HOH WAT A . 
C 3 HOH 28 229 229 HOH WAT A . 
C 3 HOH 29 230 230 HOH WAT A . 
C 3 HOH 30 231 231 HOH WAT A . 
C 3 HOH 31 232 232 HOH WAT A . 
C 3 HOH 32 233 233 HOH WAT A . 
C 3 HOH 33 234 234 HOH WAT A . 
C 3 HOH 34 235 235 HOH WAT A . 
C 3 HOH 35 236 236 HOH WAT A . 
C 3 HOH 36 237 237 HOH WAT A . 
C 3 HOH 37 238 238 HOH WAT A . 
C 3 HOH 38 239 239 HOH WAT A . 
C 3 HOH 39 240 240 HOH WAT A . 
C 3 HOH 40 241 241 HOH WAT A . 
C 3 HOH 41 242 242 HOH WAT A . 
C 3 HOH 42 243 243 HOH WAT A . 
C 3 HOH 43 244 244 HOH WAT A . 
C 3 HOH 44 245 245 HOH WAT A . 
C 3 HOH 45 246 246 HOH WAT A . 
C 3 HOH 46 247 247 HOH WAT A . 
C 3 HOH 47 248 248 HOH WAT A . 
C 3 HOH 48 249 249 HOH WAT A . 
C 3 HOH 49 250 250 HOH WAT A . 
C 3 HOH 50 251 251 HOH WAT A . 
C 3 HOH 51 252 252 HOH WAT A . 
C 3 HOH 52 253 253 HOH WAT A . 
C 3 HOH 53 254 254 HOH WAT A . 
C 3 HOH 54 255 255 HOH WAT A . 
C 3 HOH 55 256 256 HOH WAT A . 
C 3 HOH 56 257 257 HOH WAT A . 
C 3 HOH 57 258 258 HOH WAT A . 
C 3 HOH 58 259 259 HOH WAT A . 
C 3 HOH 59 260 260 HOH WAT A . 
C 3 HOH 60 261 261 HOH WAT A . 
C 3 HOH 61 262 262 HOH WAT A . 
C 3 HOH 62 263 263 HOH WAT A . 
C 3 HOH 63 264 264 HOH WAT A . 
C 3 HOH 64 265 265 HOH WAT A . 
C 3 HOH 65 266 266 HOH WAT A . 
C 3 HOH 66 267 267 HOH WAT A . 
C 3 HOH 67 268 268 HOH WAT A . 
C 3 HOH 68 269 269 HOH WAT A . 
C 3 HOH 69 270 270 HOH WAT A . 
C 3 HOH 70 271 271 HOH WAT A . 
C 3 HOH 71 273 273 HOH WAT A . 
C 3 HOH 72 274 274 HOH WAT A . 
C 3 HOH 73 275 275 HOH WAT A . 
C 3 HOH 74 276 276 HOH WAT A . 
C 3 HOH 75 277 277 HOH WAT A . 
C 3 HOH 76 278 278 HOH WAT A . 
C 3 HOH 77 279 279 HOH WAT A . 
C 3 HOH 78 280 280 HOH WAT A . 
C 3 HOH 79 281 281 HOH WAT A . 
C 3 HOH 80 282 282 HOH WAT A . 
C 3 HOH 81 283 283 HOH WAT A . 
C 3 HOH 82 284 284 HOH WAT A . 
C 3 HOH 83 286 286 HOH WAT A . 
C 3 HOH 84 288 288 HOH WAT A . 
# 
_pdbx_struct_assembly.id                   1 
_pdbx_struct_assembly.details              author_defined_assembly 
_pdbx_struct_assembly.method_details       ? 
_pdbx_struct_assembly.oligomeric_details   monomeric 
_pdbx_struct_assembly.oligomeric_count     1 
# 
_pdbx_struct_assembly_gen.assembly_id       1 
_pdbx_struct_assembly_gen.oper_expression   1 
_pdbx_struct_assembly_gen.asym_id_list      A,B,C 
# 
_pdbx_struct_oper_list.id                   1 
_pdbx_struct_oper_list.type                 'identity operation' 
_pdbx_struct_oper_list.name                 1_555 
_pdbx_struct_oper_list.symmetry_operation   x,y,z 
_pdbx_struct_oper_list.matrix[1][1]         1.0000000000 
_pdbx_struct_oper_list.matrix[1][2]         0.0000000000 
_pdbx_struct_oper_list.matrix[1][3]         0.0000000000 
_pdbx_struct_oper_list.vector[1]            0.0000000000 
_pdbx_struct_oper_list.matrix[2][1]         0.0000000000 
_pdbx_struct_oper_list.matrix[2][2]         1.0000000000 
_pdbx_struct_oper_list.matrix[2][3]         0.0000000000 
_pdbx_struct_oper_list.vector[2]            0.0000000000 
_pdbx_struct_oper_list.matrix[3][1]         0.0000000000 
_pdbx_struct_oper_list.matrix[3][2]         0.0000000000 
_pdbx_struct_oper_list.matrix[3][3]         1.0000000000 
_pdbx_struct_oper_list.vector[3]            0.0000000000 
# 
loop_
_pdbx_audit_revision_history.ordinal 
_pdbx_audit_revision_history.data_content_type 
_pdbx_audit_revision_history.major_revision 
_pdbx_audit_revision_history.minor_revision 
_pdbx_audit_revision_history.revision_date 
1 'Structure model' 1 0 2003-06-10 
2 'Structure model' 1 1 2008-04-27 
3 'Structure model' 1 2 2011-07-13 
4 'Structure model' 1 3 2017-10-04 
5 'Structure model' 1 4 2021-10-27 
6 'Structure model' 1 5 2023-08-09 
# 
_pdbx_audit_revision_details.ordinal             1 
_pdbx_audit_revision_details.revision_ordinal    1 
_pdbx_audit_revision_details.data_content_type   'Structure model' 
_pdbx_audit_revision_details.provider            repository 
_pdbx_audit_revision_details.type                'Initial release' 
_pdbx_audit_revision_details.description         ? 
_pdbx_audit_revision_details.details             ? 
# 
loop_
_pdbx_audit_revision_group.ordinal 
_pdbx_audit_revision_group.revision_ordinal 
_pdbx_audit_revision_group.data_content_type 
_pdbx_audit_revision_group.group 
1 2 'Structure model' 'Version format compliance' 
2 3 'Structure model' 'Version format compliance' 
3 4 'Structure model' 'Refinement description'    
4 5 'Structure model' 'Database references'       
5 5 'Structure model' 'Derived calculations'      
6 6 'Structure model' 'Data collection'           
7 6 'Structure model' 'Refinement description'    
# 
loop_
_pdbx_audit_revision_category.ordinal 
_pdbx_audit_revision_category.revision_ordinal 
_pdbx_audit_revision_category.data_content_type 
_pdbx_audit_revision_category.category 
1 4 'Structure model' software                      
2 5 'Structure model' database_2                    
3 5 'Structure model' struct_ref_seq_dif            
4 5 'Structure model' struct_site                   
5 6 'Structure model' chem_comp_atom                
6 6 'Structure model' chem_comp_bond                
7 6 'Structure model' pdbx_initial_refinement_model 
# 
loop_
_pdbx_audit_revision_item.ordinal 
_pdbx_audit_revision_item.revision_ordinal 
_pdbx_audit_revision_item.data_content_type 
_pdbx_audit_revision_item.item 
1 5 'Structure model' '_database_2.pdbx_DOI'                
2 5 'Structure model' '_database_2.pdbx_database_accession' 
3 5 'Structure model' '_struct_ref_seq_dif.details'         
4 5 'Structure model' '_struct_site.pdbx_auth_asym_id'      
5 5 'Structure model' '_struct_site.pdbx_auth_comp_id'      
6 5 'Structure model' '_struct_site.pdbx_auth_seq_id'       
# 
loop_
_software.name 
_software.classification 
_software.version 
_software.citation_id 
_software.pdbx_ordinal 
X-GEN  'data scaling'   . ? 1 
X-GEN  'data reduction' . ? 2 
X-PLOR 'model building' . ? 3 
CNS    refinement       . ? 4 
X-PLOR phasing          . ? 5 
# 
loop_
_pdbx_validate_symm_contact.id 
_pdbx_validate_symm_contact.PDB_model_num 
_pdbx_validate_symm_contact.auth_atom_id_1 
_pdbx_validate_symm_contact.auth_asym_id_1 
_pdbx_validate_symm_contact.auth_comp_id_1 
_pdbx_validate_symm_contact.auth_seq_id_1 
_pdbx_validate_symm_contact.PDB_ins_code_1 
_pdbx_validate_symm_contact.label_alt_id_1 
_pdbx_validate_symm_contact.site_symmetry_1 
_pdbx_validate_symm_contact.auth_atom_id_2 
_pdbx_validate_symm_contact.auth_asym_id_2 
_pdbx_validate_symm_contact.auth_comp_id_2 
_pdbx_validate_symm_contact.auth_seq_id_2 
_pdbx_validate_symm_contact.PDB_ins_code_2 
_pdbx_validate_symm_contact.label_alt_id_2 
_pdbx_validate_symm_contact.site_symmetry_2 
_pdbx_validate_symm_contact.dist 
1 1 CE A LYS 21 ? ? 1_555 NZ A LYS 21 ? ? 2_455 1.32 
2 1 CE A LYS 21 ? ? 1_555 CE A LYS 21 ? ? 2_455 1.33 
3 1 CD A LYS 21 ? ? 1_555 CD A LYS 21 ? ? 2_455 1.63 
4 1 CD A LYS 21 ? ? 1_555 CE A LYS 21 ? ? 2_455 2.11 
5 1 NZ A LYS 21 ? ? 1_555 NZ A LYS 21 ? ? 2_455 2.19 
# 
loop_
_chem_comp_atom.comp_id 
_chem_comp_atom.atom_id 
_chem_comp_atom.type_symbol 
_chem_comp_atom.pdbx_aromatic_flag 
_chem_comp_atom.pdbx_stereo_config 
_chem_comp_atom.pdbx_ordinal 
ALA N    N N N 1   
ALA CA   C N S 2   
ALA C    C N N 3   
ALA O    O N N 4   
ALA CB   C N N 5   
ALA OXT  O N N 6   
ALA H    H N N 7   
ALA H2   H N N 8   
ALA HA   H N N 9   
ALA HB1  H N N 10  
ALA HB2  H N N 11  
ALA HB3  H N N 12  
ALA HXT  H N N 13  
ARG N    N N N 14  
ARG CA   C N S 15  
ARG C    C N N 16  
ARG O    O N N 17  
ARG CB   C N N 18  
ARG CG   C N N 19  
ARG CD   C N N 20  
ARG NE   N N N 21  
ARG CZ   C N N 22  
ARG NH1  N N N 23  
ARG NH2  N N N 24  
ARG OXT  O N N 25  
ARG H    H N N 26  
ARG H2   H N N 27  
ARG HA   H N N 28  
ARG HB2  H N N 29  
ARG HB3  H N N 30  
ARG HG2  H N N 31  
ARG HG3  H N N 32  
ARG HD2  H N N 33  
ARG HD3  H N N 34  
ARG HE   H N N 35  
ARG HH11 H N N 36  
ARG HH12 H N N 37  
ARG HH21 H N N 38  
ARG HH22 H N N 39  
ARG HXT  H N N 40  
ASN N    N N N 41  
ASN CA   C N S 42  
ASN C    C N N 43  
ASN O    O N N 44  
ASN CB   C N N 45  
ASN CG   C N N 46  
ASN OD1  O N N 47  
ASN ND2  N N N 48  
ASN OXT  O N N 49  
ASN H    H N N 50  
ASN H2   H N N 51  
ASN HA   H N N 52  
ASN HB2  H N N 53  
ASN HB3  H N N 54  
ASN HD21 H N N 55  
ASN HD22 H N N 56  
ASN HXT  H N N 57  
ASP N    N N N 58  
ASP CA   C N S 59  
ASP C    C N N 60  
ASP O    O N N 61  
ASP CB   C N N 62  
ASP CG   C N N 63  
ASP OD1  O N N 64  
ASP OD2  O N N 65  
ASP OXT  O N N 66  
ASP H    H N N 67  
ASP H2   H N N 68  
ASP HA   H N N 69  
ASP HB2  H N N 70  
ASP HB3  H N N 71  
ASP HD2  H N N 72  
ASP HXT  H N N 73  
CYS N    N N N 74  
CYS CA   C N R 75  
CYS C    C N N 76  
CYS O    O N N 77  
CYS CB   C N N 78  
CYS SG   S N N 79  
CYS OXT  O N N 80  
CYS H    H N N 81  
CYS H2   H N N 82  
CYS HA   H N N 83  
CYS HB2  H N N 84  
CYS HB3  H N N 85  
CYS HG   H N N 86  
CYS HXT  H N N 87  
GLN N    N N N 88  
GLN CA   C N S 89  
GLN C    C N N 90  
GLN O    O N N 91  
GLN CB   C N N 92  
GLN CG   C N N 93  
GLN CD   C N N 94  
GLN OE1  O N N 95  
GLN NE2  N N N 96  
GLN OXT  O N N 97  
GLN H    H N N 98  
GLN H2   H N N 99  
GLN HA   H N N 100 
GLN HB2  H N N 101 
GLN HB3  H N N 102 
GLN HG2  H N N 103 
GLN HG3  H N N 104 
GLN HE21 H N N 105 
GLN HE22 H N N 106 
GLN HXT  H N N 107 
GLU N    N N N 108 
GLU CA   C N S 109 
GLU C    C N N 110 
GLU O    O N N 111 
GLU CB   C N N 112 
GLU CG   C N N 113 
GLU CD   C N N 114 
GLU OE1  O N N 115 
GLU OE2  O N N 116 
GLU OXT  O N N 117 
GLU H    H N N 118 
GLU H2   H N N 119 
GLU HA   H N N 120 
GLU HB2  H N N 121 
GLU HB3  H N N 122 
GLU HG2  H N N 123 
GLU HG3  H N N 124 
GLU HE2  H N N 125 
GLU HXT  H N N 126 
GLY N    N N N 127 
GLY CA   C N N 128 
GLY C    C N N 129 
GLY O    O N N 130 
GLY OXT  O N N 131 
GLY H    H N N 132 
GLY H2   H N N 133 
GLY HA2  H N N 134 
GLY HA3  H N N 135 
GLY HXT  H N N 136 
HOH O    O N N 137 
HOH H1   H N N 138 
HOH H2   H N N 139 
ILE N    N N N 140 
ILE CA   C N S 141 
ILE C    C N N 142 
ILE O    O N N 143 
ILE CB   C N S 144 
ILE CG1  C N N 145 
ILE CG2  C N N 146 
ILE CD1  C N N 147 
ILE OXT  O N N 148 
ILE H    H N N 149 
ILE H2   H N N 150 
ILE HA   H N N 151 
ILE HB   H N N 152 
ILE HG12 H N N 153 
ILE HG13 H N N 154 
ILE HG21 H N N 155 
ILE HG22 H N N 156 
ILE HG23 H N N 157 
ILE HD11 H N N 158 
ILE HD12 H N N 159 
ILE HD13 H N N 160 
ILE HXT  H N N 161 
LEU N    N N N 162 
LEU CA   C N S 163 
LEU C    C N N 164 
LEU O    O N N 165 
LEU CB   C N N 166 
LEU CG   C N N 167 
LEU CD1  C N N 168 
LEU CD2  C N N 169 
LEU OXT  O N N 170 
LEU H    H N N 171 
LEU H2   H N N 172 
LEU HA   H N N 173 
LEU HB2  H N N 174 
LEU HB3  H N N 175 
LEU HG   H N N 176 
LEU HD11 H N N 177 
LEU HD12 H N N 178 
LEU HD13 H N N 179 
LEU HD21 H N N 180 
LEU HD22 H N N 181 
LEU HD23 H N N 182 
LEU HXT  H N N 183 
LYS N    N N N 184 
LYS CA   C N S 185 
LYS C    C N N 186 
LYS O    O N N 187 
LYS CB   C N N 188 
LYS CG   C N N 189 
LYS CD   C N N 190 
LYS CE   C N N 191 
LYS NZ   N N N 192 
LYS OXT  O N N 193 
LYS H    H N N 194 
LYS H2   H N N 195 
LYS HA   H N N 196 
LYS HB2  H N N 197 
LYS HB3  H N N 198 
LYS HG2  H N N 199 
LYS HG3  H N N 200 
LYS HD2  H N N 201 
LYS HD3  H N N 202 
LYS HE2  H N N 203 
LYS HE3  H N N 204 
LYS HZ1  H N N 205 
LYS HZ2  H N N 206 
LYS HZ3  H N N 207 
LYS HXT  H N N 208 
MET N    N N N 209 
MET CA   C N S 210 
MET C    C N N 211 
MET O    O N N 212 
MET CB   C N N 213 
MET CG   C N N 214 
MET SD   S N N 215 
MET CE   C N N 216 
MET OXT  O N N 217 
MET H    H N N 218 
MET H2   H N N 219 
MET HA   H N N 220 
MET HB2  H N N 221 
MET HB3  H N N 222 
MET HG2  H N N 223 
MET HG3  H N N 224 
MET HE1  H N N 225 
MET HE2  H N N 226 
MET HE3  H N N 227 
MET HXT  H N N 228 
PHE N    N N N 229 
PHE CA   C N S 230 
PHE C    C N N 231 
PHE O    O N N 232 
PHE CB   C N N 233 
PHE CG   C Y N 234 
PHE CD1  C Y N 235 
PHE CD2  C Y N 236 
PHE CE1  C Y N 237 
PHE CE2  C Y N 238 
PHE CZ   C Y N 239 
PHE OXT  O N N 240 
PHE H    H N N 241 
PHE H2   H N N 242 
PHE HA   H N N 243 
PHE HB2  H N N 244 
PHE HB3  H N N 245 
PHE HD1  H N N 246 
PHE HD2  H N N 247 
PHE HE1  H N N 248 
PHE HE2  H N N 249 
PHE HZ   H N N 250 
PHE HXT  H N N 251 
PO4 P    P N N 252 
PO4 O1   O N N 253 
PO4 O2   O N N 254 
PO4 O3   O N N 255 
PO4 O4   O N N 256 
PRO N    N N N 257 
PRO CA   C N S 258 
PRO C    C N N 259 
PRO O    O N N 260 
PRO CB   C N N 261 
PRO CG   C N N 262 
PRO CD   C N N 263 
PRO OXT  O N N 264 
PRO H    H N N 265 
PRO HA   H N N 266 
PRO HB2  H N N 267 
PRO HB3  H N N 268 
PRO HG2  H N N 269 
PRO HG3  H N N 270 
PRO HD2  H N N 271 
PRO HD3  H N N 272 
PRO HXT  H N N 273 
SER N    N N N 274 
SER CA   C N S 275 
SER C    C N N 276 
SER O    O N N 277 
SER CB   C N N 278 
SER OG   O N N 279 
SER OXT  O N N 280 
SER H    H N N 281 
SER H2   H N N 282 
SER HA   H N N 283 
SER HB2  H N N 284 
SER HB3  H N N 285 
SER HG   H N N 286 
SER HXT  H N N 287 
THR N    N N N 288 
THR CA   C N S 289 
THR C    C N N 290 
THR O    O N N 291 
THR CB   C N R 292 
THR OG1  O N N 293 
THR CG2  C N N 294 
THR OXT  O N N 295 
THR H    H N N 296 
THR H2   H N N 297 
THR HA   H N N 298 
THR HB   H N N 299 
THR HG1  H N N 300 
THR HG21 H N N 301 
THR HG22 H N N 302 
THR HG23 H N N 303 
THR HXT  H N N 304 
TRP N    N N N 305 
TRP CA   C N S 306 
TRP C    C N N 307 
TRP O    O N N 308 
TRP CB   C N N 309 
TRP CG   C Y N 310 
TRP CD1  C Y N 311 
TRP CD2  C Y N 312 
TRP NE1  N Y N 313 
TRP CE2  C Y N 314 
TRP CE3  C Y N 315 
TRP CZ2  C Y N 316 
TRP CZ3  C Y N 317 
TRP CH2  C Y N 318 
TRP OXT  O N N 319 
TRP H    H N N 320 
TRP H2   H N N 321 
TRP HA   H N N 322 
TRP HB2  H N N 323 
TRP HB3  H N N 324 
TRP HD1  H N N 325 
TRP HE1  H N N 326 
TRP HE3  H N N 327 
TRP HZ2  H N N 328 
TRP HZ3  H N N 329 
TRP HH2  H N N 330 
TRP HXT  H N N 331 
TYR N    N N N 332 
TYR CA   C N S 333 
TYR C    C N N 334 
TYR O    O N N 335 
TYR CB   C N N 336 
TYR CG   C Y N 337 
TYR CD1  C Y N 338 
TYR CD2  C Y N 339 
TYR CE1  C Y N 340 
TYR CE2  C Y N 341 
TYR CZ   C Y N 342 
TYR OH   O N N 343 
TYR OXT  O N N 344 
TYR H    H N N 345 
TYR H2   H N N 346 
TYR HA   H N N 347 
TYR HB2  H N N 348 
TYR HB3  H N N 349 
TYR HD1  H N N 350 
TYR HD2  H N N 351 
TYR HE1  H N N 352 
TYR HE2  H N N 353 
TYR HH   H N N 354 
TYR HXT  H N N 355 
VAL N    N N N 356 
VAL CA   C N S 357 
VAL C    C N N 358 
VAL O    O N N 359 
VAL CB   C N N 360 
VAL CG1  C N N 361 
VAL CG2  C N N 362 
VAL OXT  O N N 363 
VAL H    H N N 364 
VAL H2   H N N 365 
VAL HA   H N N 366 
VAL HB   H N N 367 
VAL HG11 H N N 368 
VAL HG12 H N N 369 
VAL HG13 H N N 370 
VAL HG21 H N N 371 
VAL HG22 H N N 372 
VAL HG23 H N N 373 
VAL HXT  H N N 374 
# 
loop_
_chem_comp_bond.comp_id 
_chem_comp_bond.atom_id_1 
_chem_comp_bond.atom_id_2 
_chem_comp_bond.value_order 
_chem_comp_bond.pdbx_aromatic_flag 
_chem_comp_bond.pdbx_stereo_config 
_chem_comp_bond.pdbx_ordinal 
ALA N   CA   sing N N 1   
ALA N   H    sing N N 2   
ALA N   H2   sing N N 3   
ALA CA  C    sing N N 4   
ALA CA  CB   sing N N 5   
ALA CA  HA   sing N N 6   
ALA C   O    doub N N 7   
ALA C   OXT  sing N N 8   
ALA CB  HB1  sing N N 9   
ALA CB  HB2  sing N N 10  
ALA CB  HB3  sing N N 11  
ALA OXT HXT  sing N N 12  
ARG N   CA   sing N N 13  
ARG N   H    sing N N 14  
ARG N   H2   sing N N 15  
ARG CA  C    sing N N 16  
ARG CA  CB   sing N N 17  
ARG CA  HA   sing N N 18  
ARG C   O    doub N N 19  
ARG C   OXT  sing N N 20  
ARG CB  CG   sing N N 21  
ARG CB  HB2  sing N N 22  
ARG CB  HB3  sing N N 23  
ARG CG  CD   sing N N 24  
ARG CG  HG2  sing N N 25  
ARG CG  HG3  sing N N 26  
ARG CD  NE   sing N N 27  
ARG CD  HD2  sing N N 28  
ARG CD  HD3  sing N N 29  
ARG NE  CZ   sing N N 30  
ARG NE  HE   sing N N 31  
ARG CZ  NH1  sing N N 32  
ARG CZ  NH2  doub N N 33  
ARG NH1 HH11 sing N N 34  
ARG NH1 HH12 sing N N 35  
ARG NH2 HH21 sing N N 36  
ARG NH2 HH22 sing N N 37  
ARG OXT HXT  sing N N 38  
ASN N   CA   sing N N 39  
ASN N   H    sing N N 40  
ASN N   H2   sing N N 41  
ASN CA  C    sing N N 42  
ASN CA  CB   sing N N 43  
ASN CA  HA   sing N N 44  
ASN C   O    doub N N 45  
ASN C   OXT  sing N N 46  
ASN CB  CG   sing N N 47  
ASN CB  HB2  sing N N 48  
ASN CB  HB3  sing N N 49  
ASN CG  OD1  doub N N 50  
ASN CG  ND2  sing N N 51  
ASN ND2 HD21 sing N N 52  
ASN ND2 HD22 sing N N 53  
ASN OXT HXT  sing N N 54  
ASP N   CA   sing N N 55  
ASP N   H    sing N N 56  
ASP N   H2   sing N N 57  
ASP CA  C    sing N N 58  
ASP CA  CB   sing N N 59  
ASP CA  HA   sing N N 60  
ASP C   O    doub N N 61  
ASP C   OXT  sing N N 62  
ASP CB  CG   sing N N 63  
ASP CB  HB2  sing N N 64  
ASP CB  HB3  sing N N 65  
ASP CG  OD1  doub N N 66  
ASP CG  OD2  sing N N 67  
ASP OD2 HD2  sing N N 68  
ASP OXT HXT  sing N N 69  
CYS N   CA   sing N N 70  
CYS N   H    sing N N 71  
CYS N   H2   sing N N 72  
CYS CA  C    sing N N 73  
CYS CA  CB   sing N N 74  
CYS CA  HA   sing N N 75  
CYS C   O    doub N N 76  
CYS C   OXT  sing N N 77  
CYS CB  SG   sing N N 78  
CYS CB  HB2  sing N N 79  
CYS CB  HB3  sing N N 80  
CYS SG  HG   sing N N 81  
CYS OXT HXT  sing N N 82  
GLN N   CA   sing N N 83  
GLN N   H    sing N N 84  
GLN N   H2   sing N N 85  
GLN CA  C    sing N N 86  
GLN CA  CB   sing N N 87  
GLN CA  HA   sing N N 88  
GLN C   O    doub N N 89  
GLN C   OXT  sing N N 90  
GLN CB  CG   sing N N 91  
GLN CB  HB2  sing N N 92  
GLN CB  HB3  sing N N 93  
GLN CG  CD   sing N N 94  
GLN CG  HG2  sing N N 95  
GLN CG  HG3  sing N N 96  
GLN CD  OE1  doub N N 97  
GLN CD  NE2  sing N N 98  
GLN NE2 HE21 sing N N 99  
GLN NE2 HE22 sing N N 100 
GLN OXT HXT  sing N N 101 
GLU N   CA   sing N N 102 
GLU N   H    sing N N 103 
GLU N   H2   sing N N 104 
GLU CA  C    sing N N 105 
GLU CA  CB   sing N N 106 
GLU CA  HA   sing N N 107 
GLU C   O    doub N N 108 
GLU C   OXT  sing N N 109 
GLU CB  CG   sing N N 110 
GLU CB  HB2  sing N N 111 
GLU CB  HB3  sing N N 112 
GLU CG  CD   sing N N 113 
GLU CG  HG2  sing N N 114 
GLU CG  HG3  sing N N 115 
GLU CD  OE1  doub N N 116 
GLU CD  OE2  sing N N 117 
GLU OE2 HE2  sing N N 118 
GLU OXT HXT  sing N N 119 
GLY N   CA   sing N N 120 
GLY N   H    sing N N 121 
GLY N   H2   sing N N 122 
GLY CA  C    sing N N 123 
GLY CA  HA2  sing N N 124 
GLY CA  HA3  sing N N 125 
GLY C   O    doub N N 126 
GLY C   OXT  sing N N 127 
GLY OXT HXT  sing N N 128 
HOH O   H1   sing N N 129 
HOH O   H2   sing N N 130 
ILE N   CA   sing N N 131 
ILE N   H    sing N N 132 
ILE N   H2   sing N N 133 
ILE CA  C    sing N N 134 
ILE CA  CB   sing N N 135 
ILE CA  HA   sing N N 136 
ILE C   O    doub N N 137 
ILE C   OXT  sing N N 138 
ILE CB  CG1  sing N N 139 
ILE CB  CG2  sing N N 140 
ILE CB  HB   sing N N 141 
ILE CG1 CD1  sing N N 142 
ILE CG1 HG12 sing N N 143 
ILE CG1 HG13 sing N N 144 
ILE CG2 HG21 sing N N 145 
ILE CG2 HG22 sing N N 146 
ILE CG2 HG23 sing N N 147 
ILE CD1 HD11 sing N N 148 
ILE CD1 HD12 sing N N 149 
ILE CD1 HD13 sing N N 150 
ILE OXT HXT  sing N N 151 
LEU N   CA   sing N N 152 
LEU N   H    sing N N 153 
LEU N   H2   sing N N 154 
LEU CA  C    sing N N 155 
LEU CA  CB   sing N N 156 
LEU CA  HA   sing N N 157 
LEU C   O    doub N N 158 
LEU C   OXT  sing N N 159 
LEU CB  CG   sing N N 160 
LEU CB  HB2  sing N N 161 
LEU CB  HB3  sing N N 162 
LEU CG  CD1  sing N N 163 
LEU CG  CD2  sing N N 164 
LEU CG  HG   sing N N 165 
LEU CD1 HD11 sing N N 166 
LEU CD1 HD12 sing N N 167 
LEU CD1 HD13 sing N N 168 
LEU CD2 HD21 sing N N 169 
LEU CD2 HD22 sing N N 170 
LEU CD2 HD23 sing N N 171 
LEU OXT HXT  sing N N 172 
LYS N   CA   sing N N 173 
LYS N   H    sing N N 174 
LYS N   H2   sing N N 175 
LYS CA  C    sing N N 176 
LYS CA  CB   sing N N 177 
LYS CA  HA   sing N N 178 
LYS C   O    doub N N 179 
LYS C   OXT  sing N N 180 
LYS CB  CG   sing N N 181 
LYS CB  HB2  sing N N 182 
LYS CB  HB3  sing N N 183 
LYS CG  CD   sing N N 184 
LYS CG  HG2  sing N N 185 
LYS CG  HG3  sing N N 186 
LYS CD  CE   sing N N 187 
LYS CD  HD2  sing N N 188 
LYS CD  HD3  sing N N 189 
LYS CE  NZ   sing N N 190 
LYS CE  HE2  sing N N 191 
LYS CE  HE3  sing N N 192 
LYS NZ  HZ1  sing N N 193 
LYS NZ  HZ2  sing N N 194 
LYS NZ  HZ3  sing N N 195 
LYS OXT HXT  sing N N 196 
MET N   CA   sing N N 197 
MET N   H    sing N N 198 
MET N   H2   sing N N 199 
MET CA  C    sing N N 200 
MET CA  CB   sing N N 201 
MET CA  HA   sing N N 202 
MET C   O    doub N N 203 
MET C   OXT  sing N N 204 
MET CB  CG   sing N N 205 
MET CB  HB2  sing N N 206 
MET CB  HB3  sing N N 207 
MET CG  SD   sing N N 208 
MET CG  HG2  sing N N 209 
MET CG  HG3  sing N N 210 
MET SD  CE   sing N N 211 
MET CE  HE1  sing N N 212 
MET CE  HE2  sing N N 213 
MET CE  HE3  sing N N 214 
MET OXT HXT  sing N N 215 
PHE N   CA   sing N N 216 
PHE N   H    sing N N 217 
PHE N   H2   sing N N 218 
PHE CA  C    sing N N 219 
PHE CA  CB   sing N N 220 
PHE CA  HA   sing N N 221 
PHE C   O    doub N N 222 
PHE C   OXT  sing N N 223 
PHE CB  CG   sing N N 224 
PHE CB  HB2  sing N N 225 
PHE CB  HB3  sing N N 226 
PHE CG  CD1  doub Y N 227 
PHE CG  CD2  sing Y N 228 
PHE CD1 CE1  sing Y N 229 
PHE CD1 HD1  sing N N 230 
PHE CD2 CE2  doub Y N 231 
PHE CD2 HD2  sing N N 232 
PHE CE1 CZ   doub Y N 233 
PHE CE1 HE1  sing N N 234 
PHE CE2 CZ   sing Y N 235 
PHE CE2 HE2  sing N N 236 
PHE CZ  HZ   sing N N 237 
PHE OXT HXT  sing N N 238 
PO4 P   O1   doub N N 239 
PO4 P   O2   sing N N 240 
PO4 P   O3   sing N N 241 
PO4 P   O4   sing N N 242 
PRO N   CA   sing N N 243 
PRO N   CD   sing N N 244 
PRO N   H    sing N N 245 
PRO CA  C    sing N N 246 
PRO CA  CB   sing N N 247 
PRO CA  HA   sing N N 248 
PRO C   O    doub N N 249 
PRO C   OXT  sing N N 250 
PRO CB  CG   sing N N 251 
PRO CB  HB2  sing N N 252 
PRO CB  HB3  sing N N 253 
PRO CG  CD   sing N N 254 
PRO CG  HG2  sing N N 255 
PRO CG  HG3  sing N N 256 
PRO CD  HD2  sing N N 257 
PRO CD  HD3  sing N N 258 
PRO OXT HXT  sing N N 259 
SER N   CA   sing N N 260 
SER N   H    sing N N 261 
SER N   H2   sing N N 262 
SER CA  C    sing N N 263 
SER CA  CB   sing N N 264 
SER CA  HA   sing N N 265 
SER C   O    doub N N 266 
SER C   OXT  sing N N 267 
SER CB  OG   sing N N 268 
SER CB  HB2  sing N N 269 
SER CB  HB3  sing N N 270 
SER OG  HG   sing N N 271 
SER OXT HXT  sing N N 272 
THR N   CA   sing N N 273 
THR N   H    sing N N 274 
THR N   H2   sing N N 275 
THR CA  C    sing N N 276 
THR CA  CB   sing N N 277 
THR CA  HA   sing N N 278 
THR C   O    doub N N 279 
THR C   OXT  sing N N 280 
THR CB  OG1  sing N N 281 
THR CB  CG2  sing N N 282 
THR CB  HB   sing N N 283 
THR OG1 HG1  sing N N 284 
THR CG2 HG21 sing N N 285 
THR CG2 HG22 sing N N 286 
THR CG2 HG23 sing N N 287 
THR OXT HXT  sing N N 288 
TRP N   CA   sing N N 289 
TRP N   H    sing N N 290 
TRP N   H2   sing N N 291 
TRP CA  C    sing N N 292 
TRP CA  CB   sing N N 293 
TRP CA  HA   sing N N 294 
TRP C   O    doub N N 295 
TRP C   OXT  sing N N 296 
TRP CB  CG   sing N N 297 
TRP CB  HB2  sing N N 298 
TRP CB  HB3  sing N N 299 
TRP CG  CD1  doub Y N 300 
TRP CG  CD2  sing Y N 301 
TRP CD1 NE1  sing Y N 302 
TRP CD1 HD1  sing N N 303 
TRP CD2 CE2  doub Y N 304 
TRP CD2 CE3  sing Y N 305 
TRP NE1 CE2  sing Y N 306 
TRP NE1 HE1  sing N N 307 
TRP CE2 CZ2  sing Y N 308 
TRP CE3 CZ3  doub Y N 309 
TRP CE3 HE3  sing N N 310 
TRP CZ2 CH2  doub Y N 311 
TRP CZ2 HZ2  sing N N 312 
TRP CZ3 CH2  sing Y N 313 
TRP CZ3 HZ3  sing N N 314 
TRP CH2 HH2  sing N N 315 
TRP OXT HXT  sing N N 316 
TYR N   CA   sing N N 317 
TYR N   H    sing N N 318 
TYR N   H2   sing N N 319 
TYR CA  C    sing N N 320 
TYR CA  CB   sing N N 321 
TYR CA  HA   sing N N 322 
TYR C   O    doub N N 323 
TYR C   OXT  sing N N 324 
TYR CB  CG   sing N N 325 
TYR CB  HB2  sing N N 326 
TYR CB  HB3  sing N N 327 
TYR CG  CD1  doub Y N 328 
TYR CG  CD2  sing Y N 329 
TYR CD1 CE1  sing Y N 330 
TYR CD1 HD1  sing N N 331 
TYR CD2 CE2  doub Y N 332 
TYR CD2 HD2  sing N N 333 
TYR CE1 CZ   doub Y N 334 
TYR CE1 HE1  sing N N 335 
TYR CE2 CZ   sing Y N 336 
TYR CE2 HE2  sing N N 337 
TYR CZ  OH   sing N N 338 
TYR OH  HH   sing N N 339 
TYR OXT HXT  sing N N 340 
VAL N   CA   sing N N 341 
VAL N   H    sing N N 342 
VAL N   H2   sing N N 343 
VAL CA  C    sing N N 344 
VAL CA  CB   sing N N 345 
VAL CA  HA   sing N N 346 
VAL C   O    doub N N 347 
VAL C   OXT  sing N N 348 
VAL CB  CG1  sing N N 349 
VAL CB  CG2  sing N N 350 
VAL CB  HB   sing N N 351 
VAL CG1 HG11 sing N N 352 
VAL CG1 HG12 sing N N 353 
VAL CG1 HG13 sing N N 354 
VAL CG2 HG21 sing N N 355 
VAL CG2 HG22 sing N N 356 
VAL CG2 HG23 sing N N 357 
VAL OXT HXT  sing N N 358 
# 
loop_
_pdbx_entity_nonpoly.entity_id 
_pdbx_entity_nonpoly.name 
_pdbx_entity_nonpoly.comp_id 
2 'PHOSPHATE ION' PO4 
3 water           HOH 
# 
_pdbx_initial_refinement_model.id               1 
_pdbx_initial_refinement_model.entity_id_list   ? 
_pdbx_initial_refinement_model.type             'experimental model' 
_pdbx_initial_refinement_model.source_name      PDB 
_pdbx_initial_refinement_model.accession_code   1LIB 
_pdbx_initial_refinement_model.details          'PDB 1LIB without waters, ligand, alternative conformations, or ions' 
# 
